data_2R87
#
_entry.id   2R87
#
_cell.length_a   76.095
_cell.length_b   127.222
_cell.length_c   121.673
_cell.angle_alpha   90.000
_cell.angle_beta   102.850
_cell.angle_gamma   90.000
#
_symmetry.space_group_name_H-M   'P 1 21 1'
#
loop_
_entity.id
_entity.type
_entity.pdbx_description
1 polymer 'PurP protein PF1517'
2 non-polymer 'PHOSPHATE ION'
3 non-polymer "ADENOSINE-5'-DIPHOSPHATE"
4 water water
#
_entity_poly.entity_id   1
_entity_poly.type   'polypeptide(L)'
_entity_poly.pdbx_seq_one_letter_code
;MKVRIATYASHSALQILKGAKDEGFETIAFGSSKVKPLYTKYFPVADYFIEEKYPEEELLNLNAVVVPTGSFVAHLGIEL
VENMKVPYFGNKRVLRWESDRNLERKWLKKAGIRVPEVYEDPDDIEKPVIVKPHGAKGGKGYFLAKDPEDFWRKAEKFLG
IKRKEDLKNIQIQEYVLGVPVYPHYFYSKVREELELMSIDRRYESNVDAIGRIPAKDQLEFDMDITYTVIGNIPIVLRES
LLMDVIEAGERVVKAAEELMGGLWGPFCLEGVFTPDLEFVVFEISARIVAGTNIFVNGSPYTWLRYDRPVSTGRRIAMEI
REAIENDMLEKVLT
;
_entity_poly.pdbx_strand_id   A,B,C,D,E,F
#
loop_
_chem_comp.id
_chem_comp.type
_chem_comp.name
_chem_comp.formula
ADP non-polymer ADENOSINE-5'-DIPHOSPHATE 'C10 H15 N5 O10 P2'
PO4 non-polymer 'PHOSPHATE ION' 'O4 P -3'
#
# COMPACT_ATOMS: atom_id res chain seq x y z
N MET A 1 2.35 9.26 -22.54
CA MET A 1 1.48 8.61 -23.54
C MET A 1 1.18 9.59 -24.67
N LYS A 2 1.35 9.13 -25.91
CA LYS A 2 1.09 9.95 -27.08
C LYS A 2 -0.41 10.11 -27.24
N VAL A 3 -1.09 8.97 -27.37
CA VAL A 3 -2.54 8.88 -27.49
C VAL A 3 -3.25 9.46 -26.27
N ARG A 4 -4.29 10.26 -26.52
CA ARG A 4 -5.17 10.75 -25.47
C ARG A 4 -6.54 10.07 -25.59
N ILE A 5 -7.19 9.86 -24.45
CA ILE A 5 -8.52 9.25 -24.45
C ILE A 5 -9.61 10.32 -24.38
N ALA A 6 -10.52 10.27 -25.35
CA ALA A 6 -11.61 11.24 -25.49
C ALA A 6 -12.96 10.56 -25.36
N THR A 7 -13.93 11.27 -24.82
CA THR A 7 -15.27 10.73 -24.67
C THR A 7 -16.31 11.84 -24.59
N TYR A 8 -17.49 11.57 -25.17
CA TYR A 8 -18.63 12.46 -25.06
C TYR A 8 -19.02 12.59 -23.59
N ALA A 9 -19.26 13.83 -23.17
CA ALA A 9 -19.54 14.15 -21.76
C ALA A 9 -20.95 13.75 -21.31
N SER A 10 -21.16 12.45 -21.19
CA SER A 10 -22.43 11.90 -20.70
C SER A 10 -22.32 10.42 -20.39
N HIS A 11 -23.37 9.88 -19.75
CA HIS A 11 -23.58 8.43 -19.57
C HIS A 11 -22.60 7.68 -18.67
N SER A 12 -21.31 7.72 -19.02
CA SER A 12 -20.27 7.03 -18.25
C SER A 12 -18.90 7.68 -18.42
N ALA A 13 -18.89 8.98 -18.73
CA ALA A 13 -17.66 9.73 -18.97
C ALA A 13 -16.78 9.87 -17.72
N LEU A 14 -17.40 10.02 -16.55
CA LEU A 14 -16.65 10.11 -15.30
C LEU A 14 -15.81 8.87 -15.04
N GLN A 15 -16.44 7.70 -15.17
CA GLN A 15 -15.78 6.41 -15.00
C GLN A 15 -14.70 6.18 -16.06
N ILE A 16 -15.02 6.49 -17.31
CA ILE A 16 -14.08 6.29 -18.43
C ILE A 16 -12.84 7.16 -18.27
N LEU A 17 -13.03 8.45 -18.04
CA LEU A 17 -11.92 9.40 -17.91
C LEU A 17 -11.07 9.22 -16.65
N LYS A 18 -11.70 8.79 -15.54
CA LYS A 18 -10.95 8.44 -14.34
C LYS A 18 -10.13 7.18 -14.60
N GLY A 19 -10.73 6.21 -15.29
CA GLY A 19 -10.03 4.99 -15.68
C GLY A 19 -8.81 5.23 -16.56
N ALA A 20 -8.95 6.14 -17.53
CA ALA A 20 -7.85 6.55 -18.39
C ALA A 20 -6.74 7.25 -17.62
N LYS A 21 -7.15 8.12 -16.69
CA LYS A 21 -6.26 8.84 -15.80
C LYS A 21 -5.40 7.86 -15.00
N ASP A 22 -6.03 6.83 -14.45
CA ASP A 22 -5.36 5.79 -13.66
C ASP A 22 -4.33 5.00 -14.46
N GLU A 23 -4.50 4.97 -15.77
CA GLU A 23 -3.63 4.23 -16.66
C GLU A 23 -2.60 5.11 -17.36
N GLY A 24 -2.54 6.38 -16.94
CA GLY A 24 -1.53 7.32 -17.41
C GLY A 24 -1.86 8.10 -18.68
N PHE A 25 -3.15 8.15 -19.04
CA PHE A 25 -3.59 8.91 -20.20
C PHE A 25 -4.05 10.31 -19.82
N GLU A 26 -3.73 11.30 -20.66
CA GLU A 26 -4.42 12.59 -20.62
C GLU A 26 -5.82 12.39 -21.21
N THR A 27 -6.77 13.17 -20.70
CA THR A 27 -8.19 12.93 -20.97
C THR A 27 -8.91 14.12 -21.59
N ILE A 28 -9.87 13.83 -22.46
CA ILE A 28 -10.69 14.85 -23.09
C ILE A 28 -12.17 14.52 -22.91
N ALA A 29 -12.94 15.50 -22.46
CA ALA A 29 -14.40 15.40 -22.46
C ALA A 29 -14.97 16.39 -23.48
N PHE A 30 -15.93 15.95 -24.28
CA PHE A 30 -16.63 16.85 -25.21
C PHE A 30 -18.14 16.71 -25.14
N GLY A 31 -18.82 17.85 -25.13
CA GLY A 31 -20.29 17.90 -25.05
C GLY A 31 -20.77 19.27 -24.63
N SER A 32 -21.87 19.29 -23.88
CA SER A 32 -22.55 20.52 -23.48
C SER A 32 -21.78 21.35 -22.44
N SER A 33 -21.78 22.67 -22.61
CA SER A 33 -21.19 23.59 -21.64
C SER A 33 -21.89 23.54 -20.29
N LYS A 34 -23.15 23.09 -20.30
CA LYS A 34 -23.95 22.90 -19.09
C LYS A 34 -23.32 21.89 -18.14
N VAL A 35 -22.71 20.84 -18.68
CA VAL A 35 -22.16 19.75 -17.88
C VAL A 35 -20.66 19.85 -17.57
N LYS A 36 -20.00 20.85 -18.17
CA LYS A 36 -18.56 21.10 -17.96
C LYS A 36 -18.11 21.10 -16.47
N PRO A 37 -18.88 21.77 -15.58
CA PRO A 37 -18.50 21.75 -14.15
C PRO A 37 -18.41 20.35 -13.52
N LEU A 38 -19.25 19.42 -13.98
CA LEU A 38 -19.22 18.04 -13.49
C LEU A 38 -17.85 17.39 -13.72
N TYR A 39 -17.26 17.67 -14.88
CA TYR A 39 -16.07 16.99 -15.35
C TYR A 39 -14.77 17.71 -15.03
N THR A 40 -14.88 18.97 -14.61
CA THR A 40 -13.72 19.84 -14.39
C THR A 40 -13.66 20.43 -12.97
N LYS A 41 -14.78 20.45 -12.27
CA LYS A 41 -14.84 21.05 -10.93
C LYS A 41 -15.23 20.04 -9.86
N TYR A 42 -16.40 19.42 -10.01
CA TYR A 42 -16.90 18.47 -9.01
C TYR A 42 -16.15 17.14 -9.06
N PHE A 43 -15.87 16.63 -10.26
CA PHE A 43 -14.98 15.48 -10.43
C PHE A 43 -13.96 15.82 -11.51
N PRO A 44 -12.80 16.38 -11.11
CA PRO A 44 -11.82 16.83 -12.09
C PRO A 44 -11.11 15.65 -12.78
N VAL A 45 -11.75 15.11 -13.81
CA VAL A 45 -11.27 13.94 -14.53
C VAL A 45 -10.90 14.27 -15.98
N ALA A 46 -11.40 15.42 -16.47
CA ALA A 46 -11.16 15.85 -17.84
C ALA A 46 -10.08 16.92 -17.91
N ASP A 47 -8.96 16.60 -18.53
CA ASP A 47 -7.85 17.54 -18.73
C ASP A 47 -8.21 18.60 -19.73
N TYR A 48 -9.02 18.22 -20.73
CA TYR A 48 -9.58 19.14 -21.71
C TYR A 48 -11.08 18.99 -21.73
N PHE A 49 -11.79 20.11 -21.71
CA PHE A 49 -13.21 20.11 -22.04
C PHE A 49 -13.46 20.93 -23.30
N ILE A 50 -14.05 20.29 -24.31
CA ILE A 50 -14.41 20.99 -25.54
C ILE A 50 -15.92 21.10 -25.68
N GLU A 51 -16.42 22.33 -25.79
CA GLU A 51 -17.86 22.58 -25.79
C GLU A 51 -18.48 22.44 -27.18
N GLU A 52 -18.34 21.24 -27.74
CA GLU A 52 -18.86 20.90 -29.06
C GLU A 52 -19.37 19.46 -29.07
N LYS A 53 -20.37 19.19 -29.90
CA LYS A 53 -20.93 17.87 -30.06
C LYS A 53 -19.87 16.88 -30.54
N TYR A 54 -19.14 17.27 -31.60
CA TYR A 54 -18.03 16.47 -32.11
C TYR A 54 -16.96 17.37 -32.76
N PRO A 55 -15.93 17.74 -31.97
CA PRO A 55 -14.84 18.59 -32.46
C PRO A 55 -13.72 17.79 -33.14
N GLU A 56 -13.99 17.34 -34.36
CA GLU A 56 -13.09 16.45 -35.10
C GLU A 56 -11.65 16.95 -35.21
N GLU A 57 -11.51 18.20 -35.67
CA GLU A 57 -10.18 18.76 -35.93
C GLU A 57 -9.35 18.87 -34.66
N GLU A 58 -9.95 19.40 -33.59
CA GLU A 58 -9.29 19.53 -32.29
C GLU A 58 -8.92 18.18 -31.70
N LEU A 59 -9.80 17.20 -31.86
CA LEU A 59 -9.55 15.83 -31.40
C LEU A 59 -8.39 15.17 -32.16
N LEU A 60 -8.31 15.42 -33.46
CA LEU A 60 -7.19 14.94 -34.29
C LEU A 60 -5.85 15.57 -33.87
N ASN A 61 -5.88 16.88 -33.59
CA ASN A 61 -4.69 17.60 -33.13
C ASN A 61 -4.22 17.18 -31.73
N LEU A 62 -5.15 16.68 -30.93
CA LEU A 62 -4.83 16.22 -29.57
C LEU A 62 -4.52 14.72 -29.52
N ASN A 63 -4.37 14.11 -30.69
CA ASN A 63 -4.05 12.68 -30.83
C ASN A 63 -5.04 11.81 -30.06
N ALA A 64 -6.32 12.14 -30.20
CA ALA A 64 -7.38 11.51 -29.43
C ALA A 64 -7.85 10.19 -30.01
N VAL A 65 -8.26 9.30 -29.11
CA VAL A 65 -9.01 8.10 -29.45
C VAL A 65 -10.32 8.20 -28.67
N VAL A 66 -11.44 8.09 -29.39
CA VAL A 66 -12.75 8.20 -28.75
C VAL A 66 -13.23 6.86 -28.19
N VAL A 67 -13.46 6.84 -26.88
CA VAL A 67 -14.16 5.74 -26.24
C VAL A 67 -15.65 6.08 -26.26
N PRO A 68 -16.45 5.29 -26.99
CA PRO A 68 -17.87 5.61 -27.14
C PRO A 68 -18.68 5.36 -25.86
N THR A 69 -19.51 6.35 -25.50
CA THR A 69 -20.42 6.26 -24.35
C THR A 69 -21.81 5.90 -24.81
N GLY A 70 -22.74 5.81 -23.86
CA GLY A 70 -24.15 5.52 -24.15
C GLY A 70 -24.78 6.44 -25.19
N SER A 71 -24.80 7.73 -24.89
CA SER A 71 -25.52 8.69 -25.73
C SER A 71 -24.73 9.25 -26.93
N PHE A 72 -23.53 8.71 -27.17
CA PHE A 72 -22.63 9.22 -28.20
C PHE A 72 -23.22 9.06 -29.61
N VAL A 73 -23.69 7.86 -29.93
CA VAL A 73 -24.31 7.58 -31.22
C VAL A 73 -25.66 8.30 -31.36
N ALA A 74 -26.42 8.36 -30.25
CA ALA A 74 -27.70 9.07 -30.23
C ALA A 74 -27.55 10.55 -30.58
N HIS A 75 -26.62 11.24 -29.91
CA HIS A 75 -26.37 12.67 -30.13
C HIS A 75 -25.81 12.99 -31.53
N LEU A 76 -24.79 12.25 -31.95
CA LEU A 76 -24.10 12.50 -33.22
C LEU A 76 -24.81 11.95 -34.46
N GLY A 77 -25.62 10.90 -34.28
CA GLY A 77 -26.22 10.18 -35.40
C GLY A 77 -25.31 9.08 -35.90
N ILE A 78 -25.92 7.98 -36.37
CA ILE A 78 -25.16 6.79 -36.78
C ILE A 78 -24.19 7.02 -37.94
N GLU A 79 -24.61 7.80 -38.94
CA GLU A 79 -23.77 8.05 -40.12
C GLU A 79 -22.53 8.89 -39.83
N LEU A 80 -22.69 9.94 -39.02
CA LEU A 80 -21.57 10.79 -38.62
C LEU A 80 -20.52 9.99 -37.84
N VAL A 81 -20.99 9.14 -36.93
CA VAL A 81 -20.12 8.24 -36.16
C VAL A 81 -19.42 7.24 -37.09
N GLU A 82 -20.14 6.75 -38.09
CA GLU A 82 -19.55 5.83 -39.07
C GLU A 82 -18.49 6.50 -39.96
N ASN A 83 -18.62 7.81 -40.15
CA ASN A 83 -17.71 8.55 -41.04
C ASN A 83 -16.64 9.39 -40.35
N MET A 84 -16.61 9.34 -39.02
CA MET A 84 -15.65 10.11 -38.22
C MET A 84 -14.19 9.73 -38.52
N LYS A 85 -13.32 10.75 -38.61
CA LYS A 85 -11.90 10.54 -38.87
C LYS A 85 -11.12 10.20 -37.59
N VAL A 86 -11.66 10.62 -36.45
CA VAL A 86 -11.06 10.29 -35.17
C VAL A 86 -11.25 8.80 -34.88
N PRO A 87 -10.17 8.10 -34.48
CA PRO A 87 -10.25 6.67 -34.15
C PRO A 87 -11.31 6.36 -33.08
N TYR A 88 -11.85 5.16 -33.16
CA TYR A 88 -13.00 4.74 -32.35
C TYR A 88 -12.64 3.42 -31.71
N PHE A 89 -12.62 3.39 -30.37
CA PHE A 89 -12.34 2.14 -29.66
C PHE A 89 -13.52 1.18 -29.75
N GLY A 90 -13.29 0.06 -30.44
CA GLY A 90 -14.35 -0.90 -30.72
C GLY A 90 -14.55 -1.01 -32.22
N ASN A 91 -15.56 -1.78 -32.61
CA ASN A 91 -15.87 -2.03 -34.01
C ASN A 91 -17.12 -1.27 -34.42
N LYS A 92 -16.94 -0.27 -35.29
CA LYS A 92 -18.05 0.55 -35.77
C LYS A 92 -19.10 -0.23 -36.56
N ARG A 93 -18.69 -1.33 -37.18
CA ARG A 93 -19.61 -2.20 -37.92
C ARG A 93 -20.72 -2.81 -37.05
N VAL A 94 -20.47 -2.88 -35.75
CA VAL A 94 -21.47 -3.38 -34.80
C VAL A 94 -22.72 -2.47 -34.72
N LEU A 95 -22.52 -1.17 -34.93
CA LEU A 95 -23.58 -0.17 -34.77
C LEU A 95 -24.87 -0.43 -35.55
N ARG A 96 -24.76 -0.87 -36.80
CA ARG A 96 -25.95 -1.17 -37.61
C ARG A 96 -26.70 -2.40 -37.08
N TRP A 97 -25.95 -3.34 -36.52
CA TRP A 97 -26.50 -4.58 -35.99
C TRP A 97 -27.31 -4.38 -34.71
N GLU A 98 -27.01 -3.32 -33.96
CA GLU A 98 -27.73 -3.03 -32.73
C GLU A 98 -28.79 -1.92 -32.88
N SER A 99 -28.75 -1.20 -34.00
CA SER A 99 -29.76 -0.19 -34.30
C SER A 99 -31.01 -0.83 -34.93
N ASP A 100 -30.82 -2.01 -35.50
CA ASP A 100 -31.91 -2.73 -36.15
C ASP A 100 -32.31 -3.94 -35.29
N ARG A 101 -33.56 -3.93 -34.83
CA ARG A 101 -34.10 -4.99 -33.96
C ARG A 101 -34.19 -6.36 -34.67
N ASN A 102 -34.22 -6.34 -36.00
CA ASN A 102 -34.22 -7.56 -36.80
C ASN A 102 -32.82 -8.15 -36.83
N LEU A 103 -31.83 -7.29 -37.03
CA LEU A 103 -30.42 -7.68 -37.04
C LEU A 103 -29.93 -8.05 -35.63
N GLU A 104 -30.45 -7.35 -34.62
CA GLU A 104 -30.26 -7.75 -33.23
C GLU A 104 -30.68 -9.20 -33.01
N ARG A 105 -31.89 -9.53 -33.45
CA ARG A 105 -32.45 -10.88 -33.28
C ARG A 105 -31.70 -11.95 -34.10
N LYS A 106 -31.27 -11.58 -35.30
CA LYS A 106 -30.47 -12.45 -36.15
C LYS A 106 -29.12 -12.80 -35.50
N TRP A 107 -28.56 -11.83 -34.78
CA TRP A 107 -27.30 -11.97 -34.06
C TRP A 107 -27.52 -12.85 -32.82
N LEU A 108 -28.56 -12.54 -32.07
CA LEU A 108 -28.97 -13.33 -30.90
C LEU A 108 -29.29 -14.80 -31.23
N LYS A 109 -29.93 -15.04 -32.37
CA LYS A 109 -30.26 -16.40 -32.82
C LYS A 109 -29.00 -17.19 -33.17
N LYS A 110 -28.10 -16.57 -33.95
CA LYS A 110 -26.84 -17.20 -34.31
C LYS A 110 -26.00 -17.53 -33.07
N ALA A 111 -26.03 -16.63 -32.08
CA ALA A 111 -25.30 -16.80 -30.83
C ALA A 111 -26.00 -17.76 -29.87
N GLY A 112 -27.10 -18.38 -30.31
CA GLY A 112 -27.85 -19.33 -29.50
C GLY A 112 -28.31 -18.76 -28.17
N ILE A 113 -28.71 -17.49 -28.19
CA ILE A 113 -29.20 -16.81 -27.00
C ILE A 113 -30.71 -16.98 -26.91
N ARG A 114 -31.20 -17.32 -25.71
CA ARG A 114 -32.64 -17.41 -25.45
C ARG A 114 -33.26 -16.01 -25.54
N VAL A 115 -34.27 -15.89 -26.39
CA VAL A 115 -34.95 -14.61 -26.63
C VAL A 115 -36.47 -14.81 -26.46
N PRO A 116 -37.21 -13.71 -26.22
CA PRO A 116 -38.66 -13.85 -26.12
C PRO A 116 -39.34 -14.10 -27.47
N GLU A 117 -40.50 -14.75 -27.44
CA GLU A 117 -41.34 -14.88 -28.63
C GLU A 117 -41.75 -13.51 -29.16
N VAL A 118 -41.79 -13.39 -30.48
CA VAL A 118 -42.20 -12.17 -31.16
C VAL A 118 -43.49 -12.45 -31.95
N TYR A 119 -44.41 -11.49 -31.92
CA TYR A 119 -45.68 -11.60 -32.65
C TYR A 119 -45.75 -10.59 -33.78
N GLU A 120 -45.90 -11.08 -35.01
CA GLU A 120 -46.13 -10.22 -36.18
C GLU A 120 -47.60 -9.86 -36.30
N ASP A 121 -48.47 -10.79 -35.92
CA ASP A 121 -49.92 -10.63 -35.97
C ASP A 121 -50.48 -10.56 -34.55
N PRO A 122 -51.05 -9.38 -34.17
CA PRO A 122 -51.59 -9.15 -32.83
C PRO A 122 -52.79 -10.02 -32.46
N ASP A 123 -53.39 -10.68 -33.44
CA ASP A 123 -54.46 -11.64 -33.19
C ASP A 123 -53.92 -12.95 -32.59
N ASP A 124 -52.64 -13.22 -32.83
CA ASP A 124 -51.99 -14.44 -32.35
C ASP A 124 -51.53 -14.39 -30.89
N ILE A 125 -51.79 -13.27 -30.21
CA ILE A 125 -51.36 -13.05 -28.83
C ILE A 125 -52.09 -13.99 -27.84
N GLU A 126 -51.35 -14.95 -27.30
CA GLU A 126 -51.89 -15.93 -26.34
C GLU A 126 -51.43 -15.67 -24.90
N LYS A 127 -50.37 -14.87 -24.75
CA LYS A 127 -49.87 -14.46 -23.44
C LYS A 127 -49.57 -12.96 -23.43
N PRO A 128 -49.52 -12.33 -22.23
CA PRO A 128 -49.21 -10.90 -22.15
C PRO A 128 -47.93 -10.51 -22.88
N VAL A 129 -47.95 -9.32 -23.46
CA VAL A 129 -46.85 -8.83 -24.29
C VAL A 129 -46.40 -7.42 -23.90
N ILE A 130 -45.17 -7.09 -24.29
CA ILE A 130 -44.68 -5.73 -24.26
C ILE A 130 -44.56 -5.23 -25.70
N VAL A 131 -44.94 -3.97 -25.93
CA VAL A 131 -44.92 -3.38 -27.26
C VAL A 131 -43.83 -2.31 -27.37
N LYS A 132 -42.92 -2.50 -28.33
CA LYS A 132 -41.77 -1.63 -28.48
C LYS A 132 -41.83 -0.83 -29.78
N PRO A 133 -42.06 0.49 -29.68
CA PRO A 133 -42.10 1.35 -30.87
C PRO A 133 -40.79 1.29 -31.66
N HIS A 134 -40.90 1.49 -32.98
CA HIS A 134 -39.74 1.46 -33.86
C HIS A 134 -38.65 2.45 -33.45
N GLY A 135 -37.46 1.92 -33.19
CA GLY A 135 -36.28 2.74 -32.90
C GLY A 135 -36.25 3.36 -31.51
N ALA A 136 -37.21 3.01 -30.68
CA ALA A 136 -37.33 3.56 -29.31
C ALA A 136 -36.07 3.30 -28.48
N LYS A 137 -35.59 4.35 -27.83
CA LYS A 137 -34.41 4.27 -26.97
C LYS A 137 -34.80 4.54 -25.52
N GLY A 138 -34.11 3.86 -24.59
CA GLY A 138 -34.34 4.04 -23.16
C GLY A 138 -35.66 3.47 -22.69
N GLY A 139 -36.18 2.51 -23.46
CA GLY A 139 -37.45 1.85 -23.15
C GLY A 139 -38.66 2.75 -23.21
N LYS A 140 -38.55 3.85 -23.96
CA LYS A 140 -39.60 4.86 -24.00
C LYS A 140 -40.70 4.53 -25.02
N GLY A 141 -41.95 4.81 -24.64
CA GLY A 141 -43.10 4.49 -25.47
C GLY A 141 -43.56 3.05 -25.36
N TYR A 142 -42.89 2.26 -24.52
CA TYR A 142 -43.23 0.86 -24.28
C TYR A 142 -44.56 0.77 -23.53
N PHE A 143 -45.38 -0.21 -23.90
CA PHE A 143 -46.60 -0.49 -23.13
C PHE A 143 -46.96 -1.98 -23.09
N LEU A 144 -47.63 -2.39 -22.02
CA LEU A 144 -48.06 -3.77 -21.85
C LEU A 144 -49.45 -4.00 -22.42
N ALA A 145 -49.63 -5.14 -23.09
CA ALA A 145 -50.93 -5.57 -23.56
C ALA A 145 -51.14 -7.01 -23.09
N LYS A 146 -52.31 -7.28 -22.55
CA LYS A 146 -52.58 -8.56 -21.90
C LYS A 146 -53.28 -9.58 -22.81
N ASP A 147 -53.87 -9.08 -23.89
CA ASP A 147 -54.60 -9.91 -24.87
C ASP A 147 -54.78 -9.14 -26.19
N PRO A 148 -55.23 -9.82 -27.26
CA PRO A 148 -55.47 -9.14 -28.54
C PRO A 148 -56.37 -7.90 -28.44
N GLU A 149 -57.44 -7.97 -27.65
CA GLU A 149 -58.35 -6.84 -27.50
C GLU A 149 -57.65 -5.64 -26.81
N ASP A 150 -56.85 -5.92 -25.80
CA ASP A 150 -56.15 -4.90 -25.02
C ASP A 150 -55.06 -4.20 -25.86
N PHE A 151 -54.45 -4.95 -26.77
CA PHE A 151 -53.41 -4.40 -27.66
C PHE A 151 -53.96 -3.31 -28.57
N TRP A 152 -55.04 -3.62 -29.28
CA TRP A 152 -55.65 -2.70 -30.24
C TRP A 152 -56.13 -1.40 -29.61
N ARG A 153 -56.66 -1.51 -28.39
CA ARG A 153 -57.13 -0.35 -27.63
C ARG A 153 -55.99 0.57 -27.21
N LYS A 154 -54.88 -0.02 -26.75
CA LYS A 154 -53.72 0.76 -26.32
C LYS A 154 -52.84 1.22 -27.49
N ALA A 155 -52.81 0.44 -28.57
CA ALA A 155 -52.08 0.80 -29.79
C ALA A 155 -52.72 2.00 -30.49
N GLU A 156 -54.04 2.12 -30.36
CA GLU A 156 -54.80 3.23 -30.92
C GLU A 156 -54.56 4.49 -30.08
N LYS A 157 -54.66 4.33 -28.77
CA LYS A 157 -54.47 5.40 -27.79
C LYS A 157 -53.06 6.01 -27.87
N PHE A 158 -52.05 5.15 -27.89
CA PHE A 158 -50.66 5.59 -27.81
C PHE A 158 -49.98 5.85 -29.17
N LEU A 159 -50.39 5.12 -30.20
CA LEU A 159 -49.68 5.17 -31.49
C LEU A 159 -50.57 5.47 -32.71
N GLY A 160 -51.89 5.41 -32.53
CA GLY A 160 -52.84 5.62 -33.62
C GLY A 160 -52.93 4.47 -34.60
N ILE A 161 -52.76 3.25 -34.09
CA ILE A 161 -52.82 2.02 -34.89
C ILE A 161 -54.22 1.41 -34.83
N LYS A 162 -54.77 1.05 -35.99
CA LYS A 162 -56.14 0.53 -36.08
C LYS A 162 -56.23 -0.89 -36.65
N ARG A 163 -55.33 -1.25 -37.56
CA ARG A 163 -55.26 -2.62 -38.08
C ARG A 163 -53.82 -3.09 -38.37
N LYS A 164 -53.70 -4.37 -38.73
CA LYS A 164 -52.41 -5.03 -38.96
C LYS A 164 -51.57 -4.37 -40.04
N GLU A 165 -52.25 -3.75 -41.01
CA GLU A 165 -51.59 -3.16 -42.19
C GLU A 165 -50.66 -2.01 -41.81
N ASP A 166 -51.03 -1.29 -40.76
CA ASP A 166 -50.24 -0.16 -40.26
C ASP A 166 -49.74 -0.42 -38.84
N LEU A 167 -48.86 -1.42 -38.69
CA LEU A 167 -48.22 -1.66 -37.40
C LEU A 167 -46.94 -0.83 -37.25
N LYS A 168 -46.53 -0.18 -38.35
CA LYS A 168 -45.36 0.72 -38.40
C LYS A 168 -44.12 0.27 -37.62
N ASN A 169 -43.64 -0.92 -37.95
CA ASN A 169 -42.38 -1.47 -37.43
C ASN A 169 -42.26 -1.58 -35.90
N ILE A 170 -43.41 -1.66 -35.21
CA ILE A 170 -43.41 -1.92 -33.77
C ILE A 170 -43.06 -3.40 -33.54
N GLN A 171 -42.37 -3.68 -32.44
CA GLN A 171 -42.08 -5.06 -32.08
C GLN A 171 -42.99 -5.50 -30.93
N ILE A 172 -43.83 -6.48 -31.21
CA ILE A 172 -44.67 -7.08 -30.17
C ILE A 172 -43.93 -8.30 -29.63
N GLN A 173 -43.61 -8.27 -28.34
CA GLN A 173 -42.74 -9.25 -27.74
C GLN A 173 -43.36 -9.85 -26.49
N GLU A 174 -43.41 -11.16 -26.42
CA GLU A 174 -43.80 -11.87 -25.20
C GLU A 174 -43.17 -11.22 -23.96
N TYR A 175 -44.00 -10.88 -22.97
CA TYR A 175 -43.50 -10.35 -21.70
C TYR A 175 -42.96 -11.48 -20.87
N VAL A 176 -41.65 -11.49 -20.66
CA VAL A 176 -41.01 -12.54 -19.87
C VAL A 176 -40.99 -12.17 -18.39
N LEU A 177 -41.71 -12.96 -17.60
CA LEU A 177 -41.74 -12.77 -16.16
C LEU A 177 -40.48 -13.35 -15.53
N GLY A 178 -39.58 -12.46 -15.14
CA GLY A 178 -38.31 -12.82 -14.54
C GLY A 178 -37.67 -11.59 -13.97
N VAL A 179 -36.66 -11.77 -13.10
CA VAL A 179 -35.99 -10.63 -12.49
C VAL A 179 -34.94 -10.01 -13.44
N PRO A 180 -34.95 -8.67 -13.60
CA PRO A 180 -34.00 -8.00 -14.48
C PRO A 180 -32.56 -8.22 -14.03
N VAL A 181 -31.70 -8.63 -14.96
CA VAL A 181 -30.27 -8.84 -14.71
C VAL A 181 -29.49 -8.28 -15.90
N TYR A 182 -28.38 -7.60 -15.62
CA TYR A 182 -27.57 -6.97 -16.67
C TYR A 182 -26.08 -7.28 -16.45
N PRO A 183 -25.58 -8.41 -17.01
CA PRO A 183 -24.15 -8.70 -16.90
C PRO A 183 -23.30 -7.80 -17.79
N HIS A 184 -22.20 -7.30 -17.24
CA HIS A 184 -21.29 -6.43 -17.99
C HIS A 184 -20.03 -7.20 -18.36
N TYR A 185 -19.75 -7.25 -19.66
CA TYR A 185 -18.63 -8.02 -20.18
C TYR A 185 -17.54 -7.11 -20.72
N PHE A 186 -16.36 -7.68 -20.90
CA PHE A 186 -15.29 -7.05 -21.64
C PHE A 186 -14.56 -8.13 -22.43
N TYR A 187 -14.54 -7.98 -23.75
CA TYR A 187 -13.70 -8.85 -24.56
C TYR A 187 -12.42 -8.12 -24.94
N SER A 188 -11.29 -8.68 -24.50
CA SER A 188 -9.98 -8.15 -24.80
C SER A 188 -9.46 -8.73 -26.12
N LYS A 189 -9.28 -7.86 -27.10
CA LYS A 189 -8.69 -8.24 -28.37
C LYS A 189 -7.17 -8.45 -28.24
N VAL A 190 -6.55 -7.64 -27.37
CA VAL A 190 -5.12 -7.81 -27.04
C VAL A 190 -4.86 -9.22 -26.49
N ARG A 191 -5.63 -9.61 -25.48
CA ARG A 191 -5.41 -10.88 -24.79
C ARG A 191 -6.22 -12.04 -25.36
N GLU A 192 -7.02 -11.74 -26.38
CA GLU A 192 -7.97 -12.69 -27.01
C GLU A 192 -8.75 -13.50 -25.98
N GLU A 193 -9.54 -12.79 -25.17
CA GLU A 193 -10.14 -13.35 -23.97
C GLU A 193 -11.35 -12.55 -23.50
N LEU A 194 -12.38 -13.27 -23.06
CA LEU A 194 -13.58 -12.64 -22.50
C LEU A 194 -13.52 -12.60 -20.97
N GLU A 195 -13.91 -11.45 -20.40
CA GLU A 195 -14.00 -11.27 -18.96
C GLU A 195 -15.41 -10.86 -18.56
N LEU A 196 -15.83 -11.28 -17.37
CA LEU A 196 -17.02 -10.75 -16.74
C LEU A 196 -16.61 -9.63 -15.78
N MET A 197 -17.02 -8.41 -16.10
CA MET A 197 -16.61 -7.23 -15.35
C MET A 197 -17.43 -6.99 -14.09
N SER A 198 -18.75 -7.15 -14.19
CA SER A 198 -19.69 -6.81 -13.13
C SER A 198 -21.12 -7.13 -13.56
N ILE A 199 -22.07 -6.96 -12.66
CA ILE A 199 -23.49 -7.17 -12.94
C ILE A 199 -24.29 -6.15 -12.14
N ASP A 200 -25.33 -5.59 -12.74
CA ASP A 200 -26.22 -4.69 -12.01
C ASP A 200 -27.69 -4.98 -12.30
N ARG A 201 -28.57 -4.35 -11.52
CA ARG A 201 -29.99 -4.26 -11.82
C ARG A 201 -30.34 -2.78 -12.06
N ARG A 202 -30.72 -2.47 -13.29
CA ARG A 202 -31.08 -1.11 -13.66
C ARG A 202 -32.33 -0.63 -12.90
N TYR A 203 -32.28 0.62 -12.44
CA TYR A 203 -33.32 1.23 -11.62
C TYR A 203 -34.14 2.17 -12.50
N GLU A 204 -35.42 1.84 -12.68
CA GLU A 204 -36.26 2.53 -13.66
C GLU A 204 -37.56 3.10 -13.08
N SER A 205 -38.02 4.21 -13.67
CA SER A 205 -39.20 4.93 -13.20
C SER A 205 -40.22 5.04 -14.34
N ASN A 206 -41.51 4.81 -14.07
CA ASN A 206 -42.05 4.52 -12.74
C ASN A 206 -42.19 3.04 -12.38
N VAL A 207 -41.70 2.14 -13.25
CA VAL A 207 -41.93 0.70 -13.08
C VAL A 207 -41.50 0.16 -11.70
N ASP A 208 -40.38 0.66 -11.19
CA ASP A 208 -39.85 0.20 -9.90
C ASP A 208 -40.45 0.94 -8.70
N ALA A 209 -41.39 1.85 -8.98
CA ALA A 209 -42.06 2.61 -7.93
C ALA A 209 -43.48 2.11 -7.62
N ILE A 210 -44.09 1.42 -8.59
CA ILE A 210 -45.50 1.04 -8.48
C ILE A 210 -45.78 -0.06 -7.46
N GLY A 211 -44.75 -0.87 -7.19
CA GLY A 211 -44.87 -1.97 -6.22
C GLY A 211 -44.97 -1.48 -4.79
N ARG A 212 -44.70 -0.18 -4.60
CA ARG A 212 -44.83 0.46 -3.30
C ARG A 212 -46.29 0.89 -3.04
N ILE A 213 -47.10 0.87 -4.10
CA ILE A 213 -48.51 1.20 -4.02
C ILE A 213 -49.30 -0.11 -3.89
N PRO A 214 -50.09 -0.26 -2.82
CA PRO A 214 -50.93 -1.45 -2.66
C PRO A 214 -51.90 -1.61 -3.84
N ALA A 215 -52.23 -2.85 -4.18
CA ALA A 215 -53.08 -3.16 -5.32
C ALA A 215 -54.41 -2.40 -5.32
N LYS A 216 -55.03 -2.31 -4.15
CA LYS A 216 -56.31 -1.60 -3.98
C LYS A 216 -56.21 -0.12 -4.37
N ASP A 217 -55.02 0.47 -4.18
CA ASP A 217 -54.79 1.89 -4.39
C ASP A 217 -54.30 2.24 -5.80
N GLN A 218 -53.98 1.23 -6.59
CA GLN A 218 -53.30 1.47 -7.87
C GLN A 218 -54.18 2.10 -8.96
N LEU A 219 -55.47 1.79 -8.94
CA LEU A 219 -56.40 2.28 -9.98
C LEU A 219 -56.60 3.79 -9.96
N GLU A 220 -56.49 4.39 -8.77
CA GLU A 220 -56.65 5.85 -8.60
C GLU A 220 -55.52 6.63 -9.27
N PHE A 221 -54.42 5.94 -9.59
CA PHE A 221 -53.26 6.59 -10.19
C PHE A 221 -53.32 6.70 -11.71
N ASP A 222 -54.17 5.88 -12.33
CA ASP A 222 -54.29 5.83 -13.80
C ASP A 222 -52.89 5.78 -14.42
N MET A 223 -52.20 4.69 -14.10
CA MET A 223 -50.79 4.51 -14.44
C MET A 223 -50.50 4.20 -15.90
N ASP A 224 -49.74 5.08 -16.54
CA ASP A 224 -48.96 4.70 -17.72
C ASP A 224 -47.66 4.14 -17.16
N ILE A 225 -47.39 2.86 -17.45
CA ILE A 225 -46.13 2.25 -17.01
C ILE A 225 -44.96 2.75 -17.86
N THR A 226 -43.90 3.20 -17.19
CA THR A 226 -42.74 3.74 -17.87
C THR A 226 -41.45 3.04 -17.44
N TYR A 227 -40.46 3.05 -18.33
CA TYR A 227 -39.20 2.36 -18.10
C TYR A 227 -38.00 3.30 -18.20
N THR A 228 -38.22 4.56 -17.82
CA THR A 228 -37.19 5.60 -17.87
C THR A 228 -36.04 5.25 -16.94
N VAL A 229 -34.83 5.26 -17.48
CA VAL A 229 -33.64 4.88 -16.73
C VAL A 229 -33.27 5.98 -15.74
N ILE A 230 -33.22 5.63 -14.47
CA ILE A 230 -32.90 6.58 -13.39
C ILE A 230 -31.54 6.30 -12.74
N GLY A 231 -31.24 5.01 -12.52
CA GLY A 231 -29.98 4.65 -11.88
C GLY A 231 -29.67 3.16 -11.95
N ASN A 232 -28.80 2.71 -11.05
CA ASN A 232 -28.31 1.35 -11.07
C ASN A 232 -28.10 0.80 -9.66
N ILE A 233 -28.39 -0.49 -9.49
CA ILE A 233 -28.24 -1.18 -8.21
C ILE A 233 -27.27 -2.35 -8.39
N PRO A 234 -26.20 -2.40 -7.58
CA PRO A 234 -25.24 -3.50 -7.74
C PRO A 234 -25.85 -4.83 -7.32
N ILE A 235 -25.56 -5.88 -8.09
CA ILE A 235 -25.92 -7.24 -7.70
C ILE A 235 -24.78 -8.21 -7.97
N VAL A 236 -24.86 -9.39 -7.36
CA VAL A 236 -24.14 -10.56 -7.82
C VAL A 236 -25.18 -11.62 -8.18
N LEU A 237 -24.77 -12.58 -9.00
CA LEU A 237 -25.61 -13.71 -9.32
C LEU A 237 -25.29 -14.92 -8.45
N ARG A 238 -26.24 -15.84 -8.38
CA ARG A 238 -25.99 -17.20 -7.97
C ARG A 238 -24.81 -17.72 -8.79
N GLU A 239 -23.83 -18.32 -8.10
CA GLU A 239 -22.59 -18.77 -8.73
C GLU A 239 -22.79 -19.78 -9.88
N SER A 240 -23.71 -20.71 -9.73
CA SER A 240 -23.94 -21.73 -10.76
C SER A 240 -24.58 -21.19 -12.04
N LEU A 241 -24.90 -19.90 -12.04
CA LEU A 241 -25.47 -19.24 -13.21
C LEU A 241 -24.41 -18.47 -14.02
N LEU A 242 -23.22 -18.34 -13.46
CA LEU A 242 -22.15 -17.56 -14.08
C LEU A 242 -21.67 -18.13 -15.42
N MET A 243 -21.51 -19.46 -15.49
CA MET A 243 -21.11 -20.12 -16.73
C MET A 243 -22.12 -19.89 -17.86
N ASP A 244 -23.41 -19.95 -17.53
CA ASP A 244 -24.50 -19.64 -18.45
C ASP A 244 -24.30 -18.24 -19.05
N VAL A 245 -24.17 -17.26 -18.16
CA VAL A 245 -23.98 -15.87 -18.54
C VAL A 245 -22.69 -15.65 -19.34
N ILE A 246 -21.60 -16.29 -18.91
CA ILE A 246 -20.29 -16.16 -19.56
C ILE A 246 -20.23 -16.83 -20.94
N GLU A 247 -20.77 -18.05 -21.04
CA GLU A 247 -20.86 -18.76 -22.33
C GLU A 247 -21.72 -18.00 -23.34
N ALA A 248 -22.79 -17.37 -22.85
CA ALA A 248 -23.64 -16.49 -23.66
C ALA A 248 -22.83 -15.36 -24.29
N GLY A 249 -22.01 -14.68 -23.49
CA GLY A 249 -21.08 -13.65 -23.97
C GLY A 249 -20.11 -14.17 -25.01
N GLU A 250 -19.54 -15.36 -24.76
CA GLU A 250 -18.64 -16.03 -25.70
C GLU A 250 -19.28 -16.25 -27.07
N ARG A 251 -20.54 -16.70 -27.09
CA ARG A 251 -21.24 -16.99 -28.34
C ARG A 251 -21.59 -15.73 -29.11
N VAL A 252 -21.91 -14.67 -28.36
CA VAL A 252 -22.15 -13.34 -28.91
C VAL A 252 -20.88 -12.79 -29.59
N VAL A 253 -19.73 -12.90 -28.92
CA VAL A 253 -18.45 -12.47 -29.51
C VAL A 253 -18.10 -13.30 -30.75
N LYS A 254 -18.29 -14.62 -30.64
CA LYS A 254 -18.01 -15.55 -31.73
C LYS A 254 -18.90 -15.28 -32.96
N ALA A 255 -20.20 -15.12 -32.74
CA ALA A 255 -21.12 -14.82 -33.83
C ALA A 255 -20.78 -13.50 -34.50
N ALA A 256 -20.37 -12.52 -33.72
CA ALA A 256 -19.96 -11.21 -34.25
C ALA A 256 -18.71 -11.31 -35.15
N GLU A 257 -17.79 -12.21 -34.80
CA GLU A 257 -16.59 -12.43 -35.60
C GLU A 257 -16.91 -12.88 -37.03
N GLU A 258 -17.90 -13.77 -37.18
CA GLU A 258 -18.37 -14.17 -38.50
C GLU A 258 -19.30 -13.14 -39.18
N LEU A 259 -20.12 -12.45 -38.39
CA LEU A 259 -21.15 -11.55 -38.93
C LEU A 259 -20.70 -10.12 -39.27
N MET A 260 -19.80 -9.57 -38.46
CA MET A 260 -19.51 -8.12 -38.55
C MET A 260 -18.04 -7.73 -38.35
N GLY A 261 -17.13 -8.70 -38.44
CA GLY A 261 -15.71 -8.42 -38.26
C GLY A 261 -15.29 -8.35 -36.80
N GLY A 262 -16.19 -8.73 -35.89
CA GLY A 262 -15.85 -8.91 -34.49
C GLY A 262 -16.50 -7.97 -33.49
N LEU A 263 -16.47 -8.39 -32.23
CA LEU A 263 -16.91 -7.57 -31.11
C LEU A 263 -15.83 -7.61 -30.03
N TRP A 264 -15.21 -6.46 -29.78
CA TRP A 264 -14.29 -6.30 -28.67
C TRP A 264 -14.62 -5.06 -27.83
N GLY A 265 -14.04 -5.00 -26.63
CA GLY A 265 -14.35 -3.94 -25.69
C GLY A 265 -15.53 -4.29 -24.80
N PRO A 266 -16.14 -3.27 -24.17
CA PRO A 266 -17.28 -3.51 -23.29
C PRO A 266 -18.56 -3.87 -24.05
N PHE A 267 -19.36 -4.75 -23.45
CA PHE A 267 -20.74 -4.99 -23.90
C PHE A 267 -21.57 -5.55 -22.74
N CYS A 268 -22.89 -5.51 -22.92
CA CYS A 268 -23.83 -5.98 -21.91
C CYS A 268 -24.96 -6.76 -22.58
N LEU A 269 -25.41 -7.83 -21.91
CA LEU A 269 -26.61 -8.54 -22.32
C LEU A 269 -27.71 -8.20 -21.33
N GLU A 270 -28.73 -7.50 -21.82
CA GLU A 270 -29.83 -7.06 -20.98
C GLU A 270 -30.95 -8.08 -21.03
N GLY A 271 -31.35 -8.57 -19.85
CA GLY A 271 -32.44 -9.54 -19.80
C GLY A 271 -32.98 -9.81 -18.41
N VAL A 272 -33.58 -10.99 -18.25
CA VAL A 272 -34.21 -11.40 -17.00
C VAL A 272 -33.88 -12.85 -16.71
N PHE A 273 -33.99 -13.22 -15.44
CA PHE A 273 -33.86 -14.60 -15.02
C PHE A 273 -35.21 -15.14 -14.54
N THR A 274 -35.67 -16.20 -15.19
CA THR A 274 -36.97 -16.81 -14.91
C THR A 274 -36.85 -17.79 -13.72
N PRO A 275 -38.00 -18.19 -13.12
CA PRO A 275 -38.02 -19.18 -12.03
C PRO A 275 -37.28 -20.49 -12.36
N ASP A 276 -37.24 -20.89 -13.63
CA ASP A 276 -36.50 -22.11 -14.01
C ASP A 276 -35.05 -21.84 -14.46
N LEU A 277 -34.52 -20.69 -14.05
CA LEU A 277 -33.09 -20.32 -14.22
C LEU A 277 -32.67 -20.05 -15.66
N GLU A 278 -33.63 -19.67 -16.51
CA GLU A 278 -33.33 -19.31 -17.88
C GLU A 278 -32.92 -17.84 -17.99
N PHE A 279 -31.87 -17.57 -18.76
CA PHE A 279 -31.47 -16.19 -19.04
C PHE A 279 -32.03 -15.79 -20.40
N VAL A 280 -33.13 -15.04 -20.36
CA VAL A 280 -33.81 -14.59 -21.57
C VAL A 280 -33.37 -13.15 -21.84
N VAL A 281 -32.78 -12.95 -23.01
CA VAL A 281 -32.12 -11.68 -23.35
C VAL A 281 -33.00 -10.85 -24.28
N PHE A 282 -33.14 -9.56 -23.91
CA PHE A 282 -33.96 -8.62 -24.68
C PHE A 282 -33.13 -7.91 -25.74
N GLU A 283 -31.87 -7.62 -25.42
CA GLU A 283 -30.95 -7.02 -26.38
C GLU A 283 -29.48 -7.14 -25.98
N ILE A 284 -28.63 -7.07 -27.00
CA ILE A 284 -27.20 -6.90 -26.83
C ILE A 284 -26.93 -5.39 -26.86
N SER A 285 -26.39 -4.86 -25.76
CA SER A 285 -25.90 -3.50 -25.77
C SER A 285 -24.40 -3.57 -25.95
N ALA A 286 -23.94 -3.32 -27.18
CA ALA A 286 -22.53 -3.49 -27.55
C ALA A 286 -21.69 -2.25 -27.22
N ARG A 287 -21.66 -1.94 -25.92
CA ARG A 287 -20.94 -0.79 -25.39
C ARG A 287 -20.89 -0.83 -23.88
N ILE A 288 -20.16 0.12 -23.29
CA ILE A 288 -20.18 0.35 -21.85
C ILE A 288 -21.59 0.79 -21.44
N VAL A 289 -22.15 0.15 -20.42
CA VAL A 289 -23.46 0.55 -19.90
C VAL A 289 -23.33 1.24 -18.56
N ALA A 290 -24.34 2.02 -18.19
CA ALA A 290 -24.33 2.85 -16.99
C ALA A 290 -24.19 2.03 -15.70
N GLY A 291 -24.61 0.76 -15.74
CA GLY A 291 -24.46 -0.14 -14.61
C GLY A 291 -23.02 -0.32 -14.15
N THR A 292 -22.08 -0.12 -15.07
CA THR A 292 -20.65 -0.19 -14.76
C THR A 292 -20.18 0.94 -13.82
N ASN A 293 -20.94 2.04 -13.78
CA ASN A 293 -20.59 3.22 -12.97
C ASN A 293 -20.49 2.97 -11.45
N ILE A 294 -21.22 1.97 -10.96
CA ILE A 294 -21.13 1.56 -9.57
C ILE A 294 -19.71 1.13 -9.21
N PHE A 295 -19.01 0.54 -10.18
CA PHE A 295 -17.81 -0.22 -9.89
C PHE A 295 -16.47 0.48 -10.18
N VAL A 296 -16.48 1.80 -9.98
CA VAL A 296 -15.28 2.64 -9.97
C VAL A 296 -14.17 2.01 -9.14
N ASN A 297 -14.55 1.51 -7.96
CA ASN A 297 -13.60 0.84 -7.07
C ASN A 297 -13.62 -0.68 -7.26
N GLY A 298 -13.78 -1.12 -8.49
CA GLY A 298 -13.80 -2.55 -8.81
C GLY A 298 -15.12 -3.20 -8.46
N SER A 299 -15.23 -4.49 -8.74
CA SER A 299 -16.48 -5.21 -8.54
C SER A 299 -16.23 -6.48 -7.75
N PRO A 300 -17.32 -7.13 -7.25
CA PRO A 300 -17.12 -8.41 -6.59
C PRO A 300 -16.48 -9.46 -7.52
N TYR A 301 -16.56 -9.21 -8.83
CA TYR A 301 -15.96 -10.10 -9.83
C TYR A 301 -14.51 -9.76 -10.18
N THR A 302 -14.21 -8.49 -10.39
CA THR A 302 -12.83 -8.09 -10.69
C THR A 302 -11.89 -8.32 -9.51
N TRP A 303 -12.41 -8.15 -8.29
CA TRP A 303 -11.62 -8.40 -7.08
C TRP A 303 -11.29 -9.89 -6.87
N LEU A 304 -11.88 -10.76 -7.68
CA LEU A 304 -11.54 -12.18 -7.68
C LEU A 304 -10.27 -12.45 -8.46
N ARG A 305 -9.93 -11.54 -9.38
CA ARG A 305 -8.81 -11.76 -10.31
C ARG A 305 -7.80 -10.59 -10.43
N TYR A 306 -8.06 -9.49 -9.74
CA TYR A 306 -7.13 -8.35 -9.70
C TYR A 306 -6.73 -7.98 -8.29
N ASP A 307 -5.56 -7.34 -8.14
CA ASP A 307 -5.08 -6.83 -6.87
C ASP A 307 -5.42 -5.34 -6.67
N ARG A 308 -6.08 -4.75 -7.65
CA ARG A 308 -6.41 -3.33 -7.64
C ARG A 308 -7.84 -3.11 -8.15
N PRO A 309 -8.43 -1.93 -7.85
CA PRO A 309 -9.78 -1.66 -8.34
C PRO A 309 -9.81 -1.51 -9.87
N VAL A 310 -10.68 -2.28 -10.53
CA VAL A 310 -10.77 -2.23 -12.00
C VAL A 310 -12.22 -2.06 -12.42
N SER A 311 -12.54 -0.87 -12.91
CA SER A 311 -13.82 -0.60 -13.53
C SER A 311 -13.74 -0.94 -15.01
N THR A 312 -14.87 -0.98 -15.69
CA THR A 312 -14.89 -1.14 -17.15
C THR A 312 -14.12 0.01 -17.82
N GLY A 313 -14.32 1.23 -17.33
CA GLY A 313 -13.57 2.39 -17.79
C GLY A 313 -12.07 2.21 -17.70
N ARG A 314 -11.60 1.75 -16.54
CA ARG A 314 -10.17 1.46 -16.37
C ARG A 314 -9.72 0.32 -17.29
N ARG A 315 -10.55 -0.72 -17.40
CA ARG A 315 -10.26 -1.88 -18.25
C ARG A 315 -10.11 -1.48 -19.72
N ILE A 316 -10.90 -0.50 -20.16
CA ILE A 316 -10.79 0.03 -21.51
C ILE A 316 -9.41 0.69 -21.70
N ALA A 317 -9.02 1.51 -20.72
CA ALA A 317 -7.75 2.22 -20.76
C ALA A 317 -6.58 1.25 -20.70
N MET A 318 -6.72 0.20 -19.89
CA MET A 318 -5.74 -0.89 -19.81
C MET A 318 -5.53 -1.54 -21.19
N GLU A 319 -6.63 -1.83 -21.88
CA GLU A 319 -6.61 -2.41 -23.21
C GLU A 319 -5.90 -1.50 -24.22
N ILE A 320 -6.23 -0.22 -24.20
CA ILE A 320 -5.61 0.74 -25.13
C ILE A 320 -4.11 0.84 -24.87
N ARG A 321 -3.73 0.97 -23.60
CA ARG A 321 -2.32 0.99 -23.19
C ARG A 321 -1.57 -0.26 -23.66
N GLU A 322 -2.12 -1.44 -23.34
CA GLU A 322 -1.48 -2.71 -23.72
C GLU A 322 -1.38 -2.88 -25.24
N ALA A 323 -2.39 -2.41 -25.96
CA ALA A 323 -2.35 -2.40 -27.43
C ALA A 323 -1.17 -1.58 -27.97
N ILE A 324 -0.96 -0.38 -27.42
CA ILE A 324 0.18 0.46 -27.79
C ILE A 324 1.53 -0.22 -27.47
N GLU A 325 1.64 -0.78 -26.28
CA GLU A 325 2.86 -1.45 -25.82
C GLU A 325 3.15 -2.75 -26.58
N ASN A 326 2.10 -3.38 -27.12
CA ASN A 326 2.24 -4.58 -27.94
C ASN A 326 2.24 -4.25 -29.44
N ASP A 327 2.32 -2.96 -29.77
CA ASP A 327 2.37 -2.47 -31.14
C ASP A 327 1.21 -3.02 -32.00
N MET A 328 -0.01 -2.93 -31.46
CA MET A 328 -1.20 -3.44 -32.13
C MET A 328 -2.42 -2.55 -31.86
N LEU A 329 -2.14 -1.27 -31.64
CA LEU A 329 -3.19 -0.28 -31.40
C LEU A 329 -4.24 -0.23 -32.51
N GLU A 330 -3.81 -0.38 -33.77
CA GLU A 330 -4.72 -0.32 -34.92
C GLU A 330 -5.76 -1.44 -34.92
N LYS A 331 -5.47 -2.53 -34.21
CA LYS A 331 -6.36 -3.71 -34.16
C LYS A 331 -7.61 -3.49 -33.31
N VAL A 332 -7.54 -2.53 -32.38
CA VAL A 332 -8.66 -2.27 -31.46
C VAL A 332 -9.44 -1.03 -31.85
N LEU A 333 -9.02 -0.39 -32.94
CA LEU A 333 -9.63 0.86 -33.40
C LEU A 333 -10.25 0.73 -34.78
N THR A 334 -11.40 1.37 -34.97
CA THR A 334 -12.01 1.46 -36.31
C THR A 334 -12.28 2.91 -36.69
N MET B 1 2.31 -23.78 3.49
CA MET B 1 1.16 -24.38 4.21
C MET B 1 0.96 -25.83 3.78
N LYS B 2 0.86 -26.73 4.76
CA LYS B 2 0.63 -28.16 4.50
C LYS B 2 -0.81 -28.38 4.06
N VAL B 3 -1.76 -27.87 4.85
CA VAL B 3 -3.18 -27.94 4.55
C VAL B 3 -3.51 -27.18 3.26
N ARG B 4 -4.31 -27.82 2.41
CA ARG B 4 -4.93 -27.15 1.29
C ARG B 4 -6.43 -26.95 1.55
N ILE B 5 -6.98 -25.87 1.02
CA ILE B 5 -8.41 -25.62 1.15
C ILE B 5 -9.16 -26.14 -0.07
N ALA B 6 -10.14 -27.01 0.17
CA ALA B 6 -10.93 -27.61 -0.89
C ALA B 6 -12.42 -27.27 -0.73
N THR B 7 -13.09 -27.09 -1.87
CA THR B 7 -14.51 -26.79 -1.87
C THR B 7 -15.20 -27.40 -3.09
N TYR B 8 -16.48 -27.75 -2.93
CA TYR B 8 -17.30 -28.16 -4.06
C TYR B 8 -17.49 -26.97 -5.00
N ALA B 9 -17.28 -27.21 -6.30
CA ALA B 9 -17.30 -26.16 -7.32
C ALA B 9 -18.71 -25.64 -7.64
N SER B 10 -19.27 -24.89 -6.68
CA SER B 10 -20.58 -24.26 -6.84
C SER B 10 -20.84 -23.32 -5.68
N HIS B 11 -21.92 -22.55 -5.80
CA HIS B 11 -22.50 -21.74 -4.71
C HIS B 11 -21.66 -20.54 -4.23
N SER B 12 -20.44 -20.82 -3.76
CA SER B 12 -19.58 -19.76 -3.23
C SER B 12 -18.10 -20.13 -3.29
N ALA B 13 -17.75 -21.04 -4.19
CA ALA B 13 -16.37 -21.52 -4.33
C ALA B 13 -15.36 -20.43 -4.76
N LEU B 14 -15.78 -19.52 -5.62
CA LEU B 14 -14.91 -18.42 -6.06
C LEU B 14 -14.42 -17.56 -4.89
N GLN B 15 -15.37 -17.16 -4.04
CA GLN B 15 -15.10 -16.37 -2.84
C GLN B 15 -14.22 -17.14 -1.86
N ILE B 16 -14.61 -18.38 -1.59
CA ILE B 16 -13.91 -19.26 -0.64
C ILE B 16 -12.46 -19.48 -1.03
N LEU B 17 -12.24 -19.76 -2.32
CA LEU B 17 -10.89 -20.06 -2.82
C LEU B 17 -10.01 -18.83 -3.03
N LYS B 18 -10.63 -17.70 -3.37
CA LYS B 18 -9.89 -16.44 -3.44
C LYS B 18 -9.41 -16.05 -2.04
N GLY B 19 -10.30 -16.22 -1.06
CA GLY B 19 -9.98 -15.98 0.34
C GLY B 19 -8.88 -16.86 0.90
N ALA B 20 -8.89 -18.14 0.51
CA ALA B 20 -7.86 -19.09 0.91
C ALA B 20 -6.50 -18.71 0.33
N LYS B 21 -6.52 -18.36 -0.95
CA LYS B 21 -5.37 -17.87 -1.69
C LYS B 21 -4.76 -16.65 -0.98
N ASP B 22 -5.62 -15.69 -0.63
CA ASP B 22 -5.22 -14.48 0.07
C ASP B 22 -4.55 -14.74 1.41
N GLU B 23 -4.80 -15.92 1.99
CA GLU B 23 -4.20 -16.31 3.27
C GLU B 23 -3.04 -17.30 3.13
N GLY B 24 -2.62 -17.59 1.90
CA GLY B 24 -1.45 -18.44 1.65
C GLY B 24 -1.72 -19.92 1.45
N PHE B 25 -2.98 -20.28 1.25
CA PHE B 25 -3.36 -21.67 0.99
C PHE B 25 -3.31 -21.97 -0.50
N GLU B 26 -2.95 -23.21 -0.84
CA GLU B 26 -3.21 -23.74 -2.17
C GLU B 26 -4.65 -24.22 -2.18
N THR B 27 -5.29 -24.15 -3.34
CA THR B 27 -6.74 -24.28 -3.41
C THR B 27 -7.16 -25.40 -4.33
N ILE B 28 -8.23 -26.09 -3.95
CA ILE B 28 -8.78 -27.18 -4.75
C ILE B 28 -10.28 -26.96 -4.94
N ALA B 29 -10.72 -27.00 -6.20
CA ALA B 29 -12.13 -27.07 -6.52
C ALA B 29 -12.41 -28.45 -7.12
N PHE B 30 -13.52 -29.06 -6.71
CA PHE B 30 -13.98 -30.30 -7.30
C PHE B 30 -15.47 -30.23 -7.66
N GLY B 31 -15.82 -30.82 -8.80
CA GLY B 31 -17.19 -30.83 -9.29
C GLY B 31 -17.29 -31.12 -10.77
N SER B 32 -18.34 -30.61 -11.40
CA SER B 32 -18.62 -30.82 -12.83
C SER B 32 -17.50 -30.26 -13.69
N SER B 33 -17.19 -30.96 -14.78
CA SER B 33 -16.16 -30.52 -15.73
C SER B 33 -16.63 -29.33 -16.54
N LYS B 34 -17.95 -29.15 -16.60
CA LYS B 34 -18.61 -28.03 -17.25
C LYS B 34 -18.27 -26.67 -16.63
N VAL B 35 -18.06 -26.64 -15.32
CA VAL B 35 -17.82 -25.38 -14.61
C VAL B 35 -16.33 -25.06 -14.39
N LYS B 36 -15.46 -25.97 -14.84
CA LYS B 36 -14.01 -25.85 -14.65
C LYS B 36 -13.38 -24.55 -15.17
N PRO B 37 -13.79 -24.06 -16.37
CA PRO B 37 -13.26 -22.78 -16.84
C PRO B 37 -13.51 -21.59 -15.90
N LEU B 38 -14.61 -21.62 -15.16
CA LEU B 38 -14.95 -20.56 -14.22
C LEU B 38 -13.88 -20.35 -13.15
N TYR B 39 -13.29 -21.46 -12.71
CA TYR B 39 -12.38 -21.49 -11.57
C TYR B 39 -10.92 -21.51 -11.98
N THR B 40 -10.67 -21.67 -13.28
CA THR B 40 -9.30 -21.86 -13.78
C THR B 40 -8.94 -20.90 -14.93
N LYS B 41 -9.94 -20.34 -15.57
CA LYS B 41 -9.73 -19.45 -16.72
C LYS B 41 -10.29 -18.05 -16.44
N TYR B 42 -11.61 -17.97 -16.22
CA TYR B 42 -12.28 -16.71 -16.02
C TYR B 42 -11.92 -16.06 -14.68
N PHE B 43 -11.84 -16.89 -13.63
CA PHE B 43 -11.36 -16.45 -12.33
C PHE B 43 -10.41 -17.52 -11.80
N PRO B 44 -9.12 -17.40 -12.12
CA PRO B 44 -8.14 -18.43 -11.78
C PRO B 44 -7.85 -18.48 -10.28
N VAL B 45 -8.71 -19.16 -9.53
CA VAL B 45 -8.64 -19.21 -8.06
C VAL B 45 -8.37 -20.63 -7.57
N ALA B 46 -8.53 -21.61 -8.46
CA ALA B 46 -8.31 -23.01 -8.12
C ALA B 46 -7.00 -23.51 -8.71
N ASP B 47 -6.07 -23.89 -7.83
CA ASP B 47 -4.77 -24.45 -8.23
C ASP B 47 -4.95 -25.87 -8.75
N TYR B 48 -5.97 -26.55 -8.21
CA TYR B 48 -6.37 -27.88 -8.66
C TYR B 48 -7.85 -27.91 -8.97
N PHE B 49 -8.20 -28.46 -10.14
CA PHE B 49 -9.59 -28.81 -10.42
C PHE B 49 -9.72 -30.30 -10.66
N ILE B 50 -10.57 -30.94 -9.85
CA ILE B 50 -10.83 -32.37 -9.99
C ILE B 50 -12.27 -32.56 -10.46
N GLU B 51 -12.41 -33.20 -11.62
CA GLU B 51 -13.70 -33.37 -12.25
C GLU B 51 -14.45 -34.58 -11.67
N GLU B 52 -14.74 -34.49 -10.36
CA GLU B 52 -15.46 -35.55 -9.63
C GLU B 52 -16.37 -34.92 -8.58
N LYS B 53 -17.48 -35.60 -8.29
CA LYS B 53 -18.42 -35.18 -7.25
C LYS B 53 -17.77 -35.14 -5.86
N TYR B 54 -17.10 -36.24 -5.50
CA TYR B 54 -16.35 -36.31 -4.24
C TYR B 54 -15.12 -37.21 -4.36
N PRO B 55 -13.98 -36.63 -4.80
CA PRO B 55 -12.75 -37.41 -4.95
C PRO B 55 -12.00 -37.59 -3.62
N GLU B 56 -12.53 -38.44 -2.74
CA GLU B 56 -11.97 -38.66 -1.41
C GLU B 56 -10.47 -38.91 -1.41
N GLU B 57 -10.02 -39.87 -2.21
CA GLU B 57 -8.63 -40.33 -2.22
C GLU B 57 -7.66 -39.21 -2.57
N GLU B 58 -7.92 -38.55 -3.70
CA GLU B 58 -7.06 -37.46 -4.17
C GLU B 58 -7.02 -36.29 -3.19
N LEU B 59 -8.17 -35.99 -2.56
CA LEU B 59 -8.26 -34.91 -1.57
C LEU B 59 -7.46 -35.22 -0.31
N LEU B 60 -7.46 -36.49 0.11
CA LEU B 60 -6.63 -36.94 1.22
C LEU B 60 -5.15 -36.85 0.86
N ASN B 61 -4.83 -37.19 -0.38
CA ASN B 61 -3.47 -37.08 -0.90
C ASN B 61 -2.98 -35.63 -1.00
N LEU B 62 -3.92 -34.70 -1.18
CA LEU B 62 -3.58 -33.28 -1.30
C LEU B 62 -3.66 -32.50 0.01
N ASN B 63 -3.87 -33.23 1.12
CA ASN B 63 -3.99 -32.63 2.46
C ASN B 63 -5.13 -31.63 2.55
N ALA B 64 -6.23 -31.96 1.87
CA ALA B 64 -7.38 -31.06 1.75
C ALA B 64 -8.20 -30.96 3.03
N VAL B 65 -8.65 -29.75 3.30
CA VAL B 65 -9.72 -29.49 4.26
C VAL B 65 -10.88 -28.97 3.43
N VAL B 66 -12.06 -29.57 3.59
CA VAL B 66 -13.24 -29.12 2.86
C VAL B 66 -13.97 -27.99 3.59
N VAL B 67 -14.05 -26.85 2.92
CA VAL B 67 -14.94 -25.78 3.34
C VAL B 67 -16.26 -26.03 2.62
N PRO B 68 -17.32 -26.33 3.39
CA PRO B 68 -18.61 -26.65 2.76
C PRO B 68 -19.29 -25.41 2.15
N THR B 69 -19.66 -25.52 0.87
CA THR B 69 -20.48 -24.52 0.19
C THR B 69 -21.95 -24.85 0.39
N GLY B 70 -22.82 -23.92 0.04
CA GLY B 70 -24.26 -24.00 0.30
C GLY B 70 -25.07 -25.04 -0.46
N SER B 71 -24.39 -25.92 -1.20
CA SER B 71 -25.05 -26.97 -1.98
C SER B 71 -24.22 -28.27 -1.98
N PHE B 72 -23.18 -28.30 -1.16
CA PHE B 72 -22.26 -29.43 -1.01
C PHE B 72 -22.99 -30.67 -0.47
N VAL B 73 -23.80 -30.46 0.55
CA VAL B 73 -24.57 -31.53 1.19
C VAL B 73 -25.71 -31.98 0.27
N ALA B 74 -26.29 -31.02 -0.46
CA ALA B 74 -27.33 -31.30 -1.45
C ALA B 74 -26.85 -32.23 -2.58
N HIS B 75 -25.72 -31.87 -3.19
CA HIS B 75 -25.17 -32.63 -4.32
C HIS B 75 -24.58 -33.99 -3.94
N LEU B 76 -24.13 -34.12 -2.70
CA LEU B 76 -23.47 -35.35 -2.25
C LEU B 76 -24.37 -36.26 -1.41
N GLY B 77 -25.34 -35.67 -0.72
CA GLY B 77 -26.20 -36.41 0.19
C GLY B 77 -25.66 -36.38 1.61
N ILE B 78 -26.57 -36.26 2.57
CA ILE B 78 -26.21 -36.09 3.98
C ILE B 78 -25.52 -37.31 4.60
N GLU B 79 -25.80 -38.49 4.06
CA GLU B 79 -25.21 -39.75 4.52
C GLU B 79 -23.73 -39.80 4.15
N LEU B 80 -23.42 -39.44 2.91
CA LEU B 80 -22.06 -39.40 2.40
C LEU B 80 -21.22 -38.33 3.10
N VAL B 81 -21.79 -37.13 3.27
CA VAL B 81 -21.10 -36.01 3.93
C VAL B 81 -20.73 -36.34 5.38
N GLU B 82 -21.65 -36.99 6.10
CA GLU B 82 -21.39 -37.34 7.51
C GLU B 82 -20.38 -38.48 7.74
N ASN B 83 -20.14 -39.28 6.70
CA ASN B 83 -19.17 -40.37 6.78
C ASN B 83 -17.85 -40.07 6.05
N MET B 84 -17.73 -38.86 5.49
CA MET B 84 -16.53 -38.48 4.74
C MET B 84 -15.27 -38.50 5.63
N LYS B 85 -14.17 -38.97 5.05
CA LYS B 85 -12.90 -39.07 5.75
C LYS B 85 -12.10 -37.76 5.66
N VAL B 86 -12.31 -37.03 4.57
CA VAL B 86 -11.70 -35.72 4.39
C VAL B 86 -12.25 -34.78 5.46
N PRO B 87 -11.36 -34.07 6.17
CA PRO B 87 -11.77 -33.09 7.19
C PRO B 87 -12.79 -32.07 6.67
N TYR B 88 -13.74 -31.74 7.54
CA TYR B 88 -14.85 -30.85 7.23
C TYR B 88 -14.78 -29.63 8.15
N PHE B 89 -14.65 -28.44 7.58
CA PHE B 89 -14.61 -27.22 8.38
C PHE B 89 -16.00 -26.86 8.89
N GLY B 90 -16.16 -26.91 10.21
CA GLY B 90 -17.45 -26.70 10.85
C GLY B 90 -17.89 -27.95 11.60
N ASN B 91 -19.08 -27.88 12.17
CA ASN B 91 -19.66 -29.01 12.91
C ASN B 91 -20.69 -29.78 12.06
N LYS B 92 -20.35 -31.01 11.69
CA LYS B 92 -21.24 -31.88 10.91
C LYS B 92 -22.56 -32.21 11.62
N ARG B 93 -22.55 -32.24 12.95
CA ARG B 93 -23.74 -32.53 13.75
C ARG B 93 -24.85 -31.50 13.54
N VAL B 94 -24.46 -30.34 13.01
CA VAL B 94 -25.41 -29.27 12.72
C VAL B 94 -26.33 -29.63 11.53
N LEU B 95 -25.81 -30.48 10.64
CA LEU B 95 -26.52 -30.86 9.41
C LEU B 95 -27.91 -31.45 9.61
N ARG B 96 -28.09 -32.28 10.65
CA ARG B 96 -29.38 -32.91 10.91
C ARG B 96 -30.42 -31.91 11.39
N TRP B 97 -29.98 -30.92 12.16
CA TRP B 97 -30.85 -29.88 12.69
C TRP B 97 -31.41 -28.97 11.59
N GLU B 98 -30.62 -28.71 10.56
CA GLU B 98 -31.08 -27.82 9.47
C GLU B 98 -31.82 -28.55 8.34
N SER B 99 -31.82 -29.88 8.37
CA SER B 99 -32.56 -30.66 7.37
C SER B 99 -33.97 -31.00 7.87
N ASP B 100 -34.20 -30.77 9.16
CA ASP B 100 -35.49 -31.07 9.78
C ASP B 100 -36.14 -29.77 10.25
N ARG B 101 -37.29 -29.43 9.66
CA ARG B 101 -38.03 -28.20 10.00
C ARG B 101 -38.45 -28.13 11.46
N ASN B 102 -38.71 -29.29 12.08
CA ASN B 102 -39.04 -29.35 13.50
C ASN B 102 -37.82 -29.11 14.39
N LEU B 103 -36.67 -29.60 13.94
CA LEU B 103 -35.40 -29.40 14.65
C LEU B 103 -34.92 -27.96 14.51
N GLU B 104 -35.12 -27.38 13.32
CA GLU B 104 -34.91 -25.96 13.09
C GLU B 104 -35.70 -25.14 14.09
N ARG B 105 -36.99 -25.45 14.22
CA ARG B 105 -37.87 -24.72 15.12
C ARG B 105 -37.48 -24.86 16.59
N LYS B 106 -37.12 -26.08 16.98
CA LYS B 106 -36.64 -26.38 18.34
C LYS B 106 -35.39 -25.54 18.69
N TRP B 107 -34.43 -25.49 17.77
CA TRP B 107 -33.21 -24.70 17.88
C TRP B 107 -33.53 -23.21 18.06
N LEU B 108 -34.33 -22.67 17.15
CA LEU B 108 -34.73 -21.27 17.19
C LEU B 108 -35.46 -20.89 18.49
N LYS B 109 -36.38 -21.74 18.93
CA LYS B 109 -37.11 -21.52 20.19
C LYS B 109 -36.19 -21.51 21.40
N LYS B 110 -35.24 -22.45 21.44
CA LYS B 110 -34.29 -22.49 22.56
C LYS B 110 -33.39 -21.26 22.58
N ALA B 111 -33.03 -20.77 21.39
CA ALA B 111 -32.20 -19.58 21.26
C ALA B 111 -33.00 -18.29 21.47
N GLY B 112 -34.28 -18.45 21.84
CA GLY B 112 -35.17 -17.30 22.11
C GLY B 112 -35.34 -16.39 20.92
N ILE B 113 -35.49 -17.00 19.73
CA ILE B 113 -35.63 -16.27 18.47
C ILE B 113 -37.10 -16.22 18.03
N ARG B 114 -37.57 -15.02 17.66
CA ARG B 114 -38.91 -14.83 17.11
C ARG B 114 -39.08 -15.63 15.83
N VAL B 115 -40.17 -16.39 15.76
CA VAL B 115 -40.47 -17.25 14.62
C VAL B 115 -41.94 -17.07 14.23
N PRO B 116 -42.29 -17.37 12.96
CA PRO B 116 -43.70 -17.32 12.61
C PRO B 116 -44.51 -18.40 13.31
N GLU B 117 -45.79 -18.18 13.51
CA GLU B 117 -46.66 -19.20 14.07
C GLU B 117 -46.83 -20.35 13.08
N VAL B 118 -46.98 -21.56 13.60
CA VAL B 118 -47.17 -22.75 12.79
C VAL B 118 -48.51 -23.41 13.17
N TYR B 119 -49.16 -24.02 12.17
CA TYR B 119 -50.43 -24.72 12.39
C TYR B 119 -50.29 -26.19 12.02
N GLU B 120 -50.53 -27.08 12.98
CA GLU B 120 -50.53 -28.52 12.72
C GLU B 120 -51.84 -28.92 12.02
N ASP B 121 -52.92 -28.28 12.42
CA ASP B 121 -54.26 -28.53 11.85
C ASP B 121 -54.71 -27.31 11.05
N PRO B 122 -54.92 -27.49 9.74
CA PRO B 122 -55.33 -26.44 8.81
C PRO B 122 -56.63 -25.71 9.20
N ASP B 123 -57.51 -26.41 9.91
CA ASP B 123 -58.76 -25.82 10.39
C ASP B 123 -58.53 -24.68 11.40
N ASP B 124 -57.34 -24.64 12.00
CA ASP B 124 -56.97 -23.61 12.97
C ASP B 124 -56.36 -22.35 12.35
N ILE B 125 -56.18 -22.34 11.02
CA ILE B 125 -55.62 -21.18 10.31
C ILE B 125 -56.45 -19.91 10.55
N GLU B 126 -55.85 -18.95 11.25
CA GLU B 126 -56.53 -17.69 11.57
C GLU B 126 -56.02 -16.48 10.77
N LYS B 127 -54.90 -16.66 10.06
CA LYS B 127 -54.33 -15.60 9.24
C LYS B 127 -53.64 -16.17 7.99
N PRO B 128 -53.37 -15.32 6.97
CA PRO B 128 -52.72 -15.84 5.76
C PRO B 128 -51.46 -16.64 6.07
N VAL B 129 -51.27 -17.75 5.34
CA VAL B 129 -50.17 -18.67 5.59
C VAL B 129 -49.36 -18.96 4.33
N ILE B 130 -48.16 -19.50 4.53
CA ILE B 130 -47.35 -20.03 3.45
C ILE B 130 -47.13 -21.51 3.73
N VAL B 131 -47.34 -22.33 2.71
CA VAL B 131 -47.28 -23.79 2.86
C VAL B 131 -45.97 -24.33 2.29
N LYS B 132 -45.21 -25.02 3.13
CA LYS B 132 -43.89 -25.50 2.77
C LYS B 132 -43.83 -27.04 2.70
N PRO B 133 -43.76 -27.60 1.47
CA PRO B 133 -43.66 -29.05 1.27
C PRO B 133 -42.41 -29.64 1.94
N HIS B 134 -42.49 -30.92 2.31
CA HIS B 134 -41.39 -31.59 3.01
C HIS B 134 -40.10 -31.64 2.18
N GLY B 135 -38.98 -31.46 2.86
CA GLY B 135 -37.65 -31.59 2.26
C GLY B 135 -37.28 -30.56 1.21
N ALA B 136 -38.16 -29.58 1.02
CA ALA B 136 -37.98 -28.56 -0.01
C ALA B 136 -36.92 -27.53 0.34
N LYS B 137 -35.99 -27.32 -0.58
CA LYS B 137 -34.97 -26.28 -0.48
C LYS B 137 -35.13 -25.33 -1.66
N GLY B 138 -34.81 -24.06 -1.44
CA GLY B 138 -34.94 -23.04 -2.49
C GLY B 138 -36.38 -22.61 -2.72
N GLY B 139 -37.24 -22.91 -1.75
CA GLY B 139 -38.65 -22.49 -1.78
C GLY B 139 -39.51 -23.10 -2.87
N LYS B 140 -39.17 -24.30 -3.33
CA LYS B 140 -39.96 -24.97 -4.35
C LYS B 140 -41.21 -25.63 -3.75
N GLY B 141 -42.35 -25.44 -4.42
CA GLY B 141 -43.62 -26.00 -3.98
C GLY B 141 -44.40 -25.08 -3.05
N TYR B 142 -43.75 -24.01 -2.59
CA TYR B 142 -44.34 -23.01 -1.69
C TYR B 142 -45.57 -22.35 -2.31
N PHE B 143 -46.65 -22.27 -1.56
CA PHE B 143 -47.84 -21.54 -1.99
C PHE B 143 -48.57 -20.85 -0.83
N LEU B 144 -49.35 -19.82 -1.16
CA LEU B 144 -50.04 -18.99 -0.16
C LEU B 144 -51.50 -19.42 0.01
N ALA B 145 -52.02 -19.27 1.23
CA ALA B 145 -53.41 -19.61 1.54
C ALA B 145 -53.98 -18.68 2.62
N LYS B 146 -55.25 -18.27 2.46
CA LYS B 146 -55.85 -17.25 3.32
C LYS B 146 -56.61 -17.77 4.55
N ASP B 147 -57.32 -18.88 4.40
CA ASP B 147 -58.12 -19.45 5.47
C ASP B 147 -58.16 -20.98 5.35
N PRO B 148 -58.74 -21.69 6.36
CA PRO B 148 -58.76 -23.16 6.32
C PRO B 148 -59.25 -23.75 4.99
N GLU B 149 -60.23 -23.11 4.36
CA GLU B 149 -60.87 -23.66 3.17
C GLU B 149 -60.14 -23.36 1.86
N ASP B 150 -59.48 -22.21 1.78
CA ASP B 150 -58.59 -21.87 0.67
C ASP B 150 -57.39 -22.81 0.63
N PHE B 151 -56.94 -23.24 1.82
CA PHE B 151 -55.81 -24.16 1.95
C PHE B 151 -56.09 -25.53 1.34
N TRP B 152 -57.27 -26.09 1.61
CA TRP B 152 -57.62 -27.41 1.12
C TRP B 152 -57.72 -27.44 -0.41
N ARG B 153 -58.31 -26.39 -0.98
CA ARG B 153 -58.42 -26.22 -2.42
C ARG B 153 -57.05 -26.26 -3.10
N LYS B 154 -56.09 -25.55 -2.51
CA LYS B 154 -54.74 -25.44 -3.05
C LYS B 154 -53.86 -26.63 -2.68
N ALA B 155 -54.12 -27.24 -1.53
CA ALA B 155 -53.40 -28.44 -1.09
C ALA B 155 -53.68 -29.62 -2.03
N GLU B 156 -54.91 -29.68 -2.53
CA GLU B 156 -55.30 -30.69 -3.51
C GLU B 156 -54.76 -30.32 -4.90
N LYS B 157 -54.69 -29.03 -5.18
CA LYS B 157 -54.19 -28.54 -6.48
C LYS B 157 -52.68 -28.79 -6.64
N PHE B 158 -51.89 -28.32 -5.68
CA PHE B 158 -50.43 -28.41 -5.77
C PHE B 158 -49.86 -29.75 -5.28
N LEU B 159 -50.38 -30.24 -4.15
CA LEU B 159 -49.81 -31.42 -3.51
C LEU B 159 -50.71 -32.66 -3.60
N GLY B 160 -51.92 -32.48 -4.11
CA GLY B 160 -52.87 -33.59 -4.27
C GLY B 160 -53.50 -34.06 -2.98
N ILE B 161 -53.26 -33.32 -1.90
CA ILE B 161 -53.78 -33.67 -0.57
C ILE B 161 -55.31 -33.52 -0.53
N LYS B 162 -56.00 -34.66 -0.44
CA LYS B 162 -57.46 -34.67 -0.29
C LYS B 162 -57.82 -34.07 1.06
N ARG B 163 -58.97 -33.38 1.10
CA ARG B 163 -59.41 -32.69 2.30
C ARG B 163 -59.48 -33.59 3.52
N LYS B 164 -59.28 -33.00 4.70
CA LYS B 164 -59.15 -33.70 5.97
C LYS B 164 -57.86 -34.55 6.05
N GLU B 165 -56.75 -33.82 6.09
CA GLU B 165 -55.41 -34.32 6.40
C GLU B 165 -54.80 -35.34 5.44
N ASP B 166 -53.91 -36.18 5.95
CA ASP B 166 -52.91 -36.89 5.16
C ASP B 166 -51.89 -35.86 4.67
N LEU B 167 -51.52 -34.95 5.58
CA LEU B 167 -50.56 -33.89 5.27
C LEU B 167 -49.15 -34.47 5.37
N LYS B 168 -48.57 -34.75 4.21
CA LYS B 168 -47.26 -35.42 4.13
C LYS B 168 -46.10 -34.54 4.61
N ASN B 169 -46.01 -34.40 5.93
CA ASN B 169 -44.98 -33.58 6.60
C ASN B 169 -44.73 -32.18 6.01
N ILE B 170 -45.80 -31.54 5.52
CA ILE B 170 -45.76 -30.14 5.13
C ILE B 170 -45.69 -29.24 6.37
N GLN B 171 -45.19 -28.03 6.20
CA GLN B 171 -45.28 -27.03 7.24
C GLN B 171 -46.20 -25.90 6.79
N ILE B 172 -47.20 -25.61 7.61
CA ILE B 172 -48.12 -24.51 7.37
C ILE B 172 -47.70 -23.39 8.33
N GLN B 173 -47.27 -22.28 7.75
CA GLN B 173 -46.66 -21.22 8.54
C GLN B 173 -47.28 -19.86 8.25
N GLU B 174 -47.61 -19.15 9.33
CA GLU B 174 -48.02 -17.74 9.24
C GLU B 174 -47.13 -16.96 8.26
N TYR B 175 -47.73 -16.33 7.26
CA TYR B 175 -46.99 -15.47 6.35
C TYR B 175 -46.73 -14.15 7.05
N VAL B 176 -45.44 -13.86 7.25
CA VAL B 176 -45.04 -12.65 7.97
C VAL B 176 -44.71 -11.54 6.98
N LEU B 177 -45.45 -10.44 7.09
CA LEU B 177 -45.32 -9.31 6.18
C LEU B 177 -44.20 -8.38 6.64
N GLY B 178 -43.00 -8.65 6.13
CA GLY B 178 -41.84 -7.82 6.41
C GLY B 178 -40.84 -7.87 5.28
N VAL B 179 -39.84 -7.00 5.35
CA VAL B 179 -38.82 -6.94 4.30
C VAL B 179 -37.73 -8.00 4.54
N PRO B 180 -37.39 -8.76 3.49
CA PRO B 180 -36.34 -9.78 3.65
C PRO B 180 -34.99 -9.19 4.02
N VAL B 181 -34.41 -9.71 5.10
CA VAL B 181 -33.08 -9.33 5.55
C VAL B 181 -32.32 -10.62 5.85
N TYR B 182 -31.03 -10.64 5.52
CA TYR B 182 -30.17 -11.82 5.73
C TYR B 182 -28.84 -11.39 6.34
N PRO B 183 -28.75 -11.35 7.69
CA PRO B 183 -27.46 -11.03 8.29
C PRO B 183 -26.52 -12.23 8.19
N HIS B 184 -25.26 -11.98 7.84
CA HIS B 184 -24.26 -13.04 7.72
C HIS B 184 -23.29 -12.95 8.90
N TYR B 185 -23.13 -14.04 9.63
CA TYR B 185 -22.31 -14.09 10.82
C TYR B 185 -21.06 -14.93 10.60
N PHE B 186 -20.11 -14.79 11.51
CA PHE B 186 -19.01 -15.71 11.63
C PHE B 186 -18.69 -15.88 13.11
N TYR B 187 -18.75 -17.12 13.60
CA TYR B 187 -18.29 -17.38 14.96
C TYR B 187 -16.89 -17.98 14.93
N SER B 188 -15.95 -17.28 15.55
CA SER B 188 -14.58 -17.76 15.64
C SER B 188 -14.41 -18.63 16.87
N LYS B 189 -14.16 -19.92 16.66
CA LYS B 189 -13.85 -20.83 17.75
C LYS B 189 -12.41 -20.59 18.27
N VAL B 190 -11.53 -20.16 17.37
CA VAL B 190 -10.14 -19.80 17.72
C VAL B 190 -10.08 -18.56 18.62
N ARG B 191 -10.88 -17.55 18.31
CA ARG B 191 -10.90 -16.30 19.08
C ARG B 191 -12.06 -16.24 20.07
N GLU B 192 -12.86 -17.31 20.12
CA GLU B 192 -14.05 -17.40 20.96
C GLU B 192 -14.90 -16.12 20.90
N GLU B 193 -15.32 -15.77 19.69
CA GLU B 193 -15.94 -14.48 19.41
C GLU B 193 -16.89 -14.53 18.20
N LEU B 194 -18.03 -13.83 18.33
CA LEU B 194 -18.98 -13.70 17.22
C LEU B 194 -18.84 -12.35 16.50
N GLU B 195 -18.81 -12.42 15.16
CA GLU B 195 -18.73 -11.24 14.30
C GLU B 195 -19.93 -11.16 13.34
N LEU B 196 -20.32 -9.94 13.01
CA LEU B 196 -21.23 -9.69 11.90
C LEU B 196 -20.40 -9.37 10.66
N MET B 197 -20.53 -10.21 9.64
CA MET B 197 -19.68 -10.13 8.46
C MET B 197 -20.22 -9.16 7.44
N SER B 198 -21.54 -9.21 7.26
CA SER B 198 -22.23 -8.51 6.19
C SER B 198 -23.73 -8.81 6.28
N ILE B 199 -24.51 -8.12 5.46
CA ILE B 199 -25.95 -8.37 5.32
C ILE B 199 -26.30 -8.19 3.84
N ASP B 200 -27.23 -9.01 3.35
CA ASP B 200 -27.76 -8.83 2.00
C ASP B 200 -29.27 -9.03 1.95
N ARG B 201 -29.85 -8.71 0.80
CA ARG B 201 -31.21 -9.06 0.47
C ARG B 201 -31.14 -10.00 -0.73
N ARG B 202 -31.60 -11.23 -0.55
CA ARG B 202 -31.59 -12.22 -1.61
C ARG B 202 -32.56 -11.83 -2.73
N TYR B 203 -32.13 -12.06 -3.97
CA TYR B 203 -32.84 -11.66 -5.18
C TYR B 203 -33.47 -12.92 -5.79
N GLU B 204 -34.81 -12.98 -5.76
CA GLU B 204 -35.52 -14.21 -6.10
C GLU B 204 -36.56 -14.02 -7.23
N SER B 205 -36.70 -15.05 -8.07
CA SER B 205 -37.63 -15.06 -9.20
C SER B 205 -38.67 -16.17 -9.02
N ASN B 206 -39.95 -15.89 -9.28
CA ASN B 206 -40.44 -14.64 -9.88
C ASN B 206 -40.92 -13.59 -8.88
N VAL B 207 -40.76 -13.87 -7.60
CA VAL B 207 -41.32 -13.05 -6.52
C VAL B 207 -40.89 -11.58 -6.59
N ASP B 208 -39.62 -11.32 -6.94
CA ASP B 208 -39.12 -9.94 -7.05
C ASP B 208 -39.32 -9.32 -8.43
N ALA B 209 -40.05 -10.04 -9.29
CA ALA B 209 -40.41 -9.54 -10.62
C ALA B 209 -41.88 -9.11 -10.71
N ILE B 210 -42.72 -9.61 -9.81
CA ILE B 210 -44.16 -9.40 -9.90
C ILE B 210 -44.61 -7.96 -9.56
N GLY B 211 -43.88 -7.30 -8.67
CA GLY B 211 -44.18 -5.91 -8.29
C GLY B 211 -43.95 -4.90 -9.39
N ARG B 212 -43.34 -5.33 -10.49
CA ARG B 212 -43.14 -4.49 -11.67
C ARG B 212 -44.34 -4.56 -12.62
N ILE B 213 -45.25 -5.50 -12.36
CA ILE B 213 -46.48 -5.65 -13.13
C ILE B 213 -47.62 -5.01 -12.35
N PRO B 214 -48.33 -4.05 -12.98
CA PRO B 214 -49.48 -3.39 -12.35
C PRO B 214 -50.55 -4.40 -11.94
N ALA B 215 -51.21 -4.14 -10.81
CA ALA B 215 -52.29 -4.99 -10.28
C ALA B 215 -53.28 -5.47 -11.35
N LYS B 216 -53.79 -4.52 -12.15
CA LYS B 216 -54.77 -4.79 -13.21
C LYS B 216 -54.27 -5.80 -14.26
N ASP B 217 -52.95 -5.87 -14.42
CA ASP B 217 -52.35 -6.68 -15.47
C ASP B 217 -51.94 -8.08 -15.01
N GLN B 218 -51.91 -8.30 -13.70
CA GLN B 218 -51.35 -9.54 -13.14
C GLN B 218 -52.16 -10.80 -13.43
N LEU B 219 -53.48 -10.68 -13.46
CA LEU B 219 -54.38 -11.83 -13.65
C LEU B 219 -54.00 -12.73 -14.83
N GLU B 220 -53.83 -12.11 -16.00
CA GLU B 220 -53.61 -12.85 -17.24
C GLU B 220 -52.19 -13.41 -17.41
N PHE B 221 -51.37 -13.26 -16.37
CA PHE B 221 -50.09 -13.98 -16.30
C PHE B 221 -50.29 -15.38 -15.72
N ASP B 222 -51.47 -15.59 -15.11
CA ASP B 222 -51.78 -16.83 -14.40
C ASP B 222 -50.60 -17.16 -13.47
N MET B 223 -50.23 -16.17 -12.66
CA MET B 223 -49.04 -16.20 -11.82
C MET B 223 -49.06 -17.29 -10.76
N ASP B 224 -48.03 -18.12 -10.77
CA ASP B 224 -47.67 -18.92 -9.60
C ASP B 224 -46.44 -18.27 -8.97
N ILE B 225 -46.50 -18.02 -7.67
CA ILE B 225 -45.39 -17.35 -6.98
C ILE B 225 -44.22 -18.29 -6.68
N THR B 226 -43.04 -17.93 -7.20
CA THR B 226 -41.84 -18.74 -7.02
C THR B 226 -40.74 -17.97 -6.30
N TYR B 227 -39.91 -18.72 -5.58
CA TYR B 227 -38.86 -18.14 -4.74
C TYR B 227 -37.47 -18.65 -5.14
N THR B 228 -37.28 -18.87 -6.45
CA THR B 228 -35.99 -19.32 -6.99
C THR B 228 -34.92 -18.26 -6.77
N VAL B 229 -33.81 -18.67 -6.15
CA VAL B 229 -32.70 -17.77 -5.86
C VAL B 229 -31.94 -17.47 -7.15
N ILE B 230 -31.82 -16.19 -7.48
CA ILE B 230 -31.12 -15.76 -8.69
C ILE B 230 -29.84 -15.01 -8.34
N GLY B 231 -29.91 -14.14 -7.33
CA GLY B 231 -28.76 -13.34 -6.96
C GLY B 231 -28.87 -12.73 -5.59
N ASN B 232 -28.07 -11.70 -5.35
CA ASN B 232 -27.98 -11.05 -4.04
C ASN B 232 -27.73 -9.55 -4.18
N ILE B 233 -28.37 -8.78 -3.31
CA ILE B 233 -28.28 -7.33 -3.32
C ILE B 233 -27.71 -6.87 -1.97
N PRO B 234 -26.60 -6.10 -1.99
CA PRO B 234 -26.01 -5.64 -0.74
C PRO B 234 -26.92 -4.67 0.02
N ILE B 235 -26.97 -4.81 1.34
CA ILE B 235 -27.67 -3.86 2.21
C ILE B 235 -26.89 -3.61 3.52
N VAL B 236 -27.17 -2.47 4.15
CA VAL B 236 -26.85 -2.27 5.56
C VAL B 236 -28.17 -2.18 6.31
N LEU B 237 -28.13 -2.38 7.61
CA LEU B 237 -29.31 -2.18 8.44
C LEU B 237 -29.25 -0.81 9.11
N ARG B 238 -30.42 -0.36 9.57
CA ARG B 238 -30.52 0.70 10.56
C ARG B 238 -29.65 0.30 11.74
N GLU B 239 -28.76 1.20 12.17
CA GLU B 239 -27.74 0.92 13.20
C GLU B 239 -28.32 0.42 14.53
N SER B 240 -29.45 0.98 14.96
CA SER B 240 -30.09 0.60 16.22
C SER B 240 -30.69 -0.81 16.21
N LEU B 241 -30.70 -1.45 15.05
CA LEU B 241 -31.20 -2.81 14.91
C LEU B 241 -30.07 -3.83 15.02
N LEU B 242 -28.83 -3.35 15.00
CA LEU B 242 -27.67 -4.24 14.96
C LEU B 242 -27.49 -5.07 16.23
N MET B 243 -27.71 -4.44 17.38
CA MET B 243 -27.52 -5.10 18.68
C MET B 243 -28.40 -6.34 18.87
N ASP B 244 -29.66 -6.29 18.42
CA ASP B 244 -30.54 -7.43 18.61
C ASP B 244 -30.27 -8.52 17.55
N VAL B 245 -29.84 -8.10 16.36
CA VAL B 245 -29.39 -9.01 15.32
C VAL B 245 -28.14 -9.80 15.77
N ILE B 246 -27.18 -9.10 16.37
CA ILE B 246 -25.96 -9.72 16.90
C ILE B 246 -26.24 -10.61 18.13
N GLU B 247 -27.12 -10.14 19.02
CA GLU B 247 -27.54 -10.93 20.19
C GLU B 247 -28.27 -12.21 19.76
N ALA B 248 -29.09 -12.10 18.72
CA ALA B 248 -29.78 -13.24 18.14
C ALA B 248 -28.76 -14.29 17.68
N GLY B 249 -27.69 -13.82 17.04
CA GLY B 249 -26.56 -14.67 16.65
C GLY B 249 -25.87 -15.34 17.82
N GLU B 250 -25.65 -14.57 18.90
CA GLU B 250 -25.02 -15.12 20.11
C GLU B 250 -25.86 -16.23 20.74
N ARG B 251 -27.17 -16.00 20.83
CA ARG B 251 -28.09 -16.99 21.42
C ARG B 251 -28.19 -18.25 20.56
N VAL B 252 -28.11 -18.08 19.25
CA VAL B 252 -28.10 -19.19 18.30
C VAL B 252 -26.86 -20.08 18.52
N VAL B 253 -25.71 -19.44 18.69
CA VAL B 253 -24.45 -20.16 18.95
C VAL B 253 -24.49 -20.87 20.30
N LYS B 254 -24.89 -20.14 21.35
CA LYS B 254 -25.04 -20.69 22.70
C LYS B 254 -25.97 -21.90 22.71
N ALA B 255 -27.12 -21.78 22.04
CA ALA B 255 -28.07 -22.90 21.94
C ALA B 255 -27.46 -24.12 21.24
N ALA B 256 -26.66 -23.87 20.20
CA ALA B 256 -25.99 -24.94 19.45
C ALA B 256 -24.95 -25.66 20.29
N GLU B 257 -24.29 -24.92 21.17
CA GLU B 257 -23.31 -25.48 22.11
C GLU B 257 -23.98 -26.45 23.09
N GLU B 258 -25.22 -26.17 23.44
CA GLU B 258 -25.98 -27.04 24.37
C GLU B 258 -26.82 -28.12 23.67
N LEU B 259 -26.98 -28.03 22.35
CA LEU B 259 -27.82 -28.97 21.59
C LEU B 259 -27.07 -29.94 20.66
N MET B 260 -25.96 -29.48 20.09
CA MET B 260 -25.31 -30.23 19.01
C MET B 260 -23.78 -30.16 19.01
N GLY B 261 -23.21 -29.77 20.14
CA GLY B 261 -21.76 -29.68 20.27
C GLY B 261 -21.15 -28.42 19.68
N GLY B 262 -21.98 -27.43 19.41
CA GLY B 262 -21.51 -26.12 18.97
C GLY B 262 -21.83 -25.71 17.54
N LEU B 263 -21.72 -24.41 17.30
CA LEU B 263 -21.76 -23.83 15.95
C LEU B 263 -20.59 -22.87 15.81
N TRP B 264 -19.71 -23.14 14.86
CA TRP B 264 -18.63 -22.23 14.52
C TRP B 264 -18.50 -22.06 13.01
N GLY B 265 -17.81 -20.99 12.59
CA GLY B 265 -17.70 -20.67 11.18
C GLY B 265 -18.83 -19.77 10.72
N PRO B 266 -19.08 -19.74 9.40
CA PRO B 266 -20.12 -18.88 8.83
C PRO B 266 -21.54 -19.37 9.13
N PHE B 267 -22.43 -18.43 9.38
CA PHE B 267 -23.87 -18.73 9.36
C PHE B 267 -24.70 -17.50 9.05
N CYS B 268 -25.99 -17.74 8.82
CA CYS B 268 -26.93 -16.69 8.45
C CYS B 268 -28.29 -17.00 9.07
N LEU B 269 -28.97 -15.95 9.52
CA LEU B 269 -30.36 -16.06 9.93
C LEU B 269 -31.23 -15.43 8.84
N GLU B 270 -32.02 -16.27 8.17
CA GLU B 270 -32.87 -15.82 7.09
C GLU B 270 -34.24 -15.44 7.63
N GLY B 271 -34.61 -14.17 7.45
CA GLY B 271 -35.86 -13.66 8.02
C GLY B 271 -36.35 -12.37 7.42
N VAL B 272 -37.23 -11.70 8.14
CA VAL B 272 -37.82 -10.44 7.71
C VAL B 272 -37.87 -9.45 8.86
N PHE B 273 -37.89 -8.17 8.52
CA PHE B 273 -38.14 -7.13 9.50
C PHE B 273 -39.53 -6.54 9.28
N THR B 274 -40.32 -6.52 10.35
CA THR B 274 -41.68 -5.98 10.32
C THR B 274 -41.67 -4.48 10.66
N PRO B 275 -42.80 -3.77 10.39
CA PRO B 275 -42.98 -2.35 10.70
C PRO B 275 -42.72 -1.95 12.16
N ASP B 276 -42.86 -2.91 13.09
CA ASP B 276 -42.56 -2.65 14.50
C ASP B 276 -41.13 -3.06 14.89
N LEU B 277 -40.27 -3.23 13.87
CA LEU B 277 -38.83 -3.46 14.04
C LEU B 277 -38.48 -4.84 14.62
N GLU B 278 -39.38 -5.80 14.45
CA GLU B 278 -39.12 -7.17 14.88
C GLU B 278 -38.44 -7.98 13.79
N PHE B 279 -37.45 -8.79 14.20
CA PHE B 279 -36.78 -9.71 13.30
C PHE B 279 -37.35 -11.10 13.48
N VAL B 280 -38.13 -11.53 12.49
CA VAL B 280 -38.78 -12.83 12.51
C VAL B 280 -38.01 -13.76 11.57
N VAL B 281 -37.43 -14.80 12.13
CA VAL B 281 -36.54 -15.71 11.40
C VAL B 281 -37.26 -16.95 10.91
N PHE B 282 -37.08 -17.24 9.62
CA PHE B 282 -37.65 -18.43 9.00
C PHE B 282 -36.76 -19.64 9.21
N GLU B 283 -35.45 -19.43 9.08
CA GLU B 283 -34.48 -20.52 9.27
C GLU B 283 -33.09 -20.03 9.66
N ILE B 284 -32.37 -20.89 10.38
CA ILE B 284 -30.94 -20.72 10.57
C ILE B 284 -30.21 -21.52 9.50
N SER B 285 -29.48 -20.82 8.64
CA SER B 285 -28.63 -21.46 7.66
C SER B 285 -27.21 -21.50 8.20
N ALA B 286 -26.82 -22.67 8.73
CA ALA B 286 -25.54 -22.84 9.43
C ALA B 286 -24.41 -23.13 8.45
N ARG B 287 -24.21 -22.19 7.52
CA ARG B 287 -23.24 -22.32 6.45
C ARG B 287 -22.98 -20.94 5.84
N ILE B 288 -22.00 -20.88 4.93
CA ILE B 288 -21.76 -19.70 4.12
C ILE B 288 -22.91 -19.56 3.12
N VAL B 289 -23.51 -18.38 3.04
CA VAL B 289 -24.61 -18.18 2.11
C VAL B 289 -24.16 -17.36 0.90
N ALA B 290 -24.89 -17.48 -0.20
CA ALA B 290 -24.56 -16.79 -1.45
C ALA B 290 -24.41 -15.29 -1.28
N GLY B 291 -25.17 -14.71 -0.36
CA GLY B 291 -25.12 -13.26 -0.08
C GLY B 291 -23.73 -12.72 0.22
N THR B 292 -22.88 -13.55 0.82
CA THR B 292 -21.49 -13.18 1.12
C THR B 292 -20.66 -12.95 -0.16
N ASN B 293 -21.14 -13.42 -1.30
CA ASN B 293 -20.45 -13.30 -2.58
C ASN B 293 -20.24 -11.87 -3.06
N ILE B 294 -21.11 -10.95 -2.62
CA ILE B 294 -20.95 -9.52 -2.89
C ILE B 294 -19.65 -8.97 -2.30
N PHE B 295 -19.26 -9.49 -1.14
CA PHE B 295 -18.26 -8.81 -0.31
C PHE B 295 -16.83 -9.36 -0.37
N VAL B 296 -16.43 -9.80 -1.56
CA VAL B 296 -15.05 -10.18 -1.87
C VAL B 296 -14.07 -9.09 -1.43
N ASN B 297 -14.43 -7.83 -1.67
CA ASN B 297 -13.61 -6.71 -1.26
C ASN B 297 -14.06 -6.13 0.09
N GLY B 298 -14.53 -7.00 0.98
CA GLY B 298 -15.03 -6.58 2.29
C GLY B 298 -16.43 -5.99 2.23
N SER B 299 -16.95 -5.63 3.41
CA SER B 299 -18.30 -5.09 3.53
C SER B 299 -18.28 -3.81 4.39
N PRO B 300 -19.42 -3.09 4.44
CA PRO B 300 -19.48 -1.91 5.30
C PRO B 300 -19.28 -2.25 6.77
N TYR B 301 -19.41 -3.53 7.13
CA TYR B 301 -19.20 -3.98 8.52
C TYR B 301 -17.76 -4.43 8.81
N THR B 302 -17.15 -5.18 7.90
CA THR B 302 -15.76 -5.60 8.08
C THR B 302 -14.80 -4.41 8.03
N TRP B 303 -15.09 -3.44 7.15
CA TRP B 303 -14.26 -2.24 7.01
C TRP B 303 -14.33 -1.30 8.21
N LEU B 304 -15.23 -1.58 9.16
CA LEU B 304 -15.29 -0.88 10.43
C LEU B 304 -14.29 -1.45 11.43
N ARG B 305 -13.90 -2.71 11.21
CA ARG B 305 -13.03 -3.39 12.16
C ARG B 305 -11.75 -3.99 11.55
N TYR B 306 -11.60 -3.92 10.24
CA TYR B 306 -10.38 -4.39 9.57
C TYR B 306 -9.72 -3.31 8.71
N ASP B 307 -8.40 -3.42 8.53
CA ASP B 307 -7.64 -2.49 7.70
C ASP B 307 -7.51 -2.98 6.25
N ARG B 308 -8.12 -4.12 5.97
CA ARG B 308 -8.03 -4.78 4.66
C ARG B 308 -9.38 -5.42 4.28
N PRO B 309 -9.59 -5.76 3.00
CA PRO B 309 -10.84 -6.43 2.59
C PRO B 309 -11.00 -7.82 3.18
N VAL B 310 -12.10 -8.06 3.88
CA VAL B 310 -12.36 -9.37 4.48
C VAL B 310 -13.76 -9.91 4.11
N SER B 311 -13.80 -10.88 3.21
CA SER B 311 -15.03 -11.61 2.91
C SER B 311 -15.21 -12.74 3.93
N THR B 312 -16.34 -13.43 3.87
CA THR B 312 -16.55 -14.63 4.69
C THR B 312 -15.58 -15.75 4.26
N GLY B 313 -15.38 -15.89 2.96
CA GLY B 313 -14.36 -16.81 2.42
C GLY B 313 -12.98 -16.56 3.00
N ARG B 314 -12.56 -15.29 3.04
CA ARG B 314 -11.26 -14.95 3.61
C ARG B 314 -11.24 -15.21 5.11
N ARG B 315 -12.32 -14.83 5.78
CA ARG B 315 -12.46 -15.06 7.22
C ARG B 315 -12.38 -16.54 7.59
N ILE B 316 -12.94 -17.40 6.75
CA ILE B 316 -12.80 -18.87 6.91
C ILE B 316 -11.34 -19.28 6.83
N ALA B 317 -10.64 -18.79 5.81
CA ALA B 317 -9.21 -19.07 5.60
C ALA B 317 -8.37 -18.53 6.74
N MET B 318 -8.71 -17.33 7.21
CA MET B 318 -8.08 -16.72 8.39
C MET B 318 -8.20 -17.63 9.61
N GLU B 319 -9.41 -18.13 9.87
CA GLU B 319 -9.69 -19.04 10.98
C GLU B 319 -8.89 -20.35 10.91
N ILE B 320 -8.84 -20.96 9.71
CA ILE B 320 -8.08 -22.19 9.52
C ILE B 320 -6.57 -21.96 9.72
N ARG B 321 -6.03 -20.91 9.12
CA ARG B 321 -4.61 -20.53 9.31
C ARG B 321 -4.28 -20.31 10.79
N GLU B 322 -5.13 -19.57 11.50
CA GLU B 322 -4.93 -19.28 12.91
C GLU B 322 -5.05 -20.52 13.79
N ALA B 323 -5.97 -21.42 13.45
CA ALA B 323 -6.09 -22.71 14.14
C ALA B 323 -4.81 -23.52 14.01
N ILE B 324 -4.28 -23.61 12.79
CA ILE B 324 -2.99 -24.27 12.51
C ILE B 324 -1.85 -23.64 13.31
N GLU B 325 -1.81 -22.30 13.31
CA GLU B 325 -0.76 -21.55 14.00
C GLU B 325 -0.86 -21.64 15.52
N ASN B 326 -2.09 -21.82 16.02
CA ASN B 326 -2.34 -21.98 17.46
C ASN B 326 -2.39 -23.44 17.89
N ASP B 327 -2.01 -24.34 16.98
CA ASP B 327 -1.98 -25.78 17.23
C ASP B 327 -3.34 -26.33 17.72
N MET B 328 -4.41 -25.94 17.05
CA MET B 328 -5.76 -26.33 17.44
C MET B 328 -6.68 -26.60 16.25
N LEU B 329 -6.10 -27.04 15.14
CA LEU B 329 -6.86 -27.28 13.90
C LEU B 329 -8.01 -28.28 14.09
N GLU B 330 -7.74 -29.36 14.84
CA GLU B 330 -8.75 -30.39 15.12
C GLU B 330 -10.00 -29.83 15.83
N LYS B 331 -9.85 -28.68 16.49
CA LYS B 331 -10.94 -28.05 17.23
C LYS B 331 -12.00 -27.45 16.31
N VAL B 332 -11.61 -27.06 15.10
CA VAL B 332 -12.54 -26.48 14.12
C VAL B 332 -12.97 -27.45 13.00
N LEU B 333 -12.46 -28.69 13.06
CA LEU B 333 -12.79 -29.70 12.05
C LEU B 333 -13.58 -30.85 12.64
N THR B 334 -14.50 -31.40 11.87
CA THR B 334 -15.22 -32.62 12.25
C THR B 334 -15.26 -33.63 11.10
N MET C 1 -4.39 14.94 18.90
CA MET C 1 -5.50 15.92 18.74
C MET C 1 -6.03 16.34 20.10
N LYS C 2 -6.26 17.64 20.29
CA LYS C 2 -6.86 18.14 21.52
C LYS C 2 -8.34 17.77 21.52
N VAL C 3 -9.04 18.23 20.49
CA VAL C 3 -10.44 17.92 20.23
C VAL C 3 -10.67 16.42 20.09
N ARG C 4 -11.63 15.90 20.86
CA ARG C 4 -12.14 14.55 20.67
C ARG C 4 -13.49 14.64 19.97
N ILE C 5 -13.83 13.63 19.17
CA ILE C 5 -15.12 13.61 18.47
C ILE C 5 -16.13 12.73 19.21
N ALA C 6 -17.27 13.34 19.56
CA ALA C 6 -18.33 12.64 20.29
C ALA C 6 -19.63 12.55 19.49
N THR C 7 -20.34 11.44 19.64
CA THR C 7 -21.62 11.26 18.97
C THR C 7 -22.59 10.44 19.81
N TYR C 8 -23.88 10.65 19.58
CA TYR C 8 -24.92 9.87 20.24
C TYR C 8 -24.87 8.43 19.72
N ALA C 9 -24.97 7.47 20.64
CA ALA C 9 -24.78 6.05 20.32
C ALA C 9 -25.98 5.44 19.58
N SER C 10 -26.17 5.87 18.34
CA SER C 10 -27.21 5.35 17.46
C SER C 10 -27.04 5.90 16.05
N HIS C 11 -27.81 5.37 15.12
CA HIS C 11 -27.98 5.92 13.77
C HIS C 11 -26.81 5.82 12.78
N SER C 12 -25.69 6.46 13.10
CA SER C 12 -24.53 6.49 12.22
C SER C 12 -23.22 6.66 13.01
N ALA C 13 -23.29 6.38 14.31
CA ALA C 13 -22.16 6.49 15.23
C ALA C 13 -20.95 5.59 14.89
N LEU C 14 -21.20 4.41 14.34
CA LEU C 14 -20.11 3.49 13.97
C LEU C 14 -19.27 4.09 12.84
N GLN C 15 -19.96 4.59 11.81
CA GLN C 15 -19.32 5.27 10.68
C GLN C 15 -18.61 6.56 11.13
N ILE C 16 -19.31 7.40 11.89
CA ILE C 16 -18.75 8.67 12.35
C ILE C 16 -17.48 8.47 13.19
N LEU C 17 -17.54 7.55 14.16
CA LEU C 17 -16.40 7.32 15.04
C LEU C 17 -15.23 6.58 14.38
N LYS C 18 -15.52 5.72 13.41
CA LYS C 18 -14.48 5.06 12.62
C LYS C 18 -13.76 6.08 11.74
N GLY C 19 -14.55 6.98 11.13
CA GLY C 19 -14.02 8.09 10.36
C GLY C 19 -13.12 9.01 11.17
N ALA C 20 -13.50 9.25 12.42
CA ALA C 20 -12.72 10.07 13.35
C ALA C 20 -11.39 9.40 13.74
N LYS C 21 -11.46 8.10 14.00
CA LYS C 21 -10.27 7.28 14.27
C LYS C 21 -9.28 7.40 13.11
N ASP C 22 -9.78 7.25 11.88
CA ASP C 22 -8.98 7.31 10.66
C ASP C 22 -8.29 8.64 10.45
N GLU C 23 -8.81 9.71 11.06
CA GLU C 23 -8.21 11.03 10.95
C GLU C 23 -7.44 11.47 12.20
N GLY C 24 -7.28 10.55 13.15
CA GLY C 24 -6.42 10.76 14.31
C GLY C 24 -7.09 11.35 15.53
N PHE C 25 -8.42 11.25 15.59
CA PHE C 25 -9.16 11.72 16.75
C PHE C 25 -9.41 10.56 17.72
N GLU C 26 -9.37 10.87 19.01
CA GLU C 26 -9.94 9.99 20.01
C GLU C 26 -11.47 10.16 19.98
N THR C 27 -12.18 9.09 20.34
CA THR C 27 -13.64 9.01 20.09
C THR C 27 -14.45 8.78 21.35
N ILE C 28 -15.68 9.30 21.35
CA ILE C 28 -16.61 9.15 22.46
C ILE C 28 -17.99 8.81 21.92
N ALA C 29 -18.58 7.72 22.42
CA ALA C 29 -19.99 7.44 22.19
C ALA C 29 -20.76 7.64 23.49
N PHE C 30 -21.93 8.28 23.40
CA PHE C 30 -22.79 8.40 24.56
C PHE C 30 -24.21 7.95 24.25
N GLY C 31 -24.80 7.20 25.17
CA GLY C 31 -26.17 6.74 25.02
C GLY C 31 -26.51 5.60 25.96
N SER C 32 -27.27 4.64 25.43
CA SER C 32 -27.83 3.56 26.23
C SER C 32 -26.82 2.46 26.55
N SER C 33 -26.86 1.96 27.79
CA SER C 33 -25.97 0.89 28.24
C SER C 33 -26.20 -0.40 27.45
N LYS C 34 -27.42 -0.52 26.93
CA LYS C 34 -27.87 -1.64 26.10
C LYS C 34 -27.05 -1.82 24.82
N VAL C 35 -26.54 -0.71 24.27
CA VAL C 35 -25.80 -0.73 23.00
C VAL C 35 -24.28 -0.62 23.16
N LYS C 36 -23.80 -0.48 24.39
CA LYS C 36 -22.36 -0.36 24.65
C LYS C 36 -21.48 -1.40 23.95
N PRO C 37 -21.86 -2.71 24.00
CA PRO C 37 -21.05 -3.73 23.32
C PRO C 37 -20.87 -3.51 21.81
N LEU C 38 -21.86 -2.93 21.15
CA LEU C 38 -21.76 -2.64 19.71
C LEU C 38 -20.56 -1.74 19.37
N TYR C 39 -20.30 -0.78 20.25
CA TYR C 39 -19.32 0.27 20.02
C TYR C 39 -17.97 0.02 20.69
N THR C 40 -17.93 -0.99 21.56
CA THR C 40 -16.72 -1.28 22.34
C THR C 40 -16.20 -2.70 22.18
N LYS C 41 -17.04 -3.61 21.70
CA LYS C 41 -16.66 -5.02 21.56
C LYS C 41 -16.71 -5.49 20.11
N TYR C 42 -17.90 -5.45 19.51
CA TYR C 42 -18.11 -5.94 18.15
C TYR C 42 -17.48 -5.03 17.10
N PHE C 43 -17.67 -3.72 17.27
CA PHE C 43 -16.98 -2.72 16.47
C PHE C 43 -16.36 -1.69 17.43
N PRO C 44 -15.14 -1.98 17.95
CA PRO C 44 -14.50 -1.09 18.92
C PRO C 44 -14.00 0.22 18.29
N VAL C 45 -14.90 1.18 18.18
CA VAL C 45 -14.59 2.46 17.51
C VAL C 45 -14.69 3.64 18.48
N ALA C 46 -15.21 3.36 19.69
CA ALA C 46 -15.35 4.39 20.72
C ALA C 46 -14.39 4.14 21.86
N ASP C 47 -13.47 5.09 22.07
CA ASP C 47 -12.49 5.04 23.15
C ASP C 47 -13.13 5.32 24.50
N TYR C 48 -14.27 5.99 24.48
CA TYR C 48 -15.06 6.24 25.68
C TYR C 48 -16.51 5.92 25.40
N PHE C 49 -17.14 5.17 26.29
CA PHE C 49 -18.59 5.04 26.27
C PHE C 49 -19.19 5.59 27.55
N ILE C 50 -20.05 6.60 27.40
CA ILE C 50 -20.74 7.19 28.55
C ILE C 50 -22.21 6.82 28.53
N GLU C 51 -22.65 6.15 29.59
CA GLU C 51 -24.01 5.64 29.70
C GLU C 51 -24.97 6.69 30.27
N GLU C 52 -25.06 7.81 29.56
CA GLU C 52 -25.97 8.91 29.85
C GLU C 52 -26.52 9.49 28.55
N LYS C 53 -27.76 9.97 28.57
CA LYS C 53 -28.38 10.61 27.41
C LYS C 53 -27.52 11.75 26.85
N TYR C 54 -27.16 12.68 27.72
CA TYR C 54 -26.33 13.81 27.36
C TYR C 54 -25.43 14.22 28.52
N PRO C 55 -24.23 13.61 28.59
CA PRO C 55 -23.29 13.92 29.67
C PRO C 55 -22.50 15.18 29.38
N GLU C 56 -23.14 16.34 29.53
CA GLU C 56 -22.54 17.62 29.19
C GLU C 56 -21.22 17.88 29.93
N GLU C 57 -21.23 17.65 31.25
CA GLU C 57 -20.06 17.90 32.10
C GLU C 57 -18.84 17.11 31.62
N GLU C 58 -19.01 15.80 31.45
CA GLU C 58 -17.93 14.92 31.02
C GLU C 58 -17.47 15.24 29.60
N LEU C 59 -18.40 15.53 28.70
CA LEU C 59 -18.08 15.90 27.32
C LEU C 59 -17.16 17.13 27.22
N LEU C 60 -17.42 18.14 28.06
CA LEU C 60 -16.56 19.33 28.13
C LEU C 60 -15.17 19.00 28.69
N ASN C 61 -15.12 18.18 29.75
CA ASN C 61 -13.86 17.68 30.31
C ASN C 61 -13.00 16.94 29.28
N LEU C 62 -13.65 16.21 28.38
CA LEU C 62 -12.93 15.43 27.36
C LEU C 62 -12.66 16.23 26.08
N ASN C 63 -12.96 17.53 26.09
CA ASN C 63 -12.74 18.42 24.95
C ASN C 63 -13.52 17.97 23.71
N ALA C 64 -14.77 17.55 23.94
CA ALA C 64 -15.58 16.95 22.89
C ALA C 64 -16.23 17.96 21.95
N VAL C 65 -16.36 17.56 20.71
CA VAL C 65 -17.18 18.24 19.73
C VAL C 65 -18.21 17.20 19.28
N VAL C 66 -19.49 17.58 19.33
CA VAL C 66 -20.55 16.66 18.98
C VAL C 66 -20.85 16.72 17.47
N VAL C 67 -20.69 15.57 16.81
CA VAL C 67 -21.19 15.39 15.46
C VAL C 67 -22.61 14.83 15.60
N PRO C 68 -23.63 15.61 15.19
CA PRO C 68 -25.02 15.19 15.36
C PRO C 68 -25.41 14.00 14.47
N THR C 69 -26.15 13.06 15.07
CA THR C 69 -26.70 11.89 14.38
C THR C 69 -28.20 12.07 14.14
N GLY C 70 -28.81 11.08 13.49
CA GLY C 70 -30.22 11.11 13.16
C GLY C 70 -31.17 11.06 14.34
N SER C 71 -30.75 10.39 15.41
CA SER C 71 -31.58 10.23 16.60
C SER C 71 -31.31 11.29 17.67
N PHE C 72 -30.22 12.03 17.52
CA PHE C 72 -29.70 12.93 18.55
C PHE C 72 -30.67 14.04 18.98
N VAL C 73 -31.20 14.77 18.00
CA VAL C 73 -32.11 15.89 18.27
C VAL C 73 -33.45 15.38 18.83
N ALA C 74 -33.92 14.23 18.34
CA ALA C 74 -35.16 13.63 18.78
C ALA C 74 -35.10 13.12 20.22
N HIS C 75 -34.06 12.34 20.54
CA HIS C 75 -33.89 11.78 21.89
C HIS C 75 -33.69 12.85 22.96
N LEU C 76 -32.88 13.86 22.65
CA LEU C 76 -32.55 14.91 23.61
C LEU C 76 -33.53 16.09 23.60
N GLY C 77 -34.29 16.23 22.52
CA GLY C 77 -35.24 17.33 22.39
C GLY C 77 -34.58 18.56 21.79
N ILE C 78 -35.34 19.30 20.98
CA ILE C 78 -34.81 20.43 20.23
C ILE C 78 -34.29 21.59 21.11
N GLU C 79 -34.92 21.79 22.27
CA GLU C 79 -34.54 22.91 23.15
C GLU C 79 -33.19 22.70 23.84
N LEU C 80 -32.99 21.50 24.39
CA LEU C 80 -31.72 21.11 25.02
C LEU C 80 -30.55 21.24 24.03
N VAL C 81 -30.75 20.70 22.82
CA VAL C 81 -29.74 20.77 21.76
C VAL C 81 -29.39 22.21 21.42
N GLU C 82 -30.40 23.08 21.42
CA GLU C 82 -30.23 24.51 21.12
C GLU C 82 -29.38 25.22 22.17
N ASN C 83 -29.53 24.79 23.42
CA ASN C 83 -28.86 25.43 24.55
C ASN C 83 -27.62 24.71 25.07
N MET C 84 -27.27 23.59 24.44
CA MET C 84 -26.11 22.78 24.86
C MET C 84 -24.81 23.58 24.85
N LYS C 85 -23.97 23.38 25.87
CA LYS C 85 -22.70 24.09 26.01
C LYS C 85 -21.58 23.39 25.23
N VAL C 86 -21.79 22.12 24.91
CA VAL C 86 -20.83 21.35 24.11
C VAL C 86 -20.94 21.76 22.64
N PRO C 87 -19.79 22.08 22.00
CA PRO C 87 -19.78 22.44 20.57
C PRO C 87 -20.48 21.41 19.66
N TYR C 88 -21.17 21.92 18.64
CA TYR C 88 -22.01 21.14 17.76
C TYR C 88 -21.50 21.36 16.33
N PHE C 89 -21.09 20.27 15.68
CA PHE C 89 -20.61 20.38 14.30
C PHE C 89 -21.78 20.62 13.34
N GLY C 90 -21.75 21.76 12.67
CA GLY C 90 -22.83 22.17 11.79
C GLY C 90 -23.58 23.36 12.36
N ASN C 91 -24.58 23.82 11.64
CA ASN C 91 -25.37 24.98 12.07
C ASN C 91 -26.64 24.58 12.82
N LYS C 92 -26.67 24.89 14.12
CA LYS C 92 -27.84 24.64 14.97
C LYS C 92 -29.10 25.40 14.57
N ARG C 93 -28.93 26.53 13.90
CA ARG C 93 -30.08 27.35 13.45
C ARG C 93 -30.94 26.64 12.42
N VAL C 94 -30.36 25.63 11.77
CA VAL C 94 -31.04 24.85 10.75
C VAL C 94 -32.15 23.99 11.35
N LEU C 95 -32.01 23.62 12.62
CA LEU C 95 -32.91 22.67 13.28
C LEU C 95 -34.39 23.08 13.30
N ARG C 96 -34.65 24.37 13.54
CA ARG C 96 -36.01 24.91 13.55
C ARG C 96 -36.64 24.92 12.16
N TRP C 97 -35.81 25.01 11.13
CA TRP C 97 -36.28 25.00 9.75
C TRP C 97 -36.74 23.62 9.28
N GLU C 98 -36.09 22.57 9.79
CA GLU C 98 -36.42 21.21 9.39
C GLU C 98 -37.48 20.53 10.25
N SER C 99 -37.73 21.08 11.44
CA SER C 99 -38.75 20.54 12.35
C SER C 99 -40.15 21.03 11.97
N ASP C 100 -40.22 21.99 11.05
CA ASP C 100 -41.48 22.59 10.64
C ASP C 100 -41.67 22.40 9.13
N ARG C 101 -42.76 21.73 8.75
CA ARG C 101 -43.04 21.42 7.34
C ARG C 101 -43.29 22.66 6.48
N ASN C 102 -43.90 23.68 7.07
CA ASN C 102 -44.09 24.97 6.40
C ASN C 102 -42.76 25.68 6.11
N LEU C 103 -41.84 25.60 7.08
CA LEU C 103 -40.50 26.18 6.93
C LEU C 103 -39.60 25.40 5.97
N GLU C 104 -39.67 24.07 6.03
CA GLU C 104 -39.00 23.17 5.08
C GLU C 104 -39.39 23.57 3.66
N ARG C 105 -40.71 23.72 3.46
CA ARG C 105 -41.27 24.03 2.16
C ARG C 105 -40.79 25.38 1.64
N LYS C 106 -40.78 26.39 2.50
CA LYS C 106 -40.28 27.73 2.16
C LYS C 106 -38.80 27.69 1.74
N TRP C 107 -38.00 26.95 2.51
CA TRP C 107 -36.58 26.75 2.24
C TRP C 107 -36.35 26.09 0.88
N LEU C 108 -37.05 24.98 0.65
CA LEU C 108 -37.00 24.27 -0.63
C LEU C 108 -37.46 25.13 -1.81
N LYS C 109 -38.54 25.89 -1.63
CA LYS C 109 -39.08 26.75 -2.69
C LYS C 109 -38.10 27.86 -3.08
N LYS C 110 -37.48 28.47 -2.07
CA LYS C 110 -36.48 29.50 -2.29
C LYS C 110 -35.26 28.96 -3.02
N ALA C 111 -34.88 27.73 -2.70
CA ALA C 111 -33.76 27.04 -3.34
C ALA C 111 -34.11 26.46 -4.73
N GLY C 112 -35.29 26.78 -5.25
CA GLY C 112 -35.72 26.33 -6.58
C GLY C 112 -35.76 24.83 -6.76
N ILE C 113 -36.20 24.14 -5.70
CA ILE C 113 -36.30 22.68 -5.68
C ILE C 113 -37.74 22.28 -5.95
N ARG C 114 -37.94 21.27 -6.80
CA ARG C 114 -39.29 20.75 -7.08
C ARG C 114 -39.83 20.04 -5.86
N VAL C 115 -41.04 20.43 -5.48
CA VAL C 115 -41.74 19.85 -4.33
C VAL C 115 -43.14 19.40 -4.77
N PRO C 116 -43.74 18.46 -4.02
CA PRO C 116 -45.11 18.08 -4.35
C PRO C 116 -46.13 19.19 -4.01
N GLU C 117 -47.28 19.17 -4.68
CA GLU C 117 -48.40 20.04 -4.34
C GLU C 117 -48.89 19.71 -2.92
N VAL C 118 -49.34 20.73 -2.19
CA VAL C 118 -49.98 20.53 -0.88
C VAL C 118 -51.44 20.99 -0.86
N TYR C 119 -52.22 20.37 0.03
CA TYR C 119 -53.65 20.65 0.13
C TYR C 119 -54.01 21.06 1.55
N GLU C 120 -54.46 22.30 1.70
CA GLU C 120 -54.96 22.81 2.97
C GLU C 120 -56.37 22.28 3.24
N ASP C 121 -57.23 22.36 2.23
CA ASP C 121 -58.63 21.92 2.30
C ASP C 121 -58.75 20.56 1.62
N PRO C 122 -59.19 19.53 2.37
CA PRO C 122 -59.41 18.18 1.84
C PRO C 122 -60.40 18.09 0.67
N ASP C 123 -61.30 19.06 0.54
CA ASP C 123 -62.24 19.12 -0.58
C ASP C 123 -61.55 19.36 -1.92
N ASP C 124 -60.32 19.88 -1.87
CA ASP C 124 -59.58 20.19 -3.09
C ASP C 124 -58.76 19.02 -3.65
N ILE C 125 -58.79 17.89 -2.97
CA ILE C 125 -58.04 16.69 -3.39
C ILE C 125 -58.61 16.11 -4.69
N GLU C 126 -57.80 16.11 -5.74
CA GLU C 126 -58.21 15.65 -7.07
C GLU C 126 -57.40 14.45 -7.57
N LYS C 127 -56.17 14.32 -7.09
CA LYS C 127 -55.33 13.14 -7.33
C LYS C 127 -54.92 12.50 -6.00
N PRO C 128 -54.48 11.22 -6.03
CA PRO C 128 -54.06 10.52 -4.81
C PRO C 128 -53.07 11.32 -3.94
N VAL C 129 -53.26 11.24 -2.63
CA VAL C 129 -52.44 11.99 -1.67
C VAL C 129 -51.84 11.13 -0.56
N ILE C 130 -50.77 11.63 0.03
CA ILE C 130 -50.19 11.05 1.24
C ILE C 130 -50.44 12.01 2.39
N VAL C 131 -50.92 11.47 3.51
CA VAL C 131 -51.25 12.28 4.68
C VAL C 131 -50.17 12.11 5.73
N LYS C 132 -49.60 13.23 6.17
CA LYS C 132 -48.50 13.23 7.13
C LYS C 132 -48.93 13.87 8.43
N PRO C 133 -49.11 13.04 9.49
CA PRO C 133 -49.43 13.52 10.84
C PRO C 133 -48.41 14.51 11.37
N HIS C 134 -48.88 15.45 12.17
CA HIS C 134 -48.05 16.52 12.72
C HIS C 134 -46.85 16.01 13.55
N GLY C 135 -45.66 16.53 13.25
CA GLY C 135 -44.44 16.19 13.98
C GLY C 135 -43.87 14.82 13.67
N ALA C 136 -44.66 13.99 12.98
CA ALA C 136 -44.30 12.60 12.70
C ALA C 136 -42.96 12.44 12.00
N LYS C 137 -42.13 11.55 12.55
CA LYS C 137 -40.84 11.21 11.96
C LYS C 137 -40.77 9.72 11.61
N GLY C 138 -39.97 9.41 10.60
CA GLY C 138 -39.78 8.03 10.16
C GLY C 138 -40.98 7.43 9.44
N GLY C 139 -41.85 8.29 8.93
CA GLY C 139 -43.06 7.86 8.21
C GLY C 139 -44.21 7.43 9.10
N LYS C 140 -44.06 7.68 10.40
CA LYS C 140 -45.02 7.28 11.44
C LYS C 140 -46.43 7.86 11.20
N GLY C 141 -47.39 6.96 11.00
CA GLY C 141 -48.80 7.35 10.84
C GLY C 141 -49.25 7.76 9.44
N TYR C 142 -48.33 7.72 8.46
CA TYR C 142 -48.64 8.07 7.07
C TYR C 142 -49.70 7.15 6.49
N PHE C 143 -50.67 7.73 5.79
CA PHE C 143 -51.67 6.94 5.06
C PHE C 143 -52.07 7.59 3.74
N LEU C 144 -52.54 6.77 2.80
CA LEU C 144 -52.93 7.26 1.47
C LEU C 144 -54.43 7.52 1.39
N ALA C 145 -54.80 8.50 0.58
CA ALA C 145 -56.20 8.82 0.34
C ALA C 145 -56.41 9.20 -1.12
N LYS C 146 -57.58 8.84 -1.66
CA LYS C 146 -57.85 9.02 -3.09
C LYS C 146 -58.65 10.29 -3.42
N ASP C 147 -59.59 10.64 -2.55
CA ASP C 147 -60.45 11.82 -2.75
C ASP C 147 -60.90 12.39 -1.40
N PRO C 148 -61.67 13.51 -1.41
CA PRO C 148 -62.13 14.13 -0.15
C PRO C 148 -62.79 13.17 0.83
N GLU C 149 -63.80 12.42 0.38
CA GLU C 149 -64.58 11.57 1.29
C GLU C 149 -63.83 10.33 1.77
N ASP C 150 -62.96 9.80 0.91
CA ASP C 150 -62.06 8.72 1.33
C ASP C 150 -61.02 9.22 2.34
N PHE C 151 -60.56 10.46 2.17
CA PHE C 151 -59.70 11.09 3.18
C PHE C 151 -60.38 11.16 4.54
N TRP C 152 -61.64 11.61 4.56
CA TRP C 152 -62.39 11.80 5.80
C TRP C 152 -62.60 10.50 6.58
N ARG C 153 -62.90 9.42 5.86
CA ARG C 153 -63.04 8.09 6.46
C ARG C 153 -61.77 7.67 7.19
N LYS C 154 -60.63 7.78 6.51
CA LYS C 154 -59.35 7.32 7.07
C LYS C 154 -58.78 8.25 8.14
N ALA C 155 -59.12 9.54 8.06
CA ALA C 155 -58.68 10.52 9.06
C ALA C 155 -59.32 10.27 10.42
N GLU C 156 -60.58 9.84 10.41
CA GLU C 156 -61.30 9.45 11.63
C GLU C 156 -60.71 8.17 12.18
N LYS C 157 -60.41 7.23 11.28
CA LYS C 157 -59.90 5.91 11.64
C LYS C 157 -58.50 5.98 12.28
N PHE C 158 -57.56 6.62 11.58
CA PHE C 158 -56.15 6.63 12.02
C PHE C 158 -55.78 7.74 12.99
N LEU C 159 -56.47 8.88 12.88
CA LEU C 159 -56.09 10.07 13.65
C LEU C 159 -57.20 10.58 14.59
N GLY C 160 -58.41 10.07 14.40
CA GLY C 160 -59.55 10.48 15.23
C GLY C 160 -60.06 11.86 14.89
N ILE C 161 -59.89 12.26 13.63
CA ILE C 161 -60.37 13.55 13.15
C ILE C 161 -61.78 13.39 12.59
N LYS C 162 -62.75 14.01 13.28
CA LYS C 162 -64.14 14.04 12.84
C LYS C 162 -64.26 14.86 11.56
N ARG C 163 -65.17 14.43 10.67
CA ARG C 163 -65.33 15.05 9.36
C ARG C 163 -65.52 16.57 9.42
N LYS C 164 -65.03 17.25 8.38
CA LYS C 164 -65.02 18.72 8.28
C LYS C 164 -64.04 19.40 9.23
N GLU C 165 -62.85 19.63 8.70
CA GLU C 165 -61.74 20.35 9.34
C GLU C 165 -61.37 19.98 10.79
N ASP C 166 -60.75 20.95 11.49
CA ASP C 166 -59.89 20.68 12.64
C ASP C 166 -58.80 19.69 12.27
N LEU C 167 -58.01 20.06 11.26
CA LEU C 167 -56.87 19.27 10.83
C LEU C 167 -55.66 19.75 11.61
N LYS C 168 -55.32 19.00 12.66
CA LYS C 168 -54.27 19.39 13.62
C LYS C 168 -52.90 19.46 12.96
N ASN C 169 -52.59 20.61 12.37
CA ASN C 169 -51.42 20.81 11.49
C ASN C 169 -50.90 19.57 10.74
N ILE C 170 -51.84 18.84 10.13
CA ILE C 170 -51.55 17.68 9.30
C ILE C 170 -51.10 18.19 7.92
N GLN C 171 -50.17 17.48 7.28
CA GLN C 171 -49.85 17.82 5.90
C GLN C 171 -50.46 16.83 4.92
N ILE C 172 -51.27 17.35 4.01
CA ILE C 172 -51.82 16.57 2.91
C ILE C 172 -51.01 16.90 1.67
N GLN C 173 -50.37 15.89 1.10
CA GLN C 173 -49.44 16.09 0.01
C GLN C 173 -49.74 15.19 -1.16
N GLU C 174 -49.66 15.76 -2.36
CA GLU C 174 -49.69 15.01 -3.61
C GLU C 174 -48.73 13.81 -3.52
N TYR C 175 -49.24 12.60 -3.76
CA TYR C 175 -48.40 11.42 -3.85
C TYR C 175 -47.67 11.44 -5.18
N VAL C 176 -46.35 11.51 -5.13
CA VAL C 176 -45.54 11.54 -6.35
C VAL C 176 -45.06 10.14 -6.72
N LEU C 177 -45.52 9.67 -7.87
CA LEU C 177 -45.15 8.36 -8.39
C LEU C 177 -43.77 8.39 -9.09
N GLY C 178 -42.72 8.20 -8.29
CA GLY C 178 -41.36 8.12 -8.81
C GLY C 178 -40.56 7.21 -7.93
N VAL C 179 -39.35 6.86 -8.37
CA VAL C 179 -38.48 5.97 -7.60
C VAL C 179 -37.69 6.73 -6.52
N PRO C 180 -37.73 6.24 -5.27
CA PRO C 180 -37.00 6.86 -4.16
C PRO C 180 -35.49 6.93 -4.41
N VAL C 181 -34.92 8.11 -4.18
CA VAL C 181 -33.52 8.41 -4.44
C VAL C 181 -33.05 9.39 -3.35
N TYR C 182 -31.91 9.08 -2.72
CA TYR C 182 -31.40 9.87 -1.60
C TYR C 182 -29.93 10.24 -1.83
N PRO C 183 -29.67 11.38 -2.50
CA PRO C 183 -28.31 11.86 -2.67
C PRO C 183 -27.74 12.40 -1.36
N HIS C 184 -26.52 12.01 -1.04
CA HIS C 184 -25.84 12.45 0.17
C HIS C 184 -24.76 13.47 -0.17
N TYR C 185 -24.84 14.64 0.44
CA TYR C 185 -23.92 15.75 0.17
C TYR C 185 -23.05 16.06 1.36
N PHE C 186 -21.97 16.78 1.09
CA PHE C 186 -21.18 17.42 2.13
C PHE C 186 -20.75 18.78 1.61
N TYR C 187 -21.09 19.83 2.35
CA TYR C 187 -20.52 21.14 2.06
C TYR C 187 -19.36 21.45 3.01
N SER C 188 -18.19 21.68 2.43
CA SER C 188 -17.02 22.07 3.20
C SER C 188 -16.98 23.59 3.35
N LYS C 189 -17.01 24.07 4.59
CA LYS C 189 -16.85 25.49 4.86
C LYS C 189 -15.36 25.86 4.79
N VAL C 190 -14.51 24.91 5.13
CA VAL C 190 -13.05 25.05 5.01
C VAL C 190 -12.62 25.21 3.55
N ARG C 191 -13.21 24.41 2.66
CA ARG C 191 -12.87 24.43 1.24
C ARG C 191 -13.72 25.39 0.40
N GLU C 192 -14.89 25.76 0.93
CA GLU C 192 -15.92 26.47 0.18
C GLU C 192 -16.33 25.69 -1.06
N GLU C 193 -16.70 24.42 -0.85
CA GLU C 193 -16.96 23.47 -1.92
C GLU C 193 -18.10 22.52 -1.53
N LEU C 194 -19.00 22.30 -2.48
CA LEU C 194 -20.03 21.27 -2.32
C LEU C 194 -19.57 19.97 -2.99
N GLU C 195 -19.72 18.87 -2.26
CA GLU C 195 -19.41 17.53 -2.74
C GLU C 195 -20.65 16.66 -2.76
N LEU C 196 -20.70 15.75 -3.72
CA LEU C 196 -21.63 14.64 -3.70
C LEU C 196 -20.88 13.43 -3.13
N MET C 197 -21.32 12.97 -1.97
CA MET C 197 -20.64 11.91 -1.25
C MET C 197 -21.02 10.52 -1.74
N SER C 198 -22.32 10.33 -1.94
CA SER C 198 -22.89 9.03 -2.26
C SER C 198 -24.38 9.18 -2.50
N ILE C 199 -25.03 8.10 -2.93
CA ILE C 199 -26.48 8.05 -3.08
C ILE C 199 -26.96 6.68 -2.62
N ASP C 200 -28.14 6.64 -2.03
CA ASP C 200 -28.76 5.37 -1.68
C ASP C 200 -30.27 5.36 -1.92
N ARG C 201 -30.86 4.18 -1.80
CA ARG C 201 -32.30 4.03 -1.73
C ARG C 201 -32.60 3.39 -0.38
N ARG C 202 -33.37 4.10 0.43
CA ARG C 202 -33.76 3.62 1.76
C ARG C 202 -34.69 2.40 1.68
N TYR C 203 -34.50 1.47 2.61
CA TYR C 203 -35.20 0.20 2.65
C TYR C 203 -36.21 0.22 3.79
N GLU C 204 -37.50 0.09 3.45
CA GLU C 204 -38.60 0.38 4.39
C GLU C 204 -39.65 -0.72 4.46
N SER C 205 -40.17 -0.95 5.66
CA SER C 205 -41.21 -1.97 5.89
C SER C 205 -42.49 -1.31 6.43
N ASN C 206 -43.67 -1.76 5.98
CA ASN C 206 -43.86 -2.90 5.08
C ASN C 206 -43.85 -2.55 3.60
N VAL C 207 -43.65 -1.26 3.31
CA VAL C 207 -43.84 -0.72 1.95
C VAL C 207 -43.05 -1.47 0.87
N ASP C 208 -41.79 -1.81 1.17
CA ASP C 208 -40.95 -2.55 0.22
C ASP C 208 -41.17 -4.07 0.28
N ALA C 209 -42.08 -4.51 1.16
CA ALA C 209 -42.43 -5.93 1.27
C ALA C 209 -43.70 -6.32 0.50
N ILE C 210 -44.60 -5.35 0.30
CA ILE C 210 -45.93 -5.62 -0.28
C ILE C 210 -45.88 -5.99 -1.76
N GLY C 211 -44.85 -5.53 -2.47
CA GLY C 211 -44.69 -5.82 -3.90
C GLY C 211 -44.32 -7.27 -4.17
N ARG C 212 -44.08 -8.03 -3.11
CA ARG C 212 -43.79 -9.46 -3.18
C ARG C 212 -45.08 -10.29 -3.07
N ILE C 213 -46.16 -9.62 -2.70
CA ILE C 213 -47.47 -10.27 -2.58
C ILE C 213 -48.31 -9.92 -3.80
N PRO C 214 -48.76 -10.95 -4.54
CA PRO C 214 -49.59 -10.71 -5.73
C PRO C 214 -50.85 -9.93 -5.37
N ALA C 215 -51.33 -9.13 -6.31
CA ALA C 215 -52.54 -8.33 -6.15
C ALA C 215 -53.71 -9.14 -5.55
N LYS C 216 -53.95 -10.33 -6.10
CA LYS C 216 -55.08 -11.18 -5.66
C LYS C 216 -55.00 -11.62 -4.19
N ASP C 217 -53.78 -11.68 -3.64
CA ASP C 217 -53.56 -12.13 -2.27
C ASP C 217 -53.44 -10.99 -1.26
N GLN C 218 -53.40 -9.75 -1.74
CA GLN C 218 -53.16 -8.59 -0.88
C GLN C 218 -54.30 -8.25 0.10
N LEU C 219 -55.55 -8.35 -0.35
CA LEU C 219 -56.71 -8.00 0.47
C LEU C 219 -56.87 -8.84 1.74
N GLU C 220 -56.40 -10.08 1.67
CA GLU C 220 -56.44 -11.03 2.80
C GLU C 220 -55.60 -10.58 4.00
N PHE C 221 -54.64 -9.69 3.74
CA PHE C 221 -53.71 -9.22 4.77
C PHE C 221 -54.22 -8.05 5.59
N ASP C 222 -55.24 -7.35 5.08
CA ASP C 222 -55.73 -6.11 5.70
C ASP C 222 -54.53 -5.19 5.95
N MET C 223 -53.86 -4.84 4.85
CA MET C 223 -52.61 -4.09 4.86
C MET C 223 -52.79 -2.61 5.15
N ASP C 224 -52.25 -2.16 6.29
CA ASP C 224 -51.96 -0.75 6.49
C ASP C 224 -50.51 -0.53 6.09
N ILE C 225 -50.32 0.32 5.07
CA ILE C 225 -48.99 0.59 4.53
C ILE C 225 -48.13 1.40 5.51
N THR C 226 -46.91 0.92 5.74
CA THR C 226 -45.99 1.56 6.69
C THR C 226 -44.63 1.83 6.07
N TYR C 227 -43.95 2.85 6.60
CA TYR C 227 -42.67 3.30 6.07
C TYR C 227 -41.57 3.26 7.12
N THR C 228 -41.62 2.26 8.00
CA THR C 228 -40.56 2.06 9.00
C THR C 228 -39.23 1.80 8.30
N VAL C 229 -38.23 2.61 8.64
CA VAL C 229 -36.89 2.48 8.08
C VAL C 229 -36.21 1.22 8.65
N ILE C 230 -35.76 0.34 7.74
CA ILE C 230 -35.11 -0.91 8.13
C ILE C 230 -33.62 -0.90 7.75
N GLY C 231 -33.31 -0.42 6.55
CA GLY C 231 -31.93 -0.39 6.08
C GLY C 231 -31.72 0.51 4.89
N ASN C 232 -30.66 0.24 4.14
CA ASN C 232 -30.28 1.07 3.01
C ASN C 232 -29.62 0.23 1.93
N ILE C 233 -29.93 0.58 0.68
CA ILE C 233 -29.39 -0.11 -0.50
C ILE C 233 -28.60 0.90 -1.33
N PRO C 234 -27.34 0.57 -1.67
CA PRO C 234 -26.51 1.49 -2.49
C PRO C 234 -27.02 1.63 -3.92
N ILE C 235 -26.94 2.84 -4.46
CA ILE C 235 -27.25 3.10 -5.87
C ILE C 235 -26.26 4.10 -6.47
N VAL C 236 -26.24 4.17 -7.80
CA VAL C 236 -25.68 5.32 -8.51
C VAL C 236 -26.81 5.89 -9.37
N LEU C 237 -26.67 7.13 -9.79
CA LEU C 237 -27.60 7.71 -10.75
C LEU C 237 -27.06 7.62 -12.16
N ARG C 238 -27.99 7.66 -13.12
CA ARG C 238 -27.71 8.04 -14.49
C ARG C 238 -26.86 9.32 -14.50
N GLU C 239 -25.76 9.31 -15.24
CA GLU C 239 -24.76 10.39 -15.17
C GLU C 239 -25.28 11.76 -15.58
N SER C 240 -26.13 11.81 -16.61
CA SER C 240 -26.76 13.07 -17.05
C SER C 240 -27.66 13.71 -15.99
N LEU C 241 -27.94 12.99 -14.91
CA LEU C 241 -28.80 13.49 -13.84
C LEU C 241 -28.02 14.16 -12.70
N LEU C 242 -26.70 13.99 -12.71
CA LEU C 242 -25.87 14.44 -11.58
C LEU C 242 -25.79 15.95 -11.44
N MET C 243 -25.69 16.64 -12.58
CA MET C 243 -25.58 18.10 -12.58
C MET C 243 -26.79 18.75 -11.89
N ASP C 244 -27.99 18.30 -12.25
CA ASP C 244 -29.24 18.78 -11.65
C ASP C 244 -29.26 18.54 -10.14
N VAL C 245 -28.88 17.33 -9.74
CA VAL C 245 -28.81 16.93 -8.34
C VAL C 245 -27.75 17.75 -7.55
N ILE C 246 -26.62 18.03 -8.19
CA ILE C 246 -25.54 18.81 -7.57
C ILE C 246 -25.87 20.30 -7.51
N GLU C 247 -26.51 20.83 -8.56
CA GLU C 247 -26.97 22.22 -8.56
C GLU C 247 -28.09 22.44 -7.52
N ALA C 248 -28.93 21.43 -7.33
CA ALA C 248 -29.97 21.46 -6.30
C ALA C 248 -29.35 21.67 -4.91
N GLY C 249 -28.32 20.88 -4.60
CA GLY C 249 -27.57 21.03 -3.36
C GLY C 249 -26.92 22.40 -3.21
N GLU C 250 -26.43 22.97 -4.31
CA GLU C 250 -25.83 24.31 -4.29
C GLU C 250 -26.86 25.38 -3.93
N ARG C 251 -28.05 25.27 -4.51
CA ARG C 251 -29.11 26.25 -4.25
C ARG C 251 -29.63 26.12 -2.82
N VAL C 252 -29.67 24.88 -2.32
CA VAL C 252 -30.07 24.60 -0.94
C VAL C 252 -29.10 25.25 0.05
N VAL C 253 -27.81 25.17 -0.25
CA VAL C 253 -26.75 25.78 0.56
C VAL C 253 -26.80 27.32 0.49
N LYS C 254 -27.01 27.85 -0.72
CA LYS C 254 -27.13 29.29 -0.93
C LYS C 254 -28.36 29.87 -0.22
N ALA C 255 -29.51 29.19 -0.36
CA ALA C 255 -30.72 29.58 0.37
C ALA C 255 -30.54 29.61 1.88
N ALA C 256 -29.84 28.60 2.42
CA ALA C 256 -29.56 28.52 3.86
C ALA C 256 -28.64 29.63 4.38
N GLU C 257 -27.76 30.14 3.51
CA GLU C 257 -26.88 31.24 3.86
C GLU C 257 -27.65 32.55 4.00
N GLU C 258 -28.65 32.74 3.15
CA GLU C 258 -29.49 33.93 3.22
C GLU C 258 -30.60 33.83 4.29
N LEU C 259 -31.03 32.60 4.59
CA LEU C 259 -32.12 32.36 5.55
C LEU C 259 -31.69 32.11 7.01
N MET C 260 -30.63 31.34 7.23
CA MET C 260 -30.36 30.81 8.56
C MET C 260 -28.89 30.77 8.97
N GLY C 261 -28.07 31.62 8.35
CA GLY C 261 -26.65 31.69 8.67
C GLY C 261 -25.82 30.56 8.10
N GLY C 262 -26.35 29.87 7.10
CA GLY C 262 -25.59 28.86 6.35
C GLY C 262 -25.96 27.42 6.57
N LEU C 263 -25.53 26.58 5.63
CA LEU C 263 -25.58 25.13 5.79
C LEU C 263 -24.21 24.55 5.44
N TRP C 264 -23.59 23.86 6.39
CA TRP C 264 -22.34 23.15 6.13
C TRP C 264 -22.33 21.77 6.77
N GLY C 265 -21.39 20.93 6.35
CA GLY C 265 -21.33 19.55 6.80
C GLY C 265 -22.24 18.67 5.95
N PRO C 266 -22.64 17.50 6.48
CA PRO C 266 -23.48 16.58 5.71
C PRO C 266 -24.94 17.05 5.57
N PHE C 267 -25.53 16.75 4.42
CA PHE C 267 -26.98 16.85 4.24
C PHE C 267 -27.48 15.90 3.14
N CYS C 268 -28.79 15.70 3.10
CA CYS C 268 -29.43 14.82 2.15
C CYS C 268 -30.74 15.42 1.70
N LEU C 269 -30.99 15.40 0.39
CA LEU C 269 -32.30 15.71 -0.17
C LEU C 269 -33.04 14.40 -0.42
N GLU C 270 -34.20 14.25 0.20
CA GLU C 270 -34.97 13.01 0.16
C GLU C 270 -36.14 13.17 -0.80
N GLY C 271 -36.19 12.34 -1.83
CA GLY C 271 -37.22 12.46 -2.84
C GLY C 271 -37.32 11.30 -3.82
N VAL C 272 -37.93 11.58 -4.96
CA VAL C 272 -38.17 10.58 -6.00
C VAL C 272 -37.81 11.15 -7.36
N PHE C 273 -37.51 10.25 -8.29
CA PHE C 273 -37.33 10.62 -9.68
C PHE C 273 -38.49 10.11 -10.51
N THR C 274 -39.15 11.04 -11.19
CA THR C 274 -40.31 10.72 -12.03
C THR C 274 -39.85 10.33 -13.44
N PRO C 275 -40.75 9.72 -14.24
CA PRO C 275 -40.45 9.31 -15.63
C PRO C 275 -39.95 10.43 -16.54
N ASP C 276 -40.33 11.68 -16.27
CA ASP C 276 -39.85 12.83 -17.03
C ASP C 276 -38.49 13.34 -16.53
N LEU C 277 -37.87 12.56 -15.64
CA LEU C 277 -36.52 12.81 -15.12
C LEU C 277 -36.41 13.97 -14.11
N GLU C 278 -37.56 14.38 -13.56
CA GLU C 278 -37.58 15.44 -12.56
C GLU C 278 -37.29 14.89 -11.16
N PHE C 279 -36.52 15.64 -10.38
CA PHE C 279 -36.23 15.30 -9.00
C PHE C 279 -37.20 16.05 -8.08
N VAL C 280 -38.17 15.34 -7.54
CA VAL C 280 -39.15 15.92 -6.62
C VAL C 280 -38.76 15.56 -5.19
N VAL C 281 -38.59 16.59 -4.36
CA VAL C 281 -38.01 16.44 -3.02
C VAL C 281 -39.05 16.63 -1.92
N PHE C 282 -39.08 15.68 -0.98
CA PHE C 282 -40.03 15.71 0.11
C PHE C 282 -39.50 16.48 1.31
N GLU C 283 -38.19 16.39 1.52
CA GLU C 283 -37.54 17.15 2.58
C GLU C 283 -36.02 17.22 2.42
N ILE C 284 -35.45 18.29 2.96
CA ILE C 284 -34.02 18.33 3.23
C ILE C 284 -33.74 17.80 4.64
N SER C 285 -32.92 16.76 4.71
CA SER C 285 -32.41 16.28 5.99
C SER C 285 -31.01 16.86 6.18
N ALA C 286 -30.89 17.81 7.10
CA ALA C 286 -29.67 18.60 7.28
C ALA C 286 -28.71 17.96 8.28
N ARG C 287 -28.35 16.72 7.97
CA ARG C 287 -27.49 15.92 8.83
C ARG C 287 -26.96 14.74 8.04
N ILE C 288 -26.12 13.94 8.68
CA ILE C 288 -25.70 12.65 8.16
C ILE C 288 -26.92 11.72 8.20
N VAL C 289 -27.18 11.05 7.08
CA VAL C 289 -28.30 10.12 6.99
C VAL C 289 -27.80 8.69 6.98
N ALA C 290 -28.69 7.75 7.29
CA ALA C 290 -28.32 6.34 7.47
C ALA C 290 -27.72 5.71 6.21
N GLY C 291 -28.18 6.17 5.04
CA GLY C 291 -27.69 5.66 3.76
C GLY C 291 -26.19 5.78 3.55
N THR C 292 -25.57 6.74 4.22
CA THR C 292 -24.12 6.92 4.17
C THR C 292 -23.35 5.76 4.83
N ASN C 293 -24.04 4.98 5.68
CA ASN C 293 -23.44 3.82 6.39
C ASN C 293 -22.95 2.70 5.47
N ILE C 294 -23.45 2.68 4.23
CA ILE C 294 -23.00 1.70 3.23
C ILE C 294 -21.55 1.99 2.82
N PHE C 295 -21.17 3.26 2.89
CA PHE C 295 -19.97 3.71 2.21
C PHE C 295 -18.76 3.97 3.11
N VAL C 296 -18.60 3.11 4.12
CA VAL C 296 -17.40 3.12 4.98
C VAL C 296 -16.12 3.00 4.16
N ASN C 297 -16.14 2.13 3.15
CA ASN C 297 -15.01 1.97 2.23
C ASN C 297 -15.16 2.85 0.97
N GLY C 298 -15.61 4.08 1.16
CA GLY C 298 -15.84 5.01 0.06
C GLY C 298 -17.06 4.66 -0.79
N SER C 299 -17.26 5.42 -1.86
CA SER C 299 -18.42 5.26 -2.71
C SER C 299 -18.02 5.41 -4.17
N PRO C 300 -18.90 5.00 -5.10
CA PRO C 300 -18.57 5.17 -6.52
C PRO C 300 -18.26 6.63 -6.86
N TYR C 301 -18.73 7.56 -6.03
CA TYR C 301 -18.50 8.99 -6.23
C TYR C 301 -17.22 9.53 -5.56
N THR C 302 -16.92 9.08 -4.34
CA THR C 302 -15.68 9.50 -3.69
C THR C 302 -14.42 8.92 -4.34
N TRP C 303 -14.51 7.67 -4.79
CA TRP C 303 -13.41 7.00 -5.51
C TRP C 303 -13.11 7.60 -6.90
N LEU C 304 -13.96 8.51 -7.35
CA LEU C 304 -13.70 9.27 -8.59
C LEU C 304 -12.78 10.47 -8.34
N ARG C 305 -12.66 10.89 -7.09
CA ARG C 305 -11.92 12.10 -6.73
C ARG C 305 -10.96 11.97 -5.52
N TYR C 306 -10.95 10.81 -4.87
CA TYR C 306 -9.98 10.53 -3.80
C TYR C 306 -9.21 9.25 -4.09
N ASP C 307 -8.01 9.15 -3.51
CA ASP C 307 -7.16 7.96 -3.62
C ASP C 307 -7.32 7.01 -2.43
N ARG C 308 -8.29 7.29 -1.56
CA ARG C 308 -8.49 6.52 -0.34
C ARG C 308 -9.99 6.42 -0.04
N PRO C 309 -10.42 5.45 0.80
CA PRO C 309 -11.84 5.36 1.15
C PRO C 309 -12.30 6.55 2.00
N VAL C 310 -13.38 7.21 1.57
CA VAL C 310 -13.91 8.39 2.28
C VAL C 310 -15.42 8.29 2.49
N SER C 311 -15.82 7.85 3.68
CA SER C 311 -17.22 7.87 4.08
C SER C 311 -17.60 9.30 4.45
N THR C 312 -18.89 9.55 4.69
CA THR C 312 -19.35 10.85 5.18
C THR C 312 -18.78 11.11 6.58
N GLY C 313 -18.73 10.06 7.41
CA GLY C 313 -18.10 10.11 8.73
C GLY C 313 -16.65 10.57 8.68
N ARG C 314 -15.86 10.00 7.77
CA ARG C 314 -14.47 10.40 7.60
C ARG C 314 -14.38 11.82 7.07
N ARG C 315 -15.27 12.17 6.14
CA ARG C 315 -15.32 13.51 5.57
C ARG C 315 -15.55 14.60 6.62
N ILE C 316 -16.39 14.29 7.61
CA ILE C 316 -16.63 15.19 8.74
C ILE C 316 -15.34 15.39 9.53
N ALA C 317 -14.68 14.27 9.87
CA ALA C 317 -13.44 14.30 10.65
C ALA C 317 -12.34 15.06 9.90
N MET C 318 -12.29 14.84 8.58
CA MET C 318 -11.40 15.60 7.69
C MET C 318 -11.61 17.11 7.83
N GLU C 319 -12.89 17.53 7.74
CA GLU C 319 -13.27 18.94 7.85
C GLU C 319 -12.87 19.54 9.20
N ILE C 320 -13.17 18.81 10.27
CA ILE C 320 -12.82 19.25 11.62
C ILE C 320 -11.30 19.39 11.75
N ARG C 321 -10.56 18.37 11.29
CA ARG C 321 -9.09 18.39 11.32
C ARG C 321 -8.50 19.56 10.54
N GLU C 322 -8.92 19.74 9.29
CA GLU C 322 -8.46 20.85 8.47
C GLU C 322 -8.85 22.22 9.04
N ALA C 323 -10.00 22.30 9.70
CA ALA C 323 -10.41 23.54 10.39
C ALA C 323 -9.44 23.90 11.52
N ILE C 324 -9.09 22.91 12.36
CA ILE C 324 -8.08 23.06 13.42
C ILE C 324 -6.73 23.51 12.84
N GLU C 325 -6.35 22.87 11.74
CA GLU C 325 -5.07 23.12 11.07
C GLU C 325 -5.03 24.46 10.32
N ASN C 326 -6.20 25.01 10.04
CA ASN C 326 -6.31 26.32 9.40
C ASN C 326 -6.81 27.41 10.36
N ASP C 327 -6.75 27.11 11.66
CA ASP C 327 -7.19 28.01 12.73
C ASP C 327 -8.57 28.64 12.47
N MET C 328 -9.56 27.78 12.21
CA MET C 328 -10.91 28.24 11.90
C MET C 328 -11.98 27.26 12.40
N LEU C 329 -11.65 26.50 13.43
CA LEU C 329 -12.56 25.49 13.99
C LEU C 329 -13.91 26.08 14.44
N GLU C 330 -13.85 27.27 15.04
CA GLU C 330 -15.05 27.98 15.49
C GLU C 330 -16.01 28.33 14.35
N LYS C 331 -15.51 28.41 13.11
CA LYS C 331 -16.33 28.68 11.93
C LYS C 331 -17.30 27.54 11.61
N VAL C 332 -16.89 26.30 11.90
CA VAL C 332 -17.71 25.11 11.62
C VAL C 332 -18.49 24.56 12.82
N LEU C 333 -18.42 25.26 13.97
CA LEU C 333 -19.14 24.84 15.17
C LEU C 333 -20.10 25.91 15.68
N THR C 334 -21.29 25.50 16.10
CA THR C 334 -22.25 26.41 16.73
C THR C 334 -22.63 25.93 18.13
N MET D 1 -0.65 -17.16 17.18
CA MET D 1 0.43 -18.16 17.24
C MET D 1 0.58 -18.69 18.66
N LYS D 2 0.79 -19.99 18.77
CA LYS D 2 1.06 -20.64 20.04
C LYS D 2 2.49 -20.30 20.48
N VAL D 3 3.45 -20.67 19.63
CA VAL D 3 4.87 -20.36 19.81
C VAL D 3 5.12 -18.86 19.95
N ARG D 4 5.92 -18.51 20.96
CA ARG D 4 6.44 -17.15 21.09
C ARG D 4 7.93 -17.15 20.76
N ILE D 5 8.40 -16.05 20.16
CA ILE D 5 9.81 -15.93 19.82
C ILE D 5 10.57 -15.17 20.92
N ALA D 6 11.58 -15.84 21.46
CA ALA D 6 12.36 -15.32 22.57
C ALA D 6 13.82 -15.12 22.19
N THR D 7 14.44 -14.09 22.77
CA THR D 7 15.85 -13.86 22.54
C THR D 7 16.55 -13.16 23.70
N TYR D 8 17.85 -13.40 23.81
CA TYR D 8 18.67 -12.70 24.79
C TYR D 8 18.72 -11.22 24.41
N ALA D 9 18.56 -10.35 25.40
CA ALA D 9 18.47 -8.91 25.18
C ALA D 9 19.82 -8.27 24.84
N SER D 10 20.36 -8.63 23.67
CA SER D 10 21.62 -8.06 23.18
C SER D 10 21.85 -8.35 21.69
N HIS D 11 22.86 -7.68 21.12
CA HIS D 11 23.42 -8.00 19.80
C HIS D 11 22.53 -7.70 18.58
N SER D 12 21.34 -8.29 18.57
CA SER D 12 20.44 -8.20 17.40
C SER D 12 18.98 -8.47 17.77
N ALA D 13 18.68 -8.38 19.07
CA ALA D 13 17.34 -8.63 19.59
C ALA D 13 16.27 -7.65 19.06
N LEU D 14 16.65 -6.39 18.85
CA LEU D 14 15.72 -5.43 18.25
C LEU D 14 15.22 -5.90 16.88
N GLN D 15 16.17 -6.27 16.02
CA GLN D 15 15.85 -6.83 14.70
C GLN D 15 15.06 -8.14 14.79
N ILE D 16 15.49 -9.04 15.68
CA ILE D 16 14.85 -10.36 15.82
C ILE D 16 13.39 -10.26 16.29
N LEU D 17 13.14 -9.37 17.24
CA LEU D 17 11.80 -9.24 17.82
C LEU D 17 10.83 -8.43 16.96
N LYS D 18 11.35 -7.41 16.26
CA LYS D 18 10.55 -6.68 15.29
C LYS D 18 10.15 -7.60 14.13
N GLY D 19 11.08 -8.44 13.69
CA GLY D 19 10.82 -9.43 12.64
C GLY D 19 9.78 -10.45 13.06
N ALA D 20 9.89 -10.93 14.30
CA ALA D 20 8.93 -11.84 14.90
C ALA D 20 7.53 -11.23 14.91
N LYS D 21 7.46 -9.98 15.34
CA LYS D 21 6.25 -9.18 15.39
C LYS D 21 5.61 -9.05 14.01
N ASP D 22 6.44 -8.79 13.00
CA ASP D 22 5.99 -8.67 11.62
C ASP D 22 5.33 -9.94 11.08
N GLU D 23 5.68 -11.08 11.67
CA GLU D 23 5.18 -12.39 11.26
C GLU D 23 4.08 -12.93 12.18
N GLY D 24 3.60 -12.10 13.09
CA GLY D 24 2.46 -12.44 13.94
C GLY D 24 2.79 -13.16 15.23
N PHE D 25 4.06 -13.15 15.63
CA PHE D 25 4.46 -13.75 16.91
C PHE D 25 4.42 -12.74 18.05
N GLU D 26 4.07 -13.22 19.24
CA GLU D 26 4.34 -12.47 20.46
C GLU D 26 5.81 -12.63 20.83
N THR D 27 6.37 -11.62 21.51
CA THR D 27 7.83 -11.53 21.66
C THR D 27 8.32 -11.50 23.12
N ILE D 28 9.45 -12.17 23.34
CA ILE D 28 10.09 -12.20 24.67
C ILE D 28 11.56 -11.79 24.58
N ALA D 29 11.94 -10.77 25.35
CA ALA D 29 13.35 -10.43 25.53
C ALA D 29 13.77 -10.71 26.97
N PHE D 30 14.91 -11.35 27.14
CA PHE D 30 15.45 -11.62 28.48
C PHE D 30 16.92 -11.23 28.60
N GLY D 31 17.24 -10.53 29.68
CA GLY D 31 18.61 -10.10 29.95
C GLY D 31 18.71 -9.20 31.15
N SER D 32 19.52 -8.15 31.03
CA SER D 32 19.76 -7.20 32.12
C SER D 32 18.65 -6.17 32.23
N SER D 33 18.34 -5.76 33.46
CA SER D 33 17.34 -4.72 33.70
C SER D 33 17.72 -3.35 33.14
N LYS D 34 19.02 -3.10 33.02
CA LYS D 34 19.54 -1.85 32.45
C LYS D 34 19.15 -1.64 30.97
N VAL D 35 18.95 -2.72 30.23
CA VAL D 35 18.58 -2.60 28.81
C VAL D 35 17.06 -2.66 28.55
N LYS D 36 16.29 -2.97 29.59
CA LYS D 36 14.82 -3.05 29.47
C LYS D 36 14.16 -1.87 28.75
N PRO D 37 14.53 -0.61 29.09
CA PRO D 37 13.91 0.53 28.37
C PRO D 37 14.12 0.48 26.86
N LEU D 38 15.25 -0.06 26.41
CA LEU D 38 15.54 -0.17 24.97
C LEU D 38 14.49 -1.01 24.24
N TYR D 39 14.09 -2.13 24.86
CA TYR D 39 13.19 -3.11 24.22
C TYR D 39 11.71 -2.89 24.54
N THR D 40 11.41 -1.93 25.42
CA THR D 40 10.04 -1.71 25.88
C THR D 40 9.60 -0.26 25.80
N LYS D 41 10.55 0.68 25.87
CA LYS D 41 10.23 2.10 25.78
C LYS D 41 10.64 2.67 24.41
N TYR D 42 11.95 2.66 24.13
CA TYR D 42 12.49 3.31 22.94
C TYR D 42 12.18 2.57 21.64
N PHE D 43 12.34 1.26 21.66
CA PHE D 43 11.92 0.41 20.56
C PHE D 43 11.04 -0.69 21.15
N PRO D 44 9.73 -0.42 21.26
CA PRO D 44 8.81 -1.35 21.90
C PRO D 44 8.59 -2.60 21.04
N VAL D 45 9.52 -3.56 21.16
CA VAL D 45 9.50 -4.76 20.32
C VAL D 45 9.28 -6.02 21.16
N ALA D 46 9.41 -5.90 22.48
CA ALA D 46 9.26 -7.02 23.40
C ALA D 46 7.98 -6.92 24.22
N ASP D 47 7.12 -7.93 24.06
CA ASP D 47 5.85 -8.02 24.80
C ASP D 47 6.12 -8.43 26.24
N TYR D 48 7.14 -9.24 26.42
CA TYR D 48 7.59 -9.66 27.74
C TYR D 48 9.07 -9.33 27.86
N PHE D 49 9.46 -8.72 28.97
CA PHE D 49 10.87 -8.58 29.31
C PHE D 49 11.13 -9.23 30.66
N ILE D 50 11.95 -10.28 30.65
CA ILE D 50 12.30 -10.98 31.88
C ILE D 50 13.73 -10.60 32.28
N GLU D 51 13.86 -10.05 33.48
CA GLU D 51 15.15 -9.60 33.99
C GLU D 51 15.92 -10.75 34.64
N GLU D 52 16.23 -11.76 33.82
CA GLU D 52 17.05 -12.91 34.19
C GLU D 52 17.94 -13.28 33.02
N LYS D 53 19.08 -13.90 33.34
CA LYS D 53 20.04 -14.33 32.32
C LYS D 53 19.45 -15.44 31.45
N TYR D 54 18.85 -16.44 32.09
CA TYR D 54 18.15 -17.51 31.38
C TYR D 54 16.97 -18.07 32.19
N PRO D 55 15.77 -17.49 31.99
CA PRO D 55 14.56 -17.88 32.72
C PRO D 55 13.85 -19.07 32.09
N GLU D 56 14.42 -20.26 32.27
CA GLU D 56 13.90 -21.49 31.67
C GLU D 56 12.43 -21.77 31.99
N GLU D 57 12.05 -21.66 33.27
CA GLU D 57 10.68 -21.93 33.73
C GLU D 57 9.66 -21.07 32.98
N GLU D 58 9.84 -19.75 33.01
CA GLU D 58 8.91 -18.83 32.36
C GLU D 58 8.86 -19.01 30.84
N LEU D 59 10.03 -19.18 30.22
CA LEU D 59 10.12 -19.42 28.78
C LEU D 59 9.32 -20.65 28.34
N LEU D 60 9.47 -21.76 29.06
CA LEU D 60 8.66 -22.96 28.83
C LEU D 60 7.17 -22.69 29.03
N ASN D 61 6.82 -21.97 30.09
CA ASN D 61 5.43 -21.54 30.34
C ASN D 61 4.85 -20.63 29.27
N LEU D 62 5.72 -19.86 28.63
CA LEU D 62 5.30 -18.91 27.61
C LEU D 62 5.39 -19.48 26.19
N ASN D 63 5.59 -20.80 26.08
CA ASN D 63 5.72 -21.50 24.80
C ASN D 63 6.83 -20.93 23.91
N ALA D 64 7.90 -20.47 24.54
CA ALA D 64 8.97 -19.76 23.83
C ALA D 64 9.85 -20.67 22.99
N VAL D 65 10.32 -20.12 21.88
CA VAL D 65 11.43 -20.67 21.10
C VAL D 65 12.53 -19.62 21.13
N VAL D 66 13.74 -20.03 21.50
CA VAL D 66 14.87 -19.10 21.55
C VAL D 66 15.56 -18.97 20.20
N VAL D 67 15.53 -17.76 19.65
CA VAL D 67 16.34 -17.42 18.50
C VAL D 67 17.67 -16.92 19.05
N PRO D 68 18.75 -17.68 18.84
CA PRO D 68 20.04 -17.29 19.41
C PRO D 68 20.58 -16.01 18.79
N THR D 69 21.05 -15.11 19.65
CA THR D 69 21.70 -13.88 19.22
C THR D 69 23.15 -14.18 18.92
N GLY D 70 23.91 -13.15 18.58
CA GLY D 70 25.34 -13.28 18.32
C GLY D 70 26.15 -13.56 19.58
N SER D 71 25.69 -13.02 20.70
CA SER D 71 26.41 -13.09 21.97
C SER D 71 25.69 -13.92 23.04
N PHE D 72 24.77 -14.79 22.59
CA PHE D 72 23.95 -15.62 23.46
C PHE D 72 24.81 -16.60 24.30
N VAL D 73 25.73 -17.29 23.62
CA VAL D 73 26.62 -18.25 24.29
C VAL D 73 27.72 -17.54 25.07
N ALA D 74 28.18 -16.41 24.55
CA ALA D 74 29.19 -15.59 25.26
C ALA D 74 28.68 -15.02 26.58
N HIS D 75 27.36 -14.84 26.68
CA HIS D 75 26.73 -14.32 27.89
C HIS D 75 26.18 -15.41 28.82
N LEU D 76 26.02 -16.64 28.30
CA LEU D 76 25.42 -17.74 29.06
C LEU D 76 26.33 -18.94 29.34
N GLY D 77 27.32 -19.15 28.46
CA GLY D 77 28.22 -20.30 28.58
C GLY D 77 27.76 -21.48 27.75
N ILE D 78 28.71 -22.22 27.16
CA ILE D 78 28.38 -23.29 26.21
C ILE D 78 27.60 -24.47 26.80
N GLU D 79 27.93 -24.86 28.04
CA GLU D 79 27.33 -26.05 28.66
C GLU D 79 25.85 -25.84 29.02
N LEU D 80 25.52 -24.65 29.51
CA LEU D 80 24.14 -24.25 29.82
C LEU D 80 23.27 -24.23 28.56
N VAL D 81 23.78 -23.59 27.50
CA VAL D 81 23.06 -23.48 26.22
C VAL D 81 22.77 -24.86 25.62
N GLU D 82 23.67 -25.82 25.87
CA GLU D 82 23.45 -27.18 25.38
C GLU D 82 22.57 -28.03 26.31
N ASN D 83 22.37 -27.55 27.53
CA ASN D 83 21.50 -28.22 28.50
C ASN D 83 20.11 -27.58 28.63
N MET D 84 19.88 -26.51 27.89
CA MET D 84 18.61 -25.78 27.95
C MET D 84 17.43 -26.65 27.48
N LYS D 85 16.32 -26.55 28.21
CA LYS D 85 15.11 -27.31 27.92
C LYS D 85 14.22 -26.57 26.92
N VAL D 86 14.43 -25.25 26.83
CA VAL D 86 13.73 -24.41 25.87
C VAL D 86 14.26 -24.68 24.46
N PRO D 87 13.37 -24.94 23.49
CA PRO D 87 13.78 -25.12 22.10
C PRO D 87 14.67 -24.00 21.56
N TYR D 88 15.71 -24.40 20.84
CA TYR D 88 16.72 -23.53 20.26
C TYR D 88 16.55 -23.53 18.75
N PHE D 89 16.29 -22.37 18.15
CA PHE D 89 16.24 -22.28 16.69
C PHE D 89 17.64 -22.45 16.08
N GLY D 90 17.81 -23.53 15.32
CA GLY D 90 19.10 -23.88 14.72
C GLY D 90 19.63 -25.20 15.23
N ASN D 91 20.87 -25.52 14.87
CA ASN D 91 21.50 -26.76 15.28
C ASN D 91 22.54 -26.51 16.37
N LYS D 92 22.22 -26.98 17.59
CA LYS D 92 23.10 -26.77 18.75
C LYS D 92 24.48 -27.42 18.61
N ARG D 93 24.55 -28.52 17.87
CA ARG D 93 25.81 -29.23 17.62
C ARG D 93 26.87 -28.37 16.93
N VAL D 94 26.42 -27.28 16.30
CA VAL D 94 27.32 -26.38 15.58
C VAL D 94 28.16 -25.55 16.55
N LEU D 95 27.67 -25.39 17.77
CA LEU D 95 28.31 -24.52 18.77
C LEU D 95 29.74 -24.91 19.13
N ARG D 96 30.01 -26.21 19.22
CA ARG D 96 31.36 -26.68 19.54
C ARG D 96 32.33 -26.54 18.36
N TRP D 97 31.80 -26.52 17.14
CA TRP D 97 32.61 -26.35 15.95
C TRP D 97 33.12 -24.93 15.78
N GLU D 98 32.30 -23.95 16.13
CA GLU D 98 32.68 -22.54 15.99
C GLU D 98 33.47 -21.99 17.19
N SER D 99 33.55 -22.77 18.26
CA SER D 99 34.25 -22.37 19.48
C SER D 99 35.64 -23.00 19.58
N ASP D 100 36.05 -23.67 18.50
CA ASP D 100 37.32 -24.34 18.44
C ASP D 100 37.98 -24.01 17.09
N ARG D 101 39.09 -23.30 17.14
CA ARG D 101 39.79 -22.82 15.92
C ARG D 101 40.24 -23.95 15.00
N ASN D 102 40.55 -25.11 15.58
CA ASN D 102 40.91 -26.29 14.80
C ASN D 102 39.69 -26.91 14.12
N LEU D 103 38.54 -26.86 14.80
CA LEU D 103 37.27 -27.33 14.24
C LEU D 103 36.72 -26.37 13.18
N GLU D 104 36.90 -25.06 13.39
CA GLU D 104 36.58 -24.05 12.38
C GLU D 104 37.37 -24.30 11.09
N ARG D 105 38.68 -24.54 11.25
CA ARG D 105 39.57 -24.73 10.11
C ARG D 105 39.27 -26.04 9.36
N LYS D 106 38.93 -27.08 10.11
CA LYS D 106 38.52 -28.37 9.54
C LYS D 106 37.25 -28.22 8.68
N TRP D 107 36.26 -27.52 9.24
CA TRP D 107 35.00 -27.24 8.55
C TRP D 107 35.24 -26.48 7.25
N LEU D 108 36.04 -25.42 7.34
CA LEU D 108 36.39 -24.58 6.19
C LEU D 108 37.12 -25.35 5.08
N LYS D 109 38.12 -26.15 5.44
CA LYS D 109 38.87 -26.98 4.48
C LYS D 109 37.97 -28.03 3.81
N LYS D 110 37.07 -28.64 4.58
CA LYS D 110 36.13 -29.60 4.02
C LYS D 110 35.11 -28.97 3.06
N ALA D 111 34.79 -27.70 3.30
CA ALA D 111 33.90 -26.94 2.43
C ALA D 111 34.64 -26.30 1.24
N GLY D 112 35.93 -26.61 1.10
CA GLY D 112 36.74 -26.07 0.01
C GLY D 112 36.76 -24.55 -0.03
N ILE D 113 36.94 -23.95 1.15
CA ILE D 113 37.01 -22.49 1.29
C ILE D 113 38.46 -22.10 1.50
N ARG D 114 38.97 -21.16 0.71
CA ARG D 114 40.33 -20.65 0.95
C ARG D 114 40.43 -19.96 2.31
N VAL D 115 41.46 -20.38 3.06
CA VAL D 115 41.75 -19.86 4.39
C VAL D 115 43.17 -19.30 4.38
N PRO D 116 43.52 -18.45 5.37
CA PRO D 116 44.92 -18.02 5.45
C PRO D 116 45.84 -19.14 5.93
N GLU D 117 47.14 -18.98 5.64
CA GLU D 117 48.19 -19.90 6.11
C GLU D 117 48.32 -19.82 7.63
N VAL D 118 48.50 -20.97 8.27
CA VAL D 118 48.74 -21.04 9.71
C VAL D 118 50.14 -21.60 10.00
N TYR D 119 50.76 -21.11 11.07
CA TYR D 119 52.10 -21.54 11.45
C TYR D 119 52.10 -22.21 12.82
N GLU D 120 52.49 -23.47 12.86
CA GLU D 120 52.66 -24.20 14.11
C GLU D 120 53.93 -23.73 14.83
N ASP D 121 54.98 -23.53 14.03
CA ASP D 121 56.29 -23.12 14.52
C ASP D 121 56.55 -21.67 14.09
N PRO D 122 56.72 -20.76 15.08
CA PRO D 122 57.06 -19.36 14.83
C PRO D 122 58.31 -19.17 13.97
N ASP D 123 59.21 -20.16 13.98
CA ASP D 123 60.42 -20.12 13.16
C ASP D 123 60.12 -20.22 11.66
N ASP D 124 58.93 -20.72 11.33
CA ASP D 124 58.51 -20.86 9.93
C ASP D 124 57.80 -19.63 9.36
N ILE D 125 57.56 -18.62 10.19
CA ILE D 125 56.92 -17.37 9.76
C ILE D 125 57.74 -16.68 8.66
N GLU D 126 57.25 -16.76 7.43
CA GLU D 126 57.92 -16.17 6.28
C GLU D 126 57.31 -14.84 5.85
N LYS D 127 56.01 -14.69 6.06
CA LYS D 127 55.30 -13.45 5.76
C LYS D 127 54.59 -12.91 7.02
N PRO D 128 54.28 -11.59 7.05
CA PRO D 128 53.62 -10.98 8.21
C PRO D 128 52.39 -11.76 8.69
N VAL D 129 52.21 -11.79 10.01
CA VAL D 129 51.17 -12.60 10.64
C VAL D 129 50.30 -11.82 11.63
N ILE D 130 49.12 -12.37 11.90
CA ILE D 130 48.28 -11.93 12.99
C ILE D 130 48.24 -13.06 14.03
N VAL D 131 48.30 -12.70 15.30
CA VAL D 131 48.34 -13.69 16.38
C VAL D 131 47.03 -13.65 17.17
N LYS D 132 46.40 -14.82 17.30
CA LYS D 132 45.10 -14.92 17.96
C LYS D 132 45.17 -15.80 19.22
N PRO D 133 45.01 -15.19 20.41
CA PRO D 133 45.00 -15.92 21.68
C PRO D 133 43.86 -16.93 21.77
N HIS D 134 44.00 -17.92 22.66
CA HIS D 134 42.99 -18.99 22.81
C HIS D 134 41.65 -18.45 23.32
N GLY D 135 40.58 -18.80 22.61
CA GLY D 135 39.21 -18.44 23.00
C GLY D 135 38.90 -16.95 23.01
N ALA D 136 39.74 -16.17 22.34
CA ALA D 136 39.52 -14.73 22.21
C ALA D 136 38.34 -14.45 21.28
N LYS D 137 37.46 -13.56 21.72
CA LYS D 137 36.29 -13.17 20.94
C LYS D 137 36.25 -11.65 20.76
N GLY D 138 35.66 -11.21 19.65
CA GLY D 138 35.62 -9.79 19.30
C GLY D 138 36.99 -9.21 18.97
N GLY D 139 37.93 -10.08 18.59
CA GLY D 139 39.26 -9.68 18.18
C GLY D 139 40.22 -9.17 19.26
N LYS D 140 39.86 -9.36 20.52
CA LYS D 140 40.70 -8.86 21.61
C LYS D 140 41.94 -9.73 21.86
N GLY D 141 43.07 -9.08 22.13
CA GLY D 141 44.34 -9.77 22.32
C GLY D 141 45.18 -9.85 21.06
N TYR D 142 44.53 -9.71 19.90
CA TYR D 142 45.19 -9.78 18.58
C TYR D 142 46.33 -8.79 18.43
N PHE D 143 47.43 -9.24 17.82
CA PHE D 143 48.54 -8.35 17.45
C PHE D 143 49.26 -8.81 16.18
N LEU D 144 50.00 -7.88 15.56
CA LEU D 144 50.72 -8.14 14.31
C LEU D 144 52.20 -8.44 14.54
N ALA D 145 52.73 -9.39 13.77
CA ALA D 145 54.16 -9.71 13.80
C ALA D 145 54.71 -9.89 12.38
N LYS D 146 55.99 -9.56 12.18
CA LYS D 146 56.59 -9.55 10.84
C LYS D 146 57.44 -10.78 10.49
N ASP D 147 58.18 -11.28 11.48
CA ASP D 147 59.06 -12.43 11.27
C ASP D 147 59.22 -13.19 12.60
N PRO D 148 59.96 -14.34 12.58
CA PRO D 148 60.11 -15.15 13.79
C PRO D 148 60.57 -14.39 15.03
N GLU D 149 61.57 -13.52 14.88
CA GLU D 149 62.14 -12.81 16.04
C GLU D 149 61.29 -11.64 16.52
N ASP D 150 60.56 -11.01 15.61
CA ASP D 150 59.60 -9.97 15.99
C ASP D 150 58.41 -10.54 16.75
N PHE D 151 58.04 -11.79 16.42
CA PHE D 151 56.96 -12.49 17.12
C PHE D 151 57.31 -12.75 18.58
N TRP D 152 58.52 -13.25 18.82
CA TRP D 152 59.00 -13.55 20.17
C TRP D 152 59.04 -12.32 21.06
N ARG D 153 59.59 -11.23 20.53
CA ARG D 153 59.63 -9.93 21.20
C ARG D 153 58.24 -9.49 21.67
N LYS D 154 57.23 -9.73 20.83
CA LYS D 154 55.85 -9.31 21.12
C LYS D 154 55.05 -10.34 21.91
N ALA D 155 55.38 -11.63 21.74
CA ALA D 155 54.70 -12.71 22.47
C ALA D 155 54.95 -12.62 23.97
N GLU D 156 56.17 -12.23 24.36
CA GLU D 156 56.53 -12.06 25.76
C GLU D 156 55.80 -10.87 26.38
N LYS D 157 55.68 -9.79 25.61
CA LYS D 157 55.07 -8.54 26.09
C LYS D 157 53.57 -8.68 26.37
N PHE D 158 52.85 -9.31 25.45
CA PHE D 158 51.39 -9.40 25.55
C PHE D 158 50.89 -10.67 26.22
N LEU D 159 51.64 -11.77 26.05
CA LEU D 159 51.16 -13.08 26.49
C LEU D 159 52.10 -13.78 27.49
N GLY D 160 53.37 -13.38 27.49
CA GLY D 160 54.38 -13.99 28.36
C GLY D 160 54.85 -15.33 27.83
N ILE D 161 55.35 -15.34 26.60
CA ILE D 161 55.80 -16.56 25.93
C ILE D 161 57.28 -16.45 25.59
N LYS D 162 58.03 -17.53 25.84
CA LYS D 162 59.47 -17.57 25.57
C LYS D 162 59.91 -18.59 24.51
N ARG D 163 59.34 -19.80 24.57
CA ARG D 163 59.74 -20.88 23.64
C ARG D 163 58.56 -21.47 22.88
N LYS D 164 58.87 -22.24 21.82
CA LYS D 164 57.85 -22.87 20.97
C LYS D 164 57.14 -24.00 21.70
N GLU D 165 57.82 -24.58 22.70
CA GLU D 165 57.27 -25.65 23.52
C GLU D 165 56.02 -25.18 24.27
N ASP D 166 56.02 -23.89 24.62
CA ASP D 166 54.92 -23.28 25.37
C ASP D 166 54.30 -22.10 24.61
N LEU D 167 53.51 -22.42 23.58
CA LEU D 167 52.80 -21.39 22.82
C LEU D 167 51.37 -21.19 23.33
N LYS D 168 50.95 -22.04 24.28
CA LYS D 168 49.59 -22.06 24.85
C LYS D 168 48.44 -21.97 23.82
N ASN D 169 48.44 -22.92 22.89
CA ASN D 169 47.49 -22.98 21.76
C ASN D 169 46.90 -21.67 21.25
N ILE D 170 47.81 -20.74 20.92
CA ILE D 170 47.46 -19.54 20.18
C ILE D 170 47.35 -19.90 18.69
N GLN D 171 46.74 -19.03 17.90
CA GLN D 171 46.80 -19.20 16.45
C GLN D 171 47.72 -18.15 15.83
N ILE D 172 48.75 -18.62 15.14
CA ILE D 172 49.60 -17.73 14.35
C ILE D 172 49.16 -17.86 12.91
N GLN D 173 48.59 -16.79 12.37
CA GLN D 173 47.96 -16.83 11.06
C GLN D 173 48.50 -15.76 10.13
N GLU D 174 48.72 -16.15 8.87
CA GLU D 174 49.09 -15.22 7.81
C GLU D 174 48.10 -14.06 7.76
N TYR D 175 48.62 -12.84 7.84
CA TYR D 175 47.80 -11.65 7.67
C TYR D 175 47.54 -11.48 6.17
N VAL D 176 46.26 -11.54 5.81
CA VAL D 176 45.85 -11.42 4.41
C VAL D 176 45.42 -9.98 4.14
N LEU D 177 46.14 -9.33 3.23
CA LEU D 177 45.86 -7.94 2.88
C LEU D 177 44.74 -7.86 1.84
N GLY D 178 43.51 -7.81 2.34
CA GLY D 178 42.32 -7.63 1.50
C GLY D 178 41.31 -6.74 2.20
N VAL D 179 40.26 -6.34 1.49
CA VAL D 179 39.20 -5.53 2.09
C VAL D 179 38.21 -6.41 2.86
N PRO D 180 37.90 -6.04 4.12
CA PRO D 180 36.92 -6.81 4.90
C PRO D 180 35.54 -6.84 4.23
N VAL D 181 34.98 -8.05 4.11
CA VAL D 181 33.67 -8.27 3.51
C VAL D 181 32.96 -9.36 4.32
N TYR D 182 31.67 -9.14 4.62
CA TYR D 182 30.88 -10.06 5.44
C TYR D 182 29.53 -10.40 4.81
N PRO D 183 29.48 -11.47 3.98
CA PRO D 183 28.18 -11.90 3.45
C PRO D 183 27.28 -12.52 4.52
N HIS D 184 25.99 -12.23 4.48
CA HIS D 184 25.03 -12.81 5.40
C HIS D 184 24.12 -13.77 4.66
N TYR D 185 24.06 -15.00 5.14
CA TYR D 185 23.30 -16.07 4.51
C TYR D 185 22.12 -16.49 5.38
N PHE D 186 21.16 -17.15 4.76
CA PHE D 186 20.12 -17.86 5.47
C PHE D 186 19.87 -19.16 4.74
N TYR D 187 19.99 -20.28 5.45
CA TYR D 187 19.58 -21.54 4.88
C TYR D 187 18.22 -21.95 5.45
N SER D 188 17.25 -22.05 4.55
CA SER D 188 15.91 -22.50 4.90
C SER D 188 15.86 -24.03 4.85
N LYS D 189 15.63 -24.65 6.00
CA LYS D 189 15.43 -26.09 6.06
C LYS D 189 14.01 -26.45 5.58
N VAL D 190 13.08 -25.52 5.76
CA VAL D 190 11.69 -25.67 5.28
C VAL D 190 11.62 -25.67 3.75
N ARG D 191 12.39 -24.79 3.11
CA ARG D 191 12.40 -24.70 1.65
C ARG D 191 13.57 -25.44 1.00
N GLU D 192 14.45 -26.01 1.82
CA GLU D 192 15.67 -26.69 1.36
C GLU D 192 16.47 -25.84 0.37
N GLU D 193 16.81 -24.62 0.78
CA GLU D 193 17.44 -23.64 -0.09
C GLU D 193 18.26 -22.58 0.67
N LEU D 194 19.39 -22.19 0.07
CA LEU D 194 20.22 -21.13 0.61
C LEU D 194 19.89 -19.78 -0.03
N GLU D 195 19.87 -18.73 0.79
CA GLU D 195 19.65 -17.37 0.33
C GLU D 195 20.80 -16.48 0.75
N LEU D 196 21.09 -15.45 -0.05
CA LEU D 196 21.98 -14.37 0.35
C LEU D 196 21.12 -13.24 0.88
N MET D 197 21.28 -12.94 2.16
CA MET D 197 20.41 -11.97 2.83
C MET D 197 20.88 -10.53 2.63
N SER D 198 22.19 -10.32 2.80
CA SER D 198 22.80 -9.00 2.81
C SER D 198 24.31 -9.15 2.91
N ILE D 199 25.02 -8.01 2.87
CA ILE D 199 26.47 -7.96 3.07
C ILE D 199 26.80 -6.65 3.78
N ASP D 200 27.74 -6.70 4.72
CA ASP D 200 28.24 -5.48 5.35
C ASP D 200 29.76 -5.46 5.50
N ARG D 201 30.28 -4.30 5.88
CA ARG D 201 31.64 -4.17 6.38
C ARG D 201 31.56 -3.75 7.84
N ARG D 202 32.11 -4.57 8.73
CA ARG D 202 32.11 -4.27 10.15
C ARG D 202 33.01 -3.08 10.48
N TYR D 203 32.55 -2.25 11.41
CA TYR D 203 33.22 -1.01 11.79
C TYR D 203 33.89 -1.24 13.15
N GLU D 204 35.21 -1.18 13.16
CA GLU D 204 36.00 -1.59 14.32
C GLU D 204 36.98 -0.53 14.81
N SER D 205 37.17 -0.48 16.13
CA SER D 205 38.07 0.49 16.77
C SER D 205 39.20 -0.24 17.52
N ASN D 206 40.46 0.19 17.39
CA ASN D 206 40.85 1.43 16.73
C ASN D 206 41.30 1.26 15.29
N VAL D 207 41.21 0.04 14.77
CA VAL D 207 41.74 -0.28 13.43
C VAL D 207 41.22 0.66 12.33
N ASP D 208 39.93 0.98 12.36
CA ASP D 208 39.33 1.86 11.35
C ASP D 208 39.53 3.35 11.62
N ALA D 209 40.26 3.66 12.70
CA ALA D 209 40.59 5.05 13.05
C ALA D 209 42.03 5.45 12.69
N ILE D 210 42.94 4.46 12.64
CA ILE D 210 44.36 4.74 12.43
C ILE D 210 44.66 5.32 11.03
N GLY D 211 43.88 4.92 10.04
CA GLY D 211 44.02 5.42 8.66
C GLY D 211 43.78 6.91 8.52
N ARG D 212 43.16 7.52 9.54
CA ARG D 212 42.91 8.95 9.58
C ARG D 212 44.10 9.72 10.17
N ILE D 213 45.10 8.99 10.68
CA ILE D 213 46.30 9.59 11.22
C ILE D 213 47.44 9.47 10.20
N PRO D 214 48.04 10.61 9.79
CA PRO D 214 49.18 10.58 8.88
C PRO D 214 50.32 9.73 9.45
N ALA D 215 51.02 9.01 8.57
CA ALA D 215 52.12 8.13 8.95
C ALA D 215 53.15 8.83 9.85
N LYS D 216 53.43 10.09 9.56
CA LYS D 216 54.40 10.89 10.32
C LYS D 216 53.93 11.18 11.75
N ASP D 217 52.63 10.99 12.02
CA ASP D 217 52.02 11.33 13.32
C ASP D 217 51.74 10.10 14.18
N GLN D 218 51.83 8.90 13.61
CA GLN D 218 51.35 7.68 14.24
C GLN D 218 52.18 7.16 15.41
N LEU D 219 53.50 7.29 15.30
CA LEU D 219 54.43 6.74 16.30
C LEU D 219 54.21 7.26 17.72
N GLU D 220 53.86 8.55 17.82
CA GLU D 220 53.69 9.22 19.12
C GLU D 220 52.37 8.90 19.83
N PHE D 221 51.51 8.13 19.17
CA PHE D 221 50.30 7.61 19.79
C PHE D 221 50.58 6.38 20.63
N ASP D 222 51.74 5.76 20.38
CA ASP D 222 52.11 4.48 21.00
C ASP D 222 50.99 3.46 20.78
N MET D 223 50.56 3.37 19.52
CA MET D 223 49.41 2.56 19.11
C MET D 223 49.56 1.07 19.34
N ASP D 224 48.59 0.48 20.04
CA ASP D 224 48.35 -0.96 19.97
C ASP D 224 47.02 -1.18 19.23
N ILE D 225 47.10 -1.86 18.09
CA ILE D 225 45.95 -2.02 17.19
C ILE D 225 44.87 -2.93 17.77
N THR D 226 43.63 -2.44 17.82
CA THR D 226 42.52 -3.21 18.35
C THR D 226 41.39 -3.38 17.34
N TYR D 227 40.60 -4.44 17.53
CA TYR D 227 39.53 -4.80 16.60
C TYR D 227 38.20 -4.88 17.32
N THR D 228 37.99 -3.97 18.27
CA THR D 228 36.74 -3.90 19.01
C THR D 228 35.60 -3.51 18.06
N VAL D 229 34.59 -4.36 18.00
CA VAL D 229 33.44 -4.15 17.11
C VAL D 229 32.61 -2.98 17.63
N ILE D 230 32.38 -2.00 16.77
CA ILE D 230 31.66 -0.80 17.15
C ILE D 230 30.32 -0.68 16.42
N GLY D 231 30.34 -0.97 15.12
CA GLY D 231 29.16 -0.82 14.30
C GLY D 231 29.27 -1.55 12.98
N ASN D 232 28.44 -1.15 12.03
CA ASN D 232 28.35 -1.83 10.75
C ASN D 232 28.05 -0.89 9.59
N ILE D 233 28.66 -1.16 8.44
CA ILE D 233 28.49 -0.34 7.24
C ILE D 233 27.92 -1.20 6.11
N PRO D 234 26.80 -0.76 5.50
CA PRO D 234 26.22 -1.52 4.39
C PRO D 234 27.10 -1.49 3.16
N ILE D 235 27.24 -2.65 2.51
CA ILE D 235 27.90 -2.71 1.22
C ILE D 235 27.14 -3.64 0.27
N VAL D 236 27.41 -3.51 -1.03
CA VAL D 236 27.09 -4.57 -1.99
C VAL D 236 28.41 -5.04 -2.57
N LEU D 237 28.42 -6.26 -3.11
CA LEU D 237 29.60 -6.73 -3.84
C LEU D 237 29.44 -6.52 -5.35
N ARG D 238 30.58 -6.51 -6.02
CA ARG D 238 30.67 -6.65 -7.46
C ARG D 238 29.88 -7.90 -7.86
N GLU D 239 28.97 -7.76 -8.80
CA GLU D 239 28.00 -8.82 -9.13
C GLU D 239 28.66 -10.15 -9.53
N SER D 240 29.74 -10.08 -10.30
CA SER D 240 30.45 -11.28 -10.75
C SER D 240 31.11 -12.07 -9.60
N LEU D 241 31.11 -11.50 -8.39
CA LEU D 241 31.65 -12.18 -7.21
C LEU D 241 30.58 -12.93 -6.41
N LEU D 242 29.30 -12.60 -6.66
CA LEU D 242 28.20 -13.18 -5.89
C LEU D 242 28.12 -14.70 -6.02
N MET D 243 28.33 -15.21 -7.22
CA MET D 243 28.26 -16.66 -7.46
C MET D 243 29.28 -17.43 -6.61
N ASP D 244 30.51 -16.92 -6.57
CA ASP D 244 31.58 -17.48 -5.76
C ASP D 244 31.25 -17.46 -4.26
N VAL D 245 30.71 -16.34 -3.80
CA VAL D 245 30.25 -16.17 -2.41
C VAL D 245 29.09 -17.10 -2.04
N ILE D 246 28.16 -17.30 -2.97
CA ILE D 246 26.99 -18.14 -2.75
C ILE D 246 27.33 -19.63 -2.75
N GLU D 247 28.16 -20.05 -3.72
CA GLU D 247 28.69 -21.43 -3.77
C GLU D 247 29.45 -21.78 -2.49
N ALA D 248 30.24 -20.84 -1.98
CA ALA D 248 30.96 -21.02 -0.72
C ALA D 248 29.99 -21.36 0.42
N GLY D 249 28.92 -20.57 0.55
CA GLY D 249 27.85 -20.85 1.50
C GLY D 249 27.21 -22.22 1.29
N GLU D 250 26.93 -22.58 0.04
CA GLU D 250 26.40 -23.90 -0.30
C GLU D 250 27.30 -25.03 0.21
N ARG D 251 28.60 -24.89 0.02
CA ARG D 251 29.56 -25.92 0.43
C ARG D 251 29.72 -25.97 1.95
N VAL D 252 29.64 -24.81 2.60
CA VAL D 252 29.68 -24.72 4.06
C VAL D 252 28.49 -25.46 4.70
N VAL D 253 27.29 -25.23 4.14
CA VAL D 253 26.08 -25.91 4.58
C VAL D 253 26.18 -27.43 4.35
N LYS D 254 26.63 -27.82 3.16
CA LYS D 254 26.76 -29.23 2.78
C LYS D 254 27.75 -29.98 3.68
N ALA D 255 28.91 -29.37 3.93
CA ALA D 255 29.90 -29.95 4.84
C ALA D 255 29.33 -30.16 6.24
N ALA D 256 28.53 -29.19 6.71
CA ALA D 256 27.85 -29.27 8.00
C ALA D 256 26.87 -30.43 8.09
N GLU D 257 26.19 -30.72 6.97
CA GLU D 257 25.22 -31.81 6.88
C GLU D 257 25.87 -33.19 7.07
N GLU D 258 27.16 -33.29 6.75
CA GLU D 258 27.90 -34.54 6.92
C GLU D 258 28.84 -34.57 8.15
N LEU D 259 28.98 -33.42 8.82
CA LEU D 259 29.86 -33.29 9.99
C LEU D 259 29.14 -33.16 11.34
N MET D 260 28.06 -32.38 11.36
CA MET D 260 27.42 -32.00 12.62
C MET D 260 25.89 -32.10 12.57
N GLY D 261 25.37 -32.83 11.60
CA GLY D 261 23.92 -33.01 11.45
C GLY D 261 23.21 -31.78 10.89
N GLY D 262 23.95 -30.97 10.13
CA GLY D 262 23.34 -29.89 9.34
C GLY D 262 23.62 -28.49 9.85
N LEU D 263 23.45 -27.52 8.95
CA LEU D 263 23.48 -26.11 9.28
C LEU D 263 22.28 -25.43 8.66
N TRP D 264 21.43 -24.82 9.48
CA TRP D 264 20.29 -24.06 9.00
C TRP D 264 20.08 -22.77 9.78
N GLY D 265 19.28 -21.87 9.23
CA GLY D 265 19.10 -20.54 9.80
C GLY D 265 20.19 -19.60 9.31
N PRO D 266 20.40 -18.48 10.02
CA PRO D 266 21.37 -17.49 9.57
C PRO D 266 22.82 -17.90 9.83
N PHE D 267 23.72 -17.46 8.96
CA PHE D 267 25.16 -17.54 9.20
C PHE D 267 25.90 -16.53 8.34
N CYS D 268 27.20 -16.40 8.61
CA CYS D 268 28.07 -15.45 7.94
C CYS D 268 29.46 -16.04 7.76
N LEU D 269 30.07 -15.78 6.60
CA LEU D 269 31.49 -16.06 6.41
C LEU D 269 32.24 -14.74 6.52
N GLU D 270 33.08 -14.65 7.54
CA GLU D 270 33.86 -13.44 7.81
C GLU D 270 35.22 -13.55 7.14
N GLY D 271 35.51 -12.64 6.22
CA GLY D 271 36.76 -12.70 5.48
C GLY D 271 37.13 -11.42 4.76
N VAL D 272 38.08 -11.54 3.84
CA VAL D 272 38.55 -10.41 3.05
C VAL D 272 38.57 -10.74 1.56
N PHE D 273 38.52 -9.70 0.74
CA PHE D 273 38.71 -9.85 -0.70
C PHE D 273 40.06 -9.31 -1.14
N THR D 274 40.86 -10.16 -1.76
CA THR D 274 42.19 -9.80 -2.23
C THR D 274 42.11 -9.21 -3.65
N PRO D 275 43.17 -8.52 -4.10
CA PRO D 275 43.21 -7.92 -5.44
C PRO D 275 42.99 -8.90 -6.61
N ASP D 276 43.29 -10.18 -6.39
CA ASP D 276 43.08 -11.23 -7.39
C ASP D 276 41.67 -11.83 -7.34
N LEU D 277 40.78 -11.16 -6.61
CA LEU D 277 39.36 -11.51 -6.51
C LEU D 277 39.06 -12.78 -5.72
N GLU D 278 40.00 -13.17 -4.85
CA GLU D 278 39.80 -14.33 -3.98
C GLU D 278 39.11 -13.91 -2.68
N PHE D 279 38.13 -14.72 -2.28
CA PHE D 279 37.49 -14.56 -0.97
C PHE D 279 38.18 -15.50 0.01
N VAL D 280 38.97 -14.92 0.92
CA VAL D 280 39.69 -15.66 1.96
C VAL D 280 38.94 -15.48 3.27
N VAL D 281 38.51 -16.60 3.84
CA VAL D 281 37.64 -16.59 5.03
C VAL D 281 38.43 -16.86 6.31
N PHE D 282 38.20 -16.03 7.31
CA PHE D 282 38.80 -16.19 8.64
C PHE D 282 37.97 -17.09 9.55
N GLU D 283 36.64 -16.97 9.47
CA GLU D 283 35.74 -17.84 10.24
C GLU D 283 34.32 -17.94 9.69
N ILE D 284 33.66 -19.05 10.05
CA ILE D 284 32.23 -19.23 9.83
C ILE D 284 31.52 -18.85 11.13
N SER D 285 30.80 -17.74 11.09
CA SER D 285 29.96 -17.35 12.21
C SER D 285 28.57 -17.93 11.99
N ALA D 286 28.33 -19.13 12.53
CA ALA D 286 27.09 -19.87 12.30
C ALA D 286 25.93 -19.37 13.15
N ARG D 287 25.56 -18.10 12.90
CA ARG D 287 24.55 -17.40 13.67
C ARG D 287 24.22 -16.08 12.97
N ILE D 288 23.20 -15.39 13.48
CA ILE D 288 22.91 -14.03 13.04
C ILE D 288 24.05 -13.11 13.47
N VAL D 289 24.56 -12.31 12.53
CA VAL D 289 25.60 -11.35 12.87
C VAL D 289 25.05 -9.94 12.91
N ALA D 290 25.76 -9.05 13.60
CA ALA D 290 25.31 -7.68 13.82
C ALA D 290 25.15 -6.89 12.53
N GLY D 291 25.87 -7.29 11.49
CA GLY D 291 25.78 -6.65 10.18
C GLY D 291 24.38 -6.59 9.60
N THR D 292 23.57 -7.60 9.95
CA THR D 292 22.18 -7.70 9.48
C THR D 292 21.27 -6.62 10.09
N ASN D 293 21.71 -6.02 11.20
CA ASN D 293 20.96 -4.95 11.88
C ASN D 293 20.65 -3.74 10.98
N ILE D 294 21.51 -3.48 10.01
CA ILE D 294 21.33 -2.38 9.06
C ILE D 294 20.08 -2.56 8.20
N PHE D 295 19.73 -3.83 7.98
CA PHE D 295 18.76 -4.18 6.95
C PHE D 295 17.40 -4.57 7.51
N VAL D 296 16.96 -3.82 8.52
CA VAL D 296 15.62 -3.93 9.09
C VAL D 296 14.58 -3.72 7.99
N ASN D 297 14.84 -2.74 7.11
CA ASN D 297 13.97 -2.44 5.98
C ASN D 297 14.40 -3.15 4.67
N GLY D 298 14.87 -4.38 4.80
CA GLY D 298 15.37 -5.14 3.66
C GLY D 298 16.74 -4.69 3.22
N SER D 299 17.30 -5.43 2.27
CA SER D 299 18.63 -5.14 1.76
C SER D 299 18.57 -5.01 0.24
N PRO D 300 19.66 -4.55 -0.40
CA PRO D 300 19.66 -4.52 -1.87
C PRO D 300 19.49 -5.90 -2.48
N TYR D 301 19.70 -6.94 -1.68
CA TYR D 301 19.60 -8.33 -2.15
C TYR D 301 18.23 -8.95 -1.94
N THR D 302 17.61 -8.70 -0.78
CA THR D 302 16.25 -9.17 -0.53
C THR D 302 15.22 -8.47 -1.42
N TRP D 303 15.42 -7.17 -1.69
CA TRP D 303 14.54 -6.41 -2.56
C TRP D 303 14.58 -6.87 -4.04
N LEU D 304 15.58 -7.68 -4.37
CA LEU D 304 15.61 -8.34 -5.68
C LEU D 304 14.62 -9.51 -5.78
N ARG D 305 14.22 -10.06 -4.64
CA ARG D 305 13.36 -11.25 -4.63
C ARG D 305 12.08 -11.17 -3.76
N TYR D 306 11.90 -10.08 -3.01
CA TYR D 306 10.68 -9.89 -2.22
C TYR D 306 9.95 -8.58 -2.53
N ASP D 307 8.63 -8.58 -2.34
CA ASP D 307 7.79 -7.39 -2.48
C ASP D 307 7.72 -6.57 -1.19
N ARG D 308 8.47 -6.99 -0.18
CA ARG D 308 8.39 -6.41 1.16
C ARG D 308 9.75 -6.41 1.85
N PRO D 309 9.95 -5.51 2.84
CA PRO D 309 11.19 -5.48 3.61
C PRO D 309 11.40 -6.77 4.40
N VAL D 310 12.53 -7.42 4.19
CA VAL D 310 12.85 -8.68 4.87
C VAL D 310 14.26 -8.60 5.45
N SER D 311 14.35 -8.49 6.77
CA SER D 311 15.62 -8.58 7.47
C SER D 311 15.94 -10.05 7.71
N THR D 312 17.12 -10.32 8.27
CA THR D 312 17.45 -11.67 8.72
C THR D 312 16.52 -12.08 9.87
N GLY D 313 16.21 -11.13 10.75
CA GLY D 313 15.26 -11.34 11.85
C GLY D 313 13.87 -11.75 11.36
N ARG D 314 13.33 -11.02 10.38
CA ARG D 314 12.03 -11.37 9.80
C ARG D 314 12.08 -12.71 9.07
N ARG D 315 13.19 -12.97 8.38
CA ARG D 315 13.41 -14.24 7.67
C ARG D 315 13.41 -15.45 8.61
N ILE D 316 14.00 -15.29 9.80
CA ILE D 316 13.97 -16.34 10.84
C ILE D 316 12.52 -16.60 11.30
N ALA D 317 11.79 -15.52 11.56
CA ALA D 317 10.38 -15.60 11.97
C ALA D 317 9.52 -16.23 10.87
N MET D 318 9.83 -15.91 9.61
CA MET D 318 9.15 -16.49 8.45
C MET D 318 9.39 -18.00 8.40
N GLU D 319 10.63 -18.40 8.62
CA GLU D 319 11.02 -19.82 8.66
C GLU D 319 10.24 -20.59 9.73
N ILE D 320 10.20 -20.05 10.95
CA ILE D 320 9.52 -20.68 12.08
C ILE D 320 8.01 -20.80 11.83
N ARG D 321 7.40 -19.73 11.33
CA ARG D 321 5.97 -19.74 10.98
C ARG D 321 5.65 -20.79 9.90
N GLU D 322 6.42 -20.80 8.82
CA GLU D 322 6.26 -21.81 7.78
C GLU D 322 6.47 -23.23 8.29
N ALA D 323 7.41 -23.41 9.22
CA ALA D 323 7.66 -24.71 9.83
C ALA D 323 6.45 -25.21 10.62
N ILE D 324 5.79 -24.30 11.33
CA ILE D 324 4.52 -24.59 12.03
C ILE D 324 3.39 -24.89 11.03
N GLU D 325 3.26 -24.03 10.02
CA GLU D 325 2.20 -24.17 9.00
C GLU D 325 2.40 -25.41 8.11
N ASN D 326 3.62 -25.94 8.10
CA ASN D 326 3.94 -27.15 7.37
C ASN D 326 4.14 -28.37 8.28
N ASP D 327 3.79 -28.20 9.55
CA ASP D 327 3.86 -29.26 10.56
C ASP D 327 5.25 -29.92 10.59
N MET D 328 6.28 -29.08 10.68
CA MET D 328 7.66 -29.55 10.73
C MET D 328 8.54 -28.67 11.62
N LEU D 329 7.91 -27.97 12.57
CA LEU D 329 8.61 -27.10 13.52
C LEU D 329 9.76 -27.83 14.24
N GLU D 330 9.54 -29.08 14.62
CA GLU D 330 10.54 -29.87 15.34
C GLU D 330 11.83 -30.08 14.52
N LYS D 331 11.72 -30.00 13.20
CA LYS D 331 12.85 -30.18 12.30
C LYS D 331 13.84 -29.01 12.32
N VAL D 332 13.38 -27.83 12.73
CA VAL D 332 14.26 -26.65 12.77
C VAL D 332 14.71 -26.27 14.20
N LEU D 333 14.27 -27.06 15.19
CA LEU D 333 14.63 -26.83 16.58
C LEU D 333 15.51 -27.94 17.13
N THR D 334 16.52 -27.58 17.93
CA THR D 334 17.30 -28.57 18.67
C THR D 334 17.24 -28.31 20.17
N MET E 1 3.90 -6.49 -23.07
CA MET E 1 4.91 -5.66 -23.79
C MET E 1 5.56 -6.49 -24.89
N LYS E 2 5.64 -5.91 -26.08
CA LYS E 2 6.28 -6.57 -27.22
C LYS E 2 7.79 -6.69 -26.98
N VAL E 3 8.42 -5.55 -26.68
CA VAL E 3 9.85 -5.46 -26.41
C VAL E 3 10.20 -6.24 -25.14
N ARG E 4 11.27 -7.04 -25.22
CA ARG E 4 11.84 -7.68 -24.04
C ARG E 4 13.15 -7.00 -23.69
N ILE E 5 13.48 -6.99 -22.40
CA ILE E 5 14.74 -6.38 -21.97
C ILE E 5 15.81 -7.45 -21.74
N ALA E 6 16.88 -7.32 -22.52
CA ALA E 6 17.99 -8.26 -22.50
C ALA E 6 19.24 -7.56 -21.99
N THR E 7 20.07 -8.31 -21.27
CA THR E 7 21.33 -7.80 -20.77
C THR E 7 22.36 -8.91 -20.59
N TYR E 8 23.63 -8.56 -20.73
CA TYR E 8 24.72 -9.49 -20.45
C TYR E 8 24.73 -9.83 -18.97
N ALA E 9 24.93 -11.09 -18.65
CA ALA E 9 24.82 -11.60 -17.27
C ALA E 9 26.06 -11.30 -16.43
N SER E 10 26.24 -10.02 -16.11
CA SER E 10 27.32 -9.58 -15.23
C SER E 10 27.09 -8.13 -14.79
N HIS E 11 27.86 -7.70 -13.79
CA HIS E 11 28.02 -6.28 -13.43
C HIS E 11 26.82 -5.61 -12.74
N SER E 12 25.65 -5.66 -13.38
CA SER E 12 24.46 -5.00 -12.84
C SER E 12 23.18 -5.64 -13.40
N ALA E 13 23.30 -6.84 -13.94
CA ALA E 13 22.18 -7.53 -14.60
C ALA E 13 21.00 -7.83 -13.69
N LEU E 14 21.27 -8.08 -12.40
CA LEU E 14 20.21 -8.34 -11.43
C LEU E 14 19.32 -7.12 -11.27
N GLN E 15 19.95 -5.96 -11.06
CA GLN E 15 19.26 -4.67 -10.88
C GLN E 15 18.49 -4.29 -12.15
N ILE E 16 19.14 -4.44 -13.30
CA ILE E 16 18.54 -4.12 -14.60
C ILE E 16 17.27 -4.92 -14.85
N LEU E 17 17.38 -6.24 -14.73
CA LEU E 17 16.27 -7.15 -15.06
C LEU E 17 15.12 -7.11 -14.05
N LYS E 18 15.43 -6.93 -12.77
CA LYS E 18 14.39 -6.74 -11.77
C LYS E 18 13.63 -5.44 -12.06
N GLY E 19 14.36 -4.40 -12.43
CA GLY E 19 13.77 -3.12 -12.81
C GLY E 19 12.89 -3.23 -14.04
N ALA E 20 13.30 -4.06 -14.99
CA ALA E 20 12.52 -4.38 -16.17
C ALA E 20 11.23 -5.10 -15.77
N LYS E 21 11.37 -6.04 -14.84
CA LYS E 21 10.26 -6.78 -14.26
C LYS E 21 9.21 -5.84 -13.67
N ASP E 22 9.67 -4.90 -12.83
CA ASP E 22 8.81 -3.90 -12.18
C ASP E 22 8.04 -3.02 -13.17
N GLU E 23 8.57 -2.86 -14.37
CA GLU E 23 7.92 -2.04 -15.40
C GLU E 23 7.14 -2.84 -16.43
N GLY E 24 7.03 -4.15 -16.22
CA GLY E 24 6.17 -5.01 -17.03
C GLY E 24 6.83 -5.65 -18.24
N PHE E 25 8.16 -5.69 -18.26
CA PHE E 25 8.88 -6.35 -19.35
C PHE E 25 9.22 -7.78 -18.98
N GLU E 26 9.20 -8.67 -19.98
CA GLU E 26 9.86 -9.97 -19.88
C GLU E 26 11.36 -9.77 -20.02
N THR E 27 12.14 -10.64 -19.39
CA THR E 27 13.57 -10.41 -19.23
C THR E 27 14.44 -11.51 -19.83
N ILE E 28 15.61 -11.11 -20.32
CA ILE E 28 16.57 -12.04 -20.88
C ILE E 28 17.95 -11.73 -20.32
N ALA E 29 18.61 -12.76 -19.79
CA ALA E 29 20.01 -12.69 -19.43
C ALA E 29 20.79 -13.60 -20.37
N PHE E 30 21.93 -13.11 -20.86
CA PHE E 30 22.83 -13.91 -21.70
C PHE E 30 24.27 -13.79 -21.24
N GLY E 31 24.96 -14.92 -21.20
CA GLY E 31 26.35 -14.99 -20.79
C GLY E 31 26.78 -16.39 -20.43
N SER E 32 27.57 -16.49 -19.36
CA SER E 32 28.15 -17.77 -18.94
C SER E 32 27.14 -18.64 -18.22
N SER E 33 27.15 -19.93 -18.55
CA SER E 33 26.32 -20.93 -17.89
C SER E 33 26.67 -21.05 -16.39
N LYS E 34 27.91 -20.68 -16.06
CA LYS E 34 28.39 -20.77 -14.69
C LYS E 34 27.67 -19.82 -13.72
N VAL E 35 27.09 -18.76 -14.26
CA VAL E 35 26.34 -17.78 -13.44
C VAL E 35 24.81 -17.87 -13.62
N LYS E 36 24.35 -18.81 -14.44
CA LYS E 36 22.92 -19.02 -14.66
C LYS E 36 22.09 -19.15 -13.37
N PRO E 37 22.54 -19.97 -12.38
CA PRO E 37 21.79 -20.07 -11.12
C PRO E 37 21.53 -18.72 -10.42
N LEU E 38 22.48 -17.79 -10.49
CA LEU E 38 22.31 -16.47 -9.87
C LEU E 38 21.06 -15.73 -10.36
N TYR E 39 20.76 -15.84 -11.65
CA TYR E 39 19.69 -15.05 -12.30
C TYR E 39 18.37 -15.82 -12.48
N THR E 40 18.37 -17.10 -12.12
CA THR E 40 17.21 -17.98 -12.35
C THR E 40 16.77 -18.72 -11.08
N LYS E 41 17.69 -18.83 -10.12
CA LYS E 41 17.45 -19.60 -8.89
C LYS E 41 17.52 -18.73 -7.62
N TYR E 42 18.67 -18.08 -7.39
CA TYR E 42 18.86 -17.27 -6.19
C TYR E 42 18.15 -15.90 -6.25
N PHE E 43 18.21 -15.28 -7.41
CA PHE E 43 17.43 -14.07 -7.68
C PHE E 43 16.75 -14.25 -9.03
N PRO E 44 15.54 -14.86 -9.03
CA PRO E 44 14.88 -15.22 -10.29
C PRO E 44 14.34 -14.00 -11.04
N VAL E 45 15.25 -13.25 -11.68
CA VAL E 45 14.88 -12.05 -12.42
C VAL E 45 14.91 -12.26 -13.94
N ALA E 46 15.49 -13.36 -14.40
CA ALA E 46 15.59 -13.63 -15.83
C ALA E 46 14.60 -14.70 -16.30
N ASP E 47 13.68 -14.31 -17.18
CA ASP E 47 12.69 -15.22 -17.76
C ASP E 47 13.33 -16.15 -18.77
N TYR E 48 14.37 -15.66 -19.45
CA TYR E 48 15.16 -16.46 -20.37
C TYR E 48 16.62 -16.31 -20.01
N PHE E 49 17.34 -17.42 -20.00
CA PHE E 49 18.80 -17.40 -19.92
C PHE E 49 19.38 -18.06 -21.16
N ILE E 50 20.22 -17.32 -21.87
CA ILE E 50 20.88 -17.85 -23.06
C ILE E 50 22.37 -17.99 -22.79
N GLU E 51 22.88 -19.21 -22.97
CA GLU E 51 24.28 -19.50 -22.71
C GLU E 51 25.17 -19.21 -23.93
N GLU E 52 25.25 -17.92 -24.25
CA GLU E 52 26.07 -17.40 -25.35
C GLU E 52 26.58 -16.03 -24.97
N LYS E 53 27.79 -15.70 -25.42
CA LYS E 53 28.35 -14.37 -25.27
C LYS E 53 27.45 -13.31 -25.91
N TYR E 54 26.97 -13.61 -27.12
CA TYR E 54 26.05 -12.74 -27.84
C TYR E 54 25.19 -13.51 -28.83
N PRO E 55 24.01 -13.98 -28.37
CA PRO E 55 23.08 -14.75 -29.20
C PRO E 55 22.20 -13.84 -30.07
N GLU E 56 22.77 -13.32 -31.15
CA GLU E 56 22.08 -12.34 -31.97
C GLU E 56 20.73 -12.81 -32.49
N GLU E 57 20.70 -14.00 -33.09
CA GLU E 57 19.49 -14.52 -33.73
C GLU E 57 18.33 -14.69 -32.75
N GLU E 58 18.58 -15.35 -31.62
CA GLU E 58 17.51 -15.56 -30.64
C GLU E 58 17.04 -14.26 -30.01
N LEU E 59 17.97 -13.35 -29.73
CA LEU E 59 17.63 -12.02 -29.19
C LEU E 59 16.71 -11.24 -30.14
N LEU E 60 17.02 -11.26 -31.44
CA LEU E 60 16.14 -10.69 -32.45
C LEU E 60 14.80 -11.42 -32.51
N ASN E 61 14.83 -12.75 -32.42
CA ASN E 61 13.61 -13.56 -32.37
C ASN E 61 12.74 -13.23 -31.16
N LEU E 62 13.38 -12.87 -30.06
CA LEU E 62 12.68 -12.54 -28.81
C LEU E 62 12.31 -11.05 -28.68
N ASN E 63 12.56 -10.28 -29.74
CA ASN E 63 12.29 -8.84 -29.75
C ASN E 63 13.01 -8.09 -28.64
N ALA E 64 14.30 -8.41 -28.48
CA ALA E 64 15.11 -7.88 -27.40
C ALA E 64 15.65 -6.50 -27.68
N VAL E 65 15.74 -5.71 -26.62
CA VAL E 65 16.54 -4.50 -26.59
C VAL E 65 17.61 -4.75 -25.53
N VAL E 66 18.87 -4.51 -25.89
CA VAL E 66 19.98 -4.72 -24.96
C VAL E 66 20.22 -3.47 -24.12
N VAL E 67 20.10 -3.62 -22.82
CA VAL E 67 20.61 -2.62 -21.90
C VAL E 67 22.06 -3.02 -21.61
N PRO E 68 23.02 -2.19 -22.03
CA PRO E 68 24.42 -2.52 -21.82
C PRO E 68 24.84 -2.47 -20.34
N THR E 69 25.53 -3.52 -19.90
CA THR E 69 26.11 -3.58 -18.56
C THR E 69 27.58 -3.16 -18.64
N GLY E 70 28.28 -3.28 -17.53
CA GLY E 70 29.70 -2.91 -17.44
C GLY E 70 30.59 -3.68 -18.41
N SER E 71 30.77 -4.97 -18.16
CA SER E 71 31.73 -5.77 -18.94
C SER E 71 31.19 -6.28 -20.29
N PHE E 72 30.04 -5.78 -20.71
CA PHE E 72 29.42 -6.19 -21.98
C PHE E 72 30.30 -5.87 -23.18
N VAL E 73 30.76 -4.63 -23.25
CA VAL E 73 31.67 -4.17 -24.30
C VAL E 73 33.04 -4.83 -24.17
N ALA E 74 33.50 -5.04 -22.94
CA ALA E 74 34.77 -5.72 -22.67
C ALA E 74 34.80 -7.15 -23.21
N HIS E 75 33.72 -7.90 -22.94
CA HIS E 75 33.63 -9.29 -23.36
C HIS E 75 33.42 -9.45 -24.86
N LEU E 76 32.50 -8.68 -25.42
CA LEU E 76 32.19 -8.77 -26.85
C LEU E 76 33.23 -8.10 -27.73
N GLY E 77 33.81 -7.01 -27.25
CA GLY E 77 34.68 -6.17 -28.07
C GLY E 77 33.87 -5.06 -28.68
N ILE E 78 34.47 -3.86 -28.74
CA ILE E 78 33.81 -2.64 -29.23
C ILE E 78 33.27 -2.74 -30.67
N GLU E 79 34.07 -3.33 -31.56
CA GLU E 79 33.70 -3.53 -32.96
C GLU E 79 32.40 -4.34 -33.10
N LEU E 80 32.32 -5.44 -32.36
CA LEU E 80 31.16 -6.33 -32.41
C LEU E 80 29.91 -5.64 -31.85
N VAL E 81 30.09 -4.84 -30.80
CA VAL E 81 28.98 -4.04 -30.23
C VAL E 81 28.52 -2.96 -31.22
N GLU E 82 29.47 -2.26 -31.85
CA GLU E 82 29.17 -1.24 -32.85
C GLU E 82 28.41 -1.78 -34.06
N ASN E 83 28.62 -3.06 -34.38
CA ASN E 83 27.99 -3.68 -35.54
C ASN E 83 26.80 -4.59 -35.24
N MET E 84 26.52 -4.82 -33.95
CA MET E 84 25.39 -5.66 -33.55
C MET E 84 24.07 -5.19 -34.17
N LYS E 85 23.23 -6.14 -34.57
CA LYS E 85 21.93 -5.86 -35.19
C LYS E 85 20.81 -5.72 -34.17
N VAL E 86 21.02 -6.28 -32.97
CA VAL E 86 20.07 -6.14 -31.86
C VAL E 86 20.13 -4.70 -31.35
N PRO E 87 18.96 -4.04 -31.21
CA PRO E 87 18.93 -2.66 -30.69
C PRO E 87 19.58 -2.52 -29.32
N TYR E 88 20.18 -1.35 -29.11
CA TYR E 88 21.06 -1.06 -27.99
C TYR E 88 20.54 0.20 -27.30
N PHE E 89 20.21 0.10 -26.02
CA PHE E 89 19.77 1.28 -25.28
C PHE E 89 20.94 2.23 -25.01
N GLY E 90 20.90 3.40 -25.64
CA GLY E 90 21.97 4.39 -25.52
C GLY E 90 22.58 4.70 -26.86
N ASN E 91 23.65 5.50 -26.83
CA ASN E 91 24.38 5.91 -28.03
C ASN E 91 25.69 5.14 -28.16
N LYS E 92 25.76 4.26 -29.16
CA LYS E 92 26.97 3.44 -29.40
C LYS E 92 28.18 4.26 -29.82
N ARG E 93 27.95 5.47 -30.31
CA ARG E 93 29.04 6.36 -30.70
C ARG E 93 29.89 6.78 -29.50
N VAL E 94 29.29 6.70 -28.30
CA VAL E 94 29.96 7.08 -27.06
C VAL E 94 31.13 6.14 -26.72
N LEU E 95 31.04 4.88 -27.16
CA LEU E 95 31.95 3.82 -26.72
C LEU E 95 33.43 4.05 -27.01
N ARG E 96 33.74 4.70 -28.14
CA ARG E 96 35.13 5.01 -28.48
C ARG E 96 35.65 6.22 -27.71
N TRP E 97 34.74 7.13 -27.38
CA TRP E 97 35.05 8.29 -26.53
C TRP E 97 35.35 7.93 -25.08
N GLU E 98 34.77 6.82 -24.59
CA GLU E 98 35.04 6.37 -23.22
C GLU E 98 36.16 5.34 -23.08
N SER E 99 36.53 4.70 -24.19
CA SER E 99 37.60 3.71 -24.17
C SER E 99 38.99 4.33 -24.39
N ASP E 100 39.02 5.59 -24.80
CA ASP E 100 40.27 6.27 -25.12
C ASP E 100 40.52 7.41 -24.13
N ARG E 101 41.65 7.35 -23.44
CA ARG E 101 42.02 8.35 -22.41
C ARG E 101 42.18 9.77 -22.97
N ASN E 102 42.64 9.88 -24.21
CA ASN E 102 42.76 11.18 -24.86
C ASN E 102 41.42 11.77 -25.27
N LEU E 103 40.55 10.95 -25.84
CA LEU E 103 39.18 11.36 -26.19
C LEU E 103 38.34 11.67 -24.95
N GLU E 104 38.52 10.87 -23.90
CA GLU E 104 37.94 11.12 -22.58
C GLU E 104 38.29 12.51 -22.09
N ARG E 105 39.57 12.85 -22.18
CA ARG E 105 40.08 14.14 -21.71
C ARG E 105 39.57 15.31 -22.55
N LYS E 106 39.53 15.12 -23.87
CA LYS E 106 38.97 16.12 -24.81
C LYS E 106 37.49 16.39 -24.53
N TRP E 107 36.76 15.32 -24.23
CA TRP E 107 35.34 15.39 -23.84
C TRP E 107 35.16 16.20 -22.56
N LEU E 108 35.89 15.80 -21.51
CA LEU E 108 35.83 16.44 -20.20
C LEU E 108 36.20 17.93 -20.21
N LYS E 109 37.28 18.25 -20.90
CA LYS E 109 37.73 19.64 -21.10
C LYS E 109 36.67 20.51 -21.78
N LYS E 110 36.01 19.96 -22.80
CA LYS E 110 34.96 20.69 -23.52
C LYS E 110 33.70 20.87 -22.66
N ALA E 111 33.46 19.92 -21.77
CA ALA E 111 32.34 19.99 -20.83
C ALA E 111 32.66 20.87 -19.63
N GLY E 112 33.85 21.46 -19.63
CA GLY E 112 34.29 22.38 -18.56
C GLY E 112 34.43 21.70 -17.21
N ILE E 113 35.02 20.50 -17.21
CA ILE E 113 35.15 19.69 -16.01
C ILE E 113 36.58 19.70 -15.49
N ARG E 114 36.73 19.96 -14.18
CA ARG E 114 38.02 19.84 -13.51
C ARG E 114 38.63 18.48 -13.78
N VAL E 115 39.87 18.48 -14.24
CA VAL E 115 40.61 17.24 -14.51
C VAL E 115 42.00 17.33 -13.91
N PRO E 116 42.62 16.17 -13.59
CA PRO E 116 44.00 16.21 -13.12
C PRO E 116 44.96 16.54 -14.25
N GLU E 117 46.09 17.16 -13.91
CA GLU E 117 47.14 17.47 -14.87
C GLU E 117 47.72 16.18 -15.46
N VAL E 118 48.03 16.22 -16.74
CA VAL E 118 48.63 15.10 -17.46
C VAL E 118 50.04 15.48 -17.96
N TYR E 119 50.97 14.53 -17.94
CA TYR E 119 52.35 14.78 -18.35
C TYR E 119 52.74 13.90 -19.53
N GLU E 120 53.09 14.54 -20.64
CA GLU E 120 53.53 13.80 -21.82
C GLU E 120 54.96 13.31 -21.62
N ASP E 121 55.77 14.18 -21.02
CA ASP E 121 57.19 13.91 -20.78
C ASP E 121 57.42 13.66 -19.28
N PRO E 122 57.93 12.46 -18.93
CA PRO E 122 58.27 12.15 -17.54
C PRO E 122 59.20 13.15 -16.86
N ASP E 123 60.04 13.83 -17.65
CA ASP E 123 60.92 14.89 -17.14
C ASP E 123 60.14 16.08 -16.58
N ASP E 124 58.91 16.25 -17.06
CA ASP E 124 58.05 17.37 -16.65
C ASP E 124 57.26 17.12 -15.35
N ILE E 125 57.48 15.97 -14.71
CA ILE E 125 56.80 15.64 -13.46
C ILE E 125 57.30 16.54 -12.33
N GLU E 126 56.42 17.37 -11.79
CA GLU E 126 56.77 18.31 -10.72
C GLU E 126 56.01 18.08 -9.41
N LYS E 127 54.99 17.22 -9.46
CA LYS E 127 54.29 16.76 -8.26
C LYS E 127 53.95 15.28 -8.39
N PRO E 128 53.68 14.58 -7.27
CA PRO E 128 53.40 13.14 -7.33
C PRO E 128 52.35 12.74 -8.36
N VAL E 129 52.62 11.66 -9.08
CA VAL E 129 51.76 11.21 -10.17
C VAL E 129 51.25 9.80 -9.97
N ILE E 130 50.17 9.48 -10.67
CA ILE E 130 49.71 8.10 -10.82
C ILE E 130 49.88 7.75 -12.30
N VAL E 131 50.43 6.56 -12.55
CA VAL E 131 50.76 6.12 -13.89
C VAL E 131 49.77 5.04 -14.35
N LYS E 132 49.19 5.25 -15.53
CA LYS E 132 48.11 4.40 -16.03
C LYS E 132 48.47 3.74 -17.37
N PRO E 133 48.81 2.44 -17.36
CA PRO E 133 49.03 1.64 -18.58
C PRO E 133 47.75 1.49 -19.43
N HIS E 134 47.95 1.17 -20.71
CA HIS E 134 46.88 1.09 -21.73
C HIS E 134 45.47 0.77 -21.20
N GLY E 135 44.57 1.76 -21.32
CA GLY E 135 43.14 1.61 -21.01
C GLY E 135 42.76 0.56 -19.98
N ALA E 136 43.44 0.62 -18.83
CA ALA E 136 43.37 -0.41 -17.80
C ALA E 136 42.01 -0.49 -17.12
N LYS E 137 41.55 -1.72 -16.91
CA LYS E 137 40.34 -1.98 -16.14
C LYS E 137 40.72 -2.47 -14.74
N GLY E 138 40.11 -1.86 -13.72
CA GLY E 138 40.43 -2.15 -12.33
C GLY E 138 41.79 -1.62 -11.90
N GLY E 139 42.21 -0.53 -12.54
CA GLY E 139 43.49 0.12 -12.26
C GLY E 139 44.70 -0.80 -12.31
N LYS E 140 44.75 -1.69 -13.31
CA LYS E 140 45.84 -2.66 -13.41
C LYS E 140 47.13 -2.05 -13.94
N GLY E 141 48.25 -2.38 -13.29
CA GLY E 141 49.56 -1.85 -13.66
C GLY E 141 49.85 -0.48 -13.08
N TYR E 142 48.83 0.15 -12.51
CA TYR E 142 48.94 1.47 -11.88
C TYR E 142 50.01 1.50 -10.79
N PHE E 143 50.76 2.61 -10.76
CA PHE E 143 51.74 2.86 -9.70
C PHE E 143 51.97 4.35 -9.46
N LEU E 144 52.44 4.68 -8.26
CA LEU E 144 52.73 6.07 -7.90
C LEU E 144 54.21 6.41 -8.12
N ALA E 145 54.49 7.67 -8.42
CA ALA E 145 55.84 8.18 -8.61
C ALA E 145 55.91 9.64 -8.20
N LYS E 146 57.01 10.02 -7.54
CA LYS E 146 57.15 11.37 -6.95
C LYS E 146 57.82 12.40 -7.86
N ASP E 147 58.73 11.92 -8.72
CA ASP E 147 59.50 12.80 -9.60
C ASP E 147 59.99 12.01 -10.84
N PRO E 148 60.65 12.69 -11.80
CA PRO E 148 61.12 12.04 -13.03
C PRO E 148 61.91 10.75 -12.83
N GLU E 149 62.92 10.78 -11.97
CA GLU E 149 63.81 9.61 -11.81
C GLU E 149 63.20 8.47 -11.01
N ASP E 150 62.26 8.79 -10.13
CA ASP E 150 61.47 7.76 -9.45
C ASP E 150 60.52 7.09 -10.44
N PHE E 151 59.99 7.85 -11.38
CA PHE E 151 59.16 7.30 -12.46
C PHE E 151 59.93 6.27 -13.27
N TRP E 152 61.15 6.63 -13.68
CA TRP E 152 61.97 5.78 -14.53
C TRP E 152 62.33 4.45 -13.87
N ARG E 153 62.71 4.51 -12.60
CA ARG E 153 62.99 3.32 -11.80
C ARG E 153 61.79 2.37 -11.79
N LYS E 154 60.61 2.92 -11.55
CA LYS E 154 59.39 2.12 -11.46
C LYS E 154 58.86 1.74 -12.85
N ALA E 155 59.21 2.52 -13.87
CA ALA E 155 58.85 2.23 -15.25
C ALA E 155 59.48 0.93 -15.75
N GLU E 156 60.73 0.68 -15.36
CA GLU E 156 61.41 -0.57 -15.72
C GLU E 156 61.10 -1.72 -14.76
N LYS E 157 60.80 -1.39 -13.51
CA LYS E 157 60.41 -2.38 -12.51
C LYS E 157 59.01 -2.96 -12.79
N PHE E 158 58.05 -2.09 -13.09
CA PHE E 158 56.65 -2.50 -13.31
C PHE E 158 56.32 -2.82 -14.77
N LEU E 159 56.85 -2.01 -15.69
CA LEU E 159 56.47 -2.12 -17.12
C LEU E 159 57.62 -2.58 -18.02
N GLY E 160 58.82 -2.65 -17.48
CA GLY E 160 59.99 -3.10 -18.23
C GLY E 160 60.41 -2.15 -19.33
N ILE E 161 60.24 -0.86 -19.08
CA ILE E 161 60.61 0.17 -20.05
C ILE E 161 61.97 0.74 -19.70
N LYS E 162 62.91 0.65 -20.65
CA LYS E 162 64.23 1.26 -20.50
C LYS E 162 64.07 2.76 -20.32
N ARG E 163 64.96 3.36 -19.52
CA ARG E 163 64.93 4.81 -19.29
C ARG E 163 64.96 5.59 -20.61
N LYS E 164 64.39 6.79 -20.58
CA LYS E 164 64.21 7.65 -21.74
C LYS E 164 63.28 7.07 -22.81
N GLU E 165 62.00 7.12 -22.48
CA GLU E 165 60.87 6.95 -23.39
C GLU E 165 60.78 5.61 -24.13
N ASP E 166 60.14 5.63 -25.30
CA ASP E 166 59.52 4.44 -25.89
C ASP E 166 58.38 4.00 -24.96
N LEU E 167 57.60 4.98 -24.51
CA LEU E 167 56.52 4.76 -23.56
C LEU E 167 55.28 4.23 -24.27
N LYS E 168 55.05 2.92 -24.17
CA LYS E 168 53.92 2.27 -24.81
C LYS E 168 52.58 2.76 -24.27
N ASN E 169 52.06 3.80 -24.92
CA ASN E 169 50.73 4.37 -24.65
C ASN E 169 50.26 4.31 -23.18
N ILE E 170 51.06 4.91 -22.30
CA ILE E 170 50.69 5.07 -20.89
C ILE E 170 50.24 6.51 -20.62
N GLN E 171 49.47 6.70 -19.56
CA GLN E 171 49.13 8.05 -19.12
C GLN E 171 49.80 8.36 -17.78
N ILE E 172 50.49 9.50 -17.74
CA ILE E 172 51.09 10.01 -16.51
C ILE E 172 50.21 11.15 -16.02
N GLN E 173 49.64 10.98 -14.84
CA GLN E 173 48.62 11.90 -14.35
C GLN E 173 48.88 12.34 -12.91
N GLU E 174 48.77 13.63 -12.67
CA GLU E 174 48.82 14.20 -11.33
C GLU E 174 47.90 13.41 -10.38
N TYR E 175 48.47 12.90 -9.30
CA TYR E 175 47.69 12.27 -8.24
C TYR E 175 46.95 13.36 -7.49
N VAL E 176 45.62 13.26 -7.48
CA VAL E 176 44.81 14.23 -6.75
C VAL E 176 44.40 13.63 -5.41
N LEU E 177 44.74 14.35 -4.34
CA LEU E 177 44.45 13.89 -2.98
C LEU E 177 43.06 14.36 -2.54
N GLY E 178 42.10 13.44 -2.58
CA GLY E 178 40.72 13.72 -2.20
C GLY E 178 39.95 12.43 -2.00
N VAL E 179 38.73 12.53 -1.49
CA VAL E 179 37.90 11.34 -1.22
C VAL E 179 37.15 10.89 -2.48
N PRO E 180 37.20 9.58 -2.79
CA PRO E 180 36.47 9.06 -3.95
C PRO E 180 34.96 9.30 -3.85
N VAL E 181 34.39 9.86 -4.92
CA VAL E 181 32.96 10.14 -5.00
C VAL E 181 32.47 9.78 -6.41
N TYR E 182 31.36 9.04 -6.46
CA TYR E 182 30.81 8.54 -7.73
C TYR E 182 29.33 8.89 -7.90
N PRO E 183 29.04 10.10 -8.42
CA PRO E 183 27.66 10.49 -8.72
C PRO E 183 27.09 9.66 -9.88
N HIS E 184 25.86 9.17 -9.72
CA HIS E 184 25.18 8.41 -10.77
C HIS E 184 24.06 9.24 -11.35
N TYR E 185 24.10 9.43 -12.66
CA TYR E 185 23.13 10.25 -13.37
C TYR E 185 22.23 9.41 -14.25
N PHE E 186 21.10 10.00 -14.64
CA PHE E 186 20.29 9.48 -15.74
C PHE E 186 19.81 10.65 -16.58
N TYR E 187 20.11 10.62 -17.87
CA TYR E 187 19.54 11.61 -18.77
C TYR E 187 18.38 11.01 -19.55
N SER E 188 17.21 11.61 -19.40
CA SER E 188 16.02 11.19 -20.11
C SER E 188 15.91 11.92 -21.44
N LYS E 189 16.01 11.17 -22.53
CA LYS E 189 15.80 11.73 -23.86
C LYS E 189 14.29 11.88 -24.12
N VAL E 190 13.50 11.01 -23.49
CA VAL E 190 12.05 11.09 -23.51
C VAL E 190 11.57 12.39 -22.85
N ARG E 191 12.06 12.67 -21.65
CA ARG E 191 11.66 13.87 -20.91
C ARG E 191 12.58 15.06 -21.15
N GLU E 192 13.67 14.85 -21.88
CA GLU E 192 14.73 15.86 -22.11
C GLU E 192 15.12 16.57 -20.81
N GLU E 193 15.71 15.80 -19.91
CA GLU E 193 16.01 16.25 -18.55
C GLU E 193 17.02 15.33 -17.89
N LEU E 194 17.87 15.93 -17.05
CA LEU E 194 18.88 15.19 -16.30
C LEU E 194 18.48 14.99 -14.84
N GLU E 195 18.69 13.78 -14.35
CA GLU E 195 18.40 13.41 -12.97
C GLU E 195 19.67 12.92 -12.27
N LEU E 196 19.78 13.22 -10.98
CA LEU E 196 20.79 12.60 -10.14
C LEU E 196 20.14 11.42 -9.45
N MET E 197 20.64 10.22 -9.77
CA MET E 197 20.00 8.98 -9.32
C MET E 197 20.41 8.56 -7.91
N SER E 198 21.69 8.74 -7.61
CA SER E 198 22.33 8.17 -6.42
C SER E 198 23.81 8.50 -6.45
N ILE E 199 24.48 8.28 -5.33
CA ILE E 199 25.93 8.44 -5.23
C ILE E 199 26.49 7.28 -4.42
N ASP E 200 27.71 6.86 -4.75
CA ASP E 200 28.40 5.85 -3.95
C ASP E 200 29.90 6.12 -3.81
N ARG E 201 30.53 5.36 -2.93
CA ARG E 201 31.98 5.25 -2.87
C ARG E 201 32.34 3.81 -3.22
N ARG E 202 33.09 3.63 -4.31
CA ARG E 202 33.53 2.31 -4.73
C ARG E 202 34.52 1.73 -3.74
N TYR E 203 34.45 0.42 -3.54
CA TYR E 203 35.23 -0.32 -2.55
C TYR E 203 36.26 -1.18 -3.28
N GLU E 204 37.54 -0.89 -3.03
CA GLU E 204 38.63 -1.39 -3.87
C GLU E 204 39.76 -2.03 -3.06
N SER E 205 40.30 -3.13 -3.58
CA SER E 205 41.38 -3.89 -2.93
C SER E 205 42.65 -3.84 -3.79
N ASN E 206 43.82 -3.66 -3.17
CA ASN E 206 43.99 -3.61 -1.72
C ASN E 206 44.03 -2.18 -1.15
N VAL E 207 43.80 -1.19 -2.00
CA VAL E 207 43.91 0.22 -1.60
C VAL E 207 43.12 0.58 -0.34
N ASP E 208 41.89 0.08 -0.21
CA ASP E 208 41.06 0.38 0.97
C ASP E 208 41.37 -0.51 2.18
N ALA E 209 42.35 -1.40 2.04
CA ALA E 209 42.76 -2.27 3.13
C ALA E 209 44.04 -1.82 3.84
N ILE E 210 44.86 -1.01 3.17
CA ILE E 210 46.18 -0.63 3.69
C ILE E 210 46.13 0.34 4.87
N GLY E 211 45.08 1.17 4.92
CA GLY E 211 44.85 2.10 6.03
C GLY E 211 44.56 1.41 7.36
N ARG E 212 44.30 0.11 7.31
CA ARG E 212 44.09 -0.70 8.50
C ARG E 212 45.42 -1.21 9.05
N ILE E 213 46.48 -1.08 8.25
CA ILE E 213 47.82 -1.46 8.68
C ILE E 213 48.57 -0.24 9.20
N PRO E 214 49.01 -0.28 10.48
CA PRO E 214 49.82 0.81 11.03
C PRO E 214 51.02 1.10 10.14
N ALA E 215 51.41 2.37 10.08
CA ALA E 215 52.51 2.83 9.23
C ALA E 215 53.78 2.00 9.42
N LYS E 216 54.14 1.73 10.68
CA LYS E 216 55.36 0.99 11.00
C LYS E 216 55.33 -0.49 10.61
N ASP E 217 54.14 -1.01 10.31
CA ASP E 217 54.00 -2.41 9.88
C ASP E 217 53.92 -2.56 8.36
N GLN E 218 53.82 -1.43 7.65
CA GLN E 218 53.57 -1.47 6.20
C GLN E 218 54.74 -1.96 5.34
N LEU E 219 55.97 -1.69 5.76
CA LEU E 219 57.17 -2.06 5.00
C LEU E 219 57.28 -3.58 4.79
N GLU E 220 56.86 -4.34 5.80
CA GLU E 220 56.94 -5.80 5.82
C GLU E 220 56.06 -6.48 4.78
N PHE E 221 55.00 -5.80 4.36
CA PHE E 221 54.04 -6.38 3.41
C PHE E 221 54.47 -6.30 1.96
N ASP E 222 55.45 -5.43 1.68
CA ASP E 222 55.92 -5.16 0.31
C ASP E 222 54.71 -5.01 -0.61
N MET E 223 53.92 -3.96 -0.35
CA MET E 223 52.63 -3.79 -0.98
C MET E 223 52.74 -3.10 -2.33
N ASP E 224 52.28 -3.79 -3.37
CA ASP E 224 51.93 -3.15 -4.63
C ASP E 224 50.49 -2.70 -4.47
N ILE E 225 50.27 -1.39 -4.48
CA ILE E 225 48.93 -0.83 -4.35
C ILE E 225 48.05 -1.15 -5.57
N THR E 226 46.90 -1.78 -5.32
CA THR E 226 45.99 -2.17 -6.38
C THR E 226 44.60 -1.57 -6.16
N TYR E 227 43.87 -1.40 -7.27
CA TYR E 227 42.57 -0.73 -7.25
C TYR E 227 41.49 -1.65 -7.80
N THR E 228 41.63 -2.95 -7.55
CA THR E 228 40.63 -3.93 -8.00
C THR E 228 39.27 -3.62 -7.36
N VAL E 229 38.24 -3.59 -8.19
CA VAL E 229 36.88 -3.28 -7.72
C VAL E 229 36.31 -4.50 -6.99
N ILE E 230 35.92 -4.29 -5.75
CA ILE E 230 35.33 -5.35 -4.93
C ILE E 230 33.85 -5.13 -4.70
N GLY E 231 33.48 -3.89 -4.37
CA GLY E 231 32.09 -3.56 -4.09
C GLY E 231 31.82 -2.07 -4.00
N ASN E 232 30.73 -1.72 -3.32
CA ASN E 232 30.24 -0.34 -3.30
C ASN E 232 29.62 0.02 -1.95
N ILE E 233 29.91 1.22 -1.48
CA ILE E 233 29.38 1.76 -0.22
C ILE E 233 28.51 2.97 -0.53
N PRO E 234 27.26 2.99 -0.02
CA PRO E 234 26.37 4.13 -0.27
C PRO E 234 26.81 5.40 0.44
N ILE E 235 26.74 6.53 -0.25
CA ILE E 235 26.96 7.82 0.38
C ILE E 235 25.94 8.85 -0.07
N VAL E 236 25.83 9.93 0.69
CA VAL E 236 25.21 11.16 0.19
C VAL E 236 26.26 12.25 0.27
N LEU E 237 26.10 13.28 -0.55
CA LEU E 237 26.97 14.42 -0.50
C LEU E 237 26.39 15.51 0.38
N ARG E 238 27.27 16.39 0.83
CA ARG E 238 26.91 17.70 1.34
C ARG E 238 26.01 18.39 0.32
N GLU E 239 24.87 18.90 0.79
CA GLU E 239 23.84 19.47 -0.09
C GLU E 239 24.33 20.61 -1.01
N SER E 240 25.17 21.49 -0.48
CA SER E 240 25.70 22.62 -1.25
C SER E 240 26.63 22.22 -2.40
N LEU E 241 26.99 20.94 -2.46
CA LEU E 241 27.83 20.42 -3.54
C LEU E 241 27.02 19.82 -4.69
N LEU E 242 25.70 19.67 -4.49
CA LEU E 242 24.87 18.98 -5.48
C LEU E 242 24.71 19.74 -6.79
N MET E 243 24.51 21.05 -6.69
CA MET E 243 24.35 21.91 -7.87
C MET E 243 25.56 21.85 -8.82
N ASP E 244 26.77 21.89 -8.25
CA ASP E 244 28.02 21.72 -9.01
C ASP E 244 28.10 20.35 -9.69
N VAL E 245 27.78 19.31 -8.92
CA VAL E 245 27.77 17.93 -9.43
C VAL E 245 26.75 17.73 -10.57
N ILE E 246 25.56 18.34 -10.41
CA ILE E 246 24.49 18.25 -11.39
C ILE E 246 24.81 19.06 -12.65
N GLU E 247 25.34 20.28 -12.45
CA GLU E 247 25.77 21.13 -13.55
C GLU E 247 26.88 20.48 -14.37
N ALA E 248 27.81 19.83 -13.68
CA ALA E 248 28.87 19.07 -14.35
C ALA E 248 28.26 18.02 -15.27
N GLY E 249 27.27 17.29 -14.77
CA GLY E 249 26.54 16.28 -15.55
C GLY E 249 25.79 16.86 -16.74
N GLU E 250 25.22 18.05 -16.56
CA GLU E 250 24.53 18.76 -17.65
C GLU E 250 25.49 19.14 -18.79
N ARG E 251 26.66 19.66 -18.42
CA ARG E 251 27.68 20.06 -19.41
C ARG E 251 28.28 18.86 -20.15
N VAL E 252 28.39 17.73 -19.46
CA VAL E 252 28.87 16.49 -20.07
C VAL E 252 27.89 16.01 -21.15
N VAL E 253 26.59 16.07 -20.84
CA VAL E 253 25.54 15.72 -21.79
C VAL E 253 25.54 16.66 -23.00
N LYS E 254 25.69 17.95 -22.72
CA LYS E 254 25.70 19.00 -23.74
C LYS E 254 26.89 18.86 -24.69
N ALA E 255 28.07 18.59 -24.13
CA ALA E 255 29.28 18.36 -24.92
C ALA E 255 29.16 17.11 -25.80
N ALA E 256 28.48 16.08 -25.28
CA ALA E 256 28.25 14.86 -26.04
C ALA E 256 27.35 15.08 -27.25
N GLU E 257 26.38 15.99 -27.10
CA GLU E 257 25.46 16.35 -28.18
C GLU E 257 26.19 16.93 -29.39
N GLU E 258 27.21 17.75 -29.14
CA GLU E 258 28.02 18.33 -30.22
C GLU E 258 29.15 17.42 -30.74
N LEU E 259 29.67 16.55 -29.88
CA LEU E 259 30.81 15.70 -30.24
C LEU E 259 30.47 14.31 -30.78
N MET E 260 29.40 13.69 -30.29
CA MET E 260 29.17 12.29 -30.61
C MET E 260 27.71 11.90 -30.88
N GLY E 261 26.86 12.91 -31.10
CA GLY E 261 25.45 12.66 -31.40
C GLY E 261 24.60 12.44 -30.15
N GLY E 262 25.15 12.78 -28.99
CA GLY E 262 24.36 12.78 -27.76
C GLY E 262 24.80 11.79 -26.70
N LEU E 263 24.46 12.10 -25.46
CA LEU E 263 24.57 11.16 -24.36
C LEU E 263 23.21 11.08 -23.68
N TRP E 264 22.65 9.87 -23.62
CA TRP E 264 21.42 9.63 -22.87
C TRP E 264 21.48 8.29 -22.13
N GLY E 265 20.54 8.09 -21.22
CA GLY E 265 20.56 6.93 -20.34
C GLY E 265 21.46 7.15 -19.14
N PRO E 266 21.90 6.06 -18.47
CA PRO E 266 22.72 6.20 -17.28
C PRO E 266 24.18 6.56 -17.58
N PHE E 267 24.78 7.33 -16.68
CA PHE E 267 26.23 7.57 -16.69
C PHE E 267 26.77 7.96 -15.31
N CYS E 268 28.08 7.91 -15.17
CA CYS E 268 28.75 8.26 -13.93
C CYS E 268 29.99 9.09 -14.20
N LEU E 269 30.22 10.10 -13.37
CA LEU E 269 31.48 10.82 -13.34
C LEU E 269 32.30 10.32 -12.15
N GLU E 270 33.44 9.70 -12.44
CA GLU E 270 34.26 9.09 -11.40
C GLU E 270 35.37 10.04 -11.02
N GLY E 271 35.43 10.42 -9.74
CA GLY E 271 36.43 11.36 -9.28
C GLY E 271 36.61 11.50 -7.78
N VAL E 272 37.23 12.61 -7.38
CA VAL E 272 37.48 12.91 -5.96
C VAL E 272 37.03 14.32 -5.58
N PHE E 273 36.70 14.49 -4.31
CA PHE E 273 36.47 15.80 -3.73
C PHE E 273 37.65 16.23 -2.87
N THR E 274 38.31 17.29 -3.32
CA THR E 274 39.45 17.85 -2.61
C THR E 274 38.98 18.71 -1.43
N PRO E 275 39.90 19.06 -0.51
CA PRO E 275 39.59 19.90 0.66
C PRO E 275 39.03 21.29 0.34
N ASP E 276 39.28 21.80 -0.86
CA ASP E 276 38.75 23.10 -1.27
C ASP E 276 37.39 22.98 -1.95
N LEU E 277 36.72 21.84 -1.73
CA LEU E 277 35.38 21.56 -2.26
C LEU E 277 35.32 21.43 -3.80
N GLU E 278 36.44 21.11 -4.43
CA GLU E 278 36.47 20.90 -5.87
C GLU E 278 36.25 19.44 -6.25
N PHE E 279 35.44 19.23 -7.28
CA PHE E 279 35.21 17.90 -7.84
C PHE E 279 36.12 17.70 -9.06
N VAL E 280 37.15 16.87 -8.88
CA VAL E 280 38.10 16.57 -9.94
C VAL E 280 37.79 15.18 -10.50
N VAL E 281 37.55 15.10 -11.81
CA VAL E 281 37.04 13.89 -12.45
C VAL E 281 38.14 13.12 -13.20
N PHE E 282 38.20 11.81 -12.97
CA PHE E 282 39.19 10.93 -13.63
C PHE E 282 38.66 10.32 -14.94
N GLU E 283 37.39 9.92 -14.95
CA GLU E 283 36.76 9.41 -16.17
C GLU E 283 35.25 9.62 -16.20
N ILE E 284 34.72 9.68 -17.43
CA ILE E 284 33.30 9.55 -17.66
C ILE E 284 33.03 8.08 -17.95
N SER E 285 32.22 7.45 -17.10
CA SER E 285 31.72 6.13 -17.40
C SER E 285 30.28 6.26 -17.93
N ALA E 286 30.15 6.25 -19.25
CA ALA E 286 28.89 6.54 -19.93
C ALA E 286 27.99 5.31 -20.04
N ARG E 287 27.70 4.74 -18.89
CA ARG E 287 26.91 3.51 -18.76
C ARG E 287 26.44 3.37 -17.32
N ILE E 288 25.64 2.34 -17.05
CA ILE E 288 25.30 1.98 -15.68
C ILE E 288 26.57 1.52 -14.98
N VAL E 289 26.79 2.01 -13.75
CA VAL E 289 27.93 1.56 -12.96
C VAL E 289 27.48 0.75 -11.74
N ALA E 290 28.39 -0.06 -11.21
CA ALA E 290 28.10 -1.00 -10.14
C ALA E 290 27.47 -0.38 -8.90
N GLY E 291 27.86 0.86 -8.58
CA GLY E 291 27.38 1.57 -7.39
C GLY E 291 25.88 1.74 -7.30
N THR E 292 25.23 1.77 -8.46
CA THR E 292 23.77 1.84 -8.55
C THR E 292 23.11 0.57 -7.97
N ASN E 293 23.86 -0.52 -7.95
CA ASN E 293 23.39 -1.81 -7.38
C ASN E 293 22.94 -1.74 -5.92
N ILE E 294 23.44 -0.76 -5.17
CA ILE E 294 23.04 -0.57 -3.77
C ILE E 294 21.57 -0.15 -3.69
N PHE E 295 21.09 0.48 -4.76
CA PHE E 295 19.84 1.23 -4.68
C PHE E 295 18.66 0.58 -5.40
N VAL E 296 18.58 -0.74 -5.33
CA VAL E 296 17.42 -1.53 -5.78
C VAL E 296 16.12 -0.99 -5.16
N ASN E 297 16.17 -0.64 -3.88
CA ASN E 297 14.99 -0.09 -3.21
C ASN E 297 15.02 1.44 -3.18
N GLY E 298 15.50 2.03 -4.27
CA GLY E 298 15.60 3.48 -4.37
C GLY E 298 16.78 4.03 -3.60
N SER E 299 16.96 5.35 -3.68
CA SER E 299 18.11 6.01 -3.07
C SER E 299 17.64 7.22 -2.25
N PRO E 300 18.56 7.81 -1.45
CA PRO E 300 18.21 9.05 -0.76
C PRO E 300 17.75 10.14 -1.71
N TYR E 301 18.22 10.09 -2.96
CA TYR E 301 17.87 11.11 -3.96
C TYR E 301 16.56 10.84 -4.71
N THR E 302 16.32 9.58 -5.09
CA THR E 302 15.06 9.23 -5.78
C THR E 302 13.84 9.37 -4.84
N TRP E 303 14.03 9.03 -3.56
CA TRP E 303 12.96 9.15 -2.58
C TRP E 303 12.58 10.61 -2.23
N LEU E 304 13.33 11.57 -2.78
CA LEU E 304 12.98 12.99 -2.71
C LEU E 304 11.98 13.38 -3.80
N ARG E 305 11.87 12.55 -4.83
CA ARG E 305 11.05 12.90 -6.00
C ARG E 305 10.12 11.81 -6.53
N TYR E 306 10.23 10.61 -5.99
CA TYR E 306 9.33 9.52 -6.34
C TYR E 306 8.58 8.99 -5.13
N ASP E 307 7.42 8.37 -5.37
CA ASP E 307 6.61 7.75 -4.33
C ASP E 307 6.84 6.25 -4.27
N ARG E 308 7.88 5.78 -4.95
CA ARG E 308 8.17 4.35 -5.06
C ARG E 308 9.69 4.13 -5.20
N PRO E 309 10.18 2.90 -4.90
CA PRO E 309 11.60 2.62 -5.05
C PRO E 309 12.05 2.68 -6.51
N VAL E 310 13.00 3.56 -6.82
CA VAL E 310 13.50 3.71 -8.19
C VAL E 310 15.03 3.58 -8.28
N SER E 311 15.47 2.39 -8.71
CA SER E 311 16.87 2.16 -9.04
C SER E 311 17.15 2.72 -10.45
N THR E 312 18.42 2.74 -10.83
CA THR E 312 18.83 3.09 -12.20
C THR E 312 18.29 2.06 -13.20
N GLY E 313 18.41 0.78 -12.86
CA GLY E 313 17.81 -0.31 -13.64
C GLY E 313 16.32 -0.11 -13.90
N ARG E 314 15.55 0.23 -12.85
CA ARG E 314 14.14 0.57 -13.04
C ARG E 314 13.94 1.83 -13.88
N ARG E 315 14.78 2.84 -13.67
CA ARG E 315 14.70 4.10 -14.42
C ARG E 315 14.95 3.88 -15.93
N ILE E 316 15.86 2.95 -16.25
CA ILE E 316 16.08 2.53 -17.64
C ILE E 316 14.82 1.94 -18.27
N ALA E 317 14.22 0.95 -17.59
CA ALA E 317 12.99 0.31 -18.05
C ALA E 317 11.82 1.29 -18.18
N MET E 318 11.76 2.27 -17.27
CA MET E 318 10.75 3.33 -17.30
C MET E 318 10.87 4.17 -18.56
N GLU E 319 12.11 4.54 -18.89
CA GLU E 319 12.43 5.28 -20.11
C GLU E 319 12.07 4.48 -21.36
N ILE E 320 12.45 3.21 -21.42
CA ILE E 320 12.08 2.33 -22.54
C ILE E 320 10.55 2.21 -22.69
N ARG E 321 9.84 1.99 -21.58
CA ARG E 321 8.36 1.93 -21.58
C ARG E 321 7.71 3.23 -22.05
N GLU E 322 8.20 4.37 -21.55
CA GLU E 322 7.67 5.68 -21.93
C GLU E 322 8.01 6.04 -23.37
N ALA E 323 9.15 5.55 -23.85
CA ALA E 323 9.54 5.75 -25.24
C ALA E 323 8.57 5.00 -26.16
N ILE E 324 8.23 3.77 -25.76
CA ILE E 324 7.26 2.95 -26.47
C ILE E 324 5.88 3.60 -26.45
N GLU E 325 5.45 4.02 -25.27
CA GLU E 325 4.13 4.64 -25.07
C GLU E 325 3.97 5.97 -25.80
N ASN E 326 5.08 6.69 -25.99
CA ASN E 326 5.11 7.95 -26.75
C ASN E 326 5.49 7.78 -28.23
N ASP E 327 5.58 6.53 -28.69
CA ASP E 327 5.96 6.21 -30.07
C ASP E 327 7.27 6.88 -30.49
N MET E 328 8.30 6.77 -29.63
CA MET E 328 9.61 7.34 -29.90
C MET E 328 10.74 6.40 -29.48
N LEU E 329 10.47 5.10 -29.53
CA LEU E 329 11.44 4.09 -29.11
C LEU E 329 12.77 4.18 -29.87
N GLU E 330 12.68 4.53 -31.15
CA GLU E 330 13.85 4.66 -32.03
C GLU E 330 14.83 5.74 -31.59
N LYS E 331 14.34 6.75 -30.87
CA LYS E 331 15.16 7.88 -30.43
C LYS E 331 16.15 7.49 -29.33
N VAL E 332 15.82 6.46 -28.55
CA VAL E 332 16.68 6.03 -27.45
C VAL E 332 17.51 4.78 -27.78
N LEU E 333 17.44 4.33 -29.03
CA LEU E 333 18.15 3.14 -29.48
C LEU E 333 19.09 3.44 -30.63
N THR E 334 20.23 2.75 -30.65
CA THR E 334 21.17 2.81 -31.79
C THR E 334 21.63 1.40 -32.17
N MET F 1 -3.61 23.36 5.76
CA MET F 1 -2.61 23.77 6.78
C MET F 1 -2.24 25.23 6.59
N LYS F 2 -2.47 26.04 7.61
CA LYS F 2 -2.18 27.48 7.57
C LYS F 2 -0.66 27.73 7.64
N VAL F 3 -0.01 27.08 8.60
CA VAL F 3 1.45 27.13 8.75
C VAL F 3 2.15 26.56 7.51
N ARG F 4 3.16 27.30 7.03
CA ARG F 4 4.04 26.83 5.97
C ARG F 4 5.44 26.61 6.54
N ILE F 5 6.08 25.52 6.13
CA ILE F 5 7.43 25.23 6.59
C ILE F 5 8.46 25.84 5.66
N ALA F 6 9.28 26.74 6.22
CA ALA F 6 10.33 27.42 5.49
C ALA F 6 11.71 26.98 5.96
N THR F 7 12.68 27.02 5.05
CA THR F 7 14.05 26.69 5.38
C THR F 7 15.05 27.39 4.46
N TYR F 8 16.24 27.68 4.99
CA TYR F 8 17.34 28.22 4.20
C TYR F 8 17.80 27.16 3.20
N ALA F 9 18.01 27.57 1.95
CA ALA F 9 18.30 26.66 0.85
C ALA F 9 19.73 26.12 0.87
N SER F 10 20.06 25.35 1.91
CA SER F 10 21.33 24.65 2.01
C SER F 10 21.29 23.55 3.06
N HIS F 11 22.35 22.73 3.08
CA HIS F 11 22.63 21.76 4.14
C HIS F 11 21.72 20.54 4.22
N SER F 12 20.42 20.76 4.42
CA SER F 12 19.47 19.64 4.56
C SER F 12 18.04 20.05 4.18
N ALA F 13 17.91 21.10 3.37
CA ALA F 13 16.62 21.65 2.97
C ALA F 13 15.79 20.70 2.09
N LEU F 14 16.45 19.91 1.26
CA LEU F 14 15.75 18.90 0.45
C LEU F 14 14.97 17.93 1.32
N GLN F 15 15.66 17.36 2.32
CA GLN F 15 15.07 16.43 3.27
C GLN F 15 13.97 17.09 4.11
N ILE F 16 14.25 18.30 4.59
CA ILE F 16 13.30 19.04 5.42
C ILE F 16 12.00 19.31 4.67
N LEU F 17 12.10 19.90 3.46
CA LEU F 17 10.90 20.29 2.71
C LEU F 17 10.15 19.09 2.13
N LYS F 18 10.86 18.03 1.77
CA LYS F 18 10.21 16.79 1.38
C LYS F 18 9.41 16.21 2.56
N GLY F 19 10.05 16.14 3.72
CA GLY F 19 9.39 15.70 4.94
C GLY F 19 8.19 16.54 5.28
N ALA F 20 8.32 17.86 5.10
CA ALA F 20 7.21 18.79 5.28
C ALA F 20 6.04 18.49 4.33
N LYS F 21 6.33 18.34 3.04
CA LYS F 21 5.33 17.97 2.04
C LYS F 21 4.63 16.65 2.38
N ASP F 22 5.40 15.69 2.91
CA ASP F 22 4.86 14.40 3.34
C ASP F 22 3.84 14.49 4.49
N GLU F 23 3.84 15.61 5.20
CA GLU F 23 2.92 15.81 6.33
C GLU F 23 1.83 16.84 6.03
N GLY F 24 1.75 17.29 4.78
CA GLY F 24 0.67 18.17 4.34
C GLY F 24 0.95 19.67 4.45
N PHE F 25 2.22 20.03 4.57
CA PHE F 25 2.62 21.43 4.59
C PHE F 25 2.99 21.92 3.19
N GLU F 26 2.66 23.17 2.90
CA GLU F 26 3.28 23.87 1.78
C GLU F 26 4.68 24.34 2.21
N THR F 27 5.59 24.44 1.24
CA THR F 27 7.01 24.56 1.55
C THR F 27 7.69 25.76 0.91
N ILE F 28 8.65 26.31 1.64
CA ILE F 28 9.40 27.49 1.22
C ILE F 28 10.89 27.24 1.38
N ALA F 29 11.65 27.54 0.33
CA ALA F 29 13.11 27.57 0.38
C ALA F 29 13.56 29.01 0.10
N PHE F 30 14.43 29.53 0.96
CA PHE F 30 15.00 30.86 0.71
C PHE F 30 16.53 30.84 0.68
N GLY F 31 17.10 31.53 -0.30
CA GLY F 31 18.55 31.59 -0.46
C GLY F 31 19.01 32.06 -1.83
N SER F 32 20.19 31.58 -2.23
CA SER F 32 20.84 32.01 -3.46
C SER F 32 20.09 31.58 -4.72
N SER F 33 20.11 32.42 -5.75
CA SER F 33 19.45 32.13 -7.02
C SER F 33 20.11 30.98 -7.79
N LYS F 34 21.39 30.73 -7.52
CA LYS F 34 22.12 29.66 -8.21
C LYS F 34 21.73 28.25 -7.77
N VAL F 35 21.16 28.12 -6.58
CA VAL F 35 20.67 26.82 -6.10
C VAL F 35 19.17 26.58 -6.35
N LYS F 36 18.46 27.60 -6.85
CA LYS F 36 17.02 27.49 -7.12
C LYS F 36 16.63 26.22 -7.92
N PRO F 37 17.31 25.93 -9.05
CA PRO F 37 16.96 24.72 -9.81
C PRO F 37 16.98 23.43 -8.98
N LEU F 38 17.89 23.34 -8.01
CA LEU F 38 17.98 22.15 -7.15
C LEU F 38 16.66 21.85 -6.43
N TYR F 39 15.98 22.89 -5.98
CA TYR F 39 14.82 22.77 -5.09
C TYR F 39 13.48 22.83 -5.83
N THR F 40 13.53 23.20 -7.10
CA THR F 40 12.32 23.44 -7.89
C THR F 40 12.31 22.68 -9.22
N LYS F 41 13.48 22.21 -9.65
CA LYS F 41 13.61 21.51 -10.93
C LYS F 41 14.09 20.06 -10.73
N TYR F 42 15.29 19.91 -10.16
CA TYR F 42 15.87 18.58 -9.97
C TYR F 42 15.21 17.82 -8.82
N PHE F 43 14.91 18.51 -7.72
CA PHE F 43 14.12 17.94 -6.65
C PHE F 43 13.03 18.93 -6.24
N PRO F 44 11.86 18.88 -6.91
CA PRO F 44 10.80 19.88 -6.70
C PRO F 44 10.11 19.72 -5.34
N VAL F 45 10.76 20.21 -4.29
CA VAL F 45 10.29 20.05 -2.91
C VAL F 45 9.85 21.39 -2.32
N ALA F 46 10.16 22.48 -3.03
CA ALA F 46 9.83 23.84 -2.59
C ALA F 46 8.70 24.44 -3.43
N ASP F 47 7.57 24.73 -2.79
CA ASP F 47 6.43 25.38 -3.46
C ASP F 47 6.71 26.85 -3.73
N TYR F 48 7.52 27.46 -2.88
CA TYR F 48 8.02 28.82 -3.07
C TYR F 48 9.53 28.81 -2.97
N PHE F 49 10.19 29.50 -3.90
CA PHE F 49 11.60 29.83 -3.75
C PHE F 49 11.78 31.34 -3.73
N ILE F 50 12.35 31.85 -2.65
CA ILE F 50 12.64 33.28 -2.55
C ILE F 50 14.14 33.49 -2.68
N GLU F 51 14.53 34.38 -3.57
CA GLU F 51 15.95 34.65 -3.82
C GLU F 51 16.45 35.81 -2.96
N GLU F 52 16.34 35.62 -1.66
CA GLU F 52 16.88 36.54 -0.65
C GLU F 52 17.54 35.70 0.44
N LYS F 53 18.50 36.29 1.14
CA LYS F 53 19.20 35.62 2.24
C LYS F 53 18.26 35.40 3.43
N TYR F 54 17.45 36.41 3.73
CA TYR F 54 16.43 36.33 4.77
C TYR F 54 15.25 37.28 4.50
N PRO F 55 14.24 36.78 3.76
CA PRO F 55 13.06 37.56 3.38
C PRO F 55 11.98 37.54 4.45
N GLU F 56 12.27 38.20 5.57
CA GLU F 56 11.44 38.15 6.78
C GLU F 56 9.97 38.47 6.54
N GLU F 57 9.72 39.50 5.74
CA GLU F 57 8.37 40.00 5.57
C GLU F 57 7.50 39.10 4.68
N GLU F 58 8.07 38.63 3.57
CA GLU F 58 7.39 37.67 2.70
C GLU F 58 7.15 36.35 3.43
N LEU F 59 8.09 35.96 4.29
CA LEU F 59 7.96 34.76 5.14
C LEU F 59 6.82 34.90 6.15
N LEU F 60 6.70 36.07 6.78
CA LEU F 60 5.58 36.35 7.68
C LEU F 60 4.26 36.34 6.91
N ASN F 61 4.28 36.92 5.69
CA ASN F 61 3.13 36.95 4.80
C ASN F 61 2.68 35.55 4.35
N LEU F 62 3.63 34.62 4.28
CA LEU F 62 3.33 33.23 3.88
C LEU F 62 3.07 32.30 5.08
N ASN F 63 2.92 32.90 6.27
CA ASN F 63 2.65 32.16 7.51
C ASN F 63 3.75 31.15 7.84
N ALA F 64 4.99 31.53 7.59
CA ALA F 64 6.11 30.60 7.66
C ALA F 64 6.60 30.31 9.08
N VAL F 65 7.00 29.05 9.29
CA VAL F 65 7.81 28.67 10.44
C VAL F 65 9.14 28.19 9.87
N VAL F 66 10.23 28.76 10.39
CA VAL F 66 11.56 28.40 9.92
C VAL F 66 12.11 27.19 10.66
N VAL F 67 12.38 26.13 9.90
CA VAL F 67 13.12 24.99 10.40
C VAL F 67 14.60 25.25 10.08
N PRO F 68 15.43 25.40 11.12
CA PRO F 68 16.80 25.82 10.90
C PRO F 68 17.66 24.69 10.36
N THR F 69 18.36 24.96 9.27
CA THR F 69 19.34 24.04 8.69
C THR F 69 20.67 24.24 9.38
N GLY F 70 21.64 23.39 9.03
CA GLY F 70 22.97 23.41 9.64
C GLY F 70 23.78 24.68 9.39
N SER F 71 23.56 25.31 8.24
CA SER F 71 24.32 26.50 7.84
C SER F 71 23.54 27.81 8.04
N PHE F 72 22.30 27.70 8.50
CA PHE F 72 21.40 28.84 8.68
C PHE F 72 22.05 30.01 9.44
N VAL F 73 22.62 29.71 10.60
CA VAL F 73 23.25 30.73 11.46
C VAL F 73 24.55 31.27 10.85
N ALA F 74 25.30 30.40 10.16
CA ALA F 74 26.52 30.80 9.47
C ALA F 74 26.29 31.85 8.37
N HIS F 75 25.26 31.64 7.55
CA HIS F 75 24.96 32.56 6.45
C HIS F 75 24.29 33.87 6.90
N LEU F 76 23.58 33.84 8.02
CA LEU F 76 22.78 34.98 8.49
C LEU F 76 23.42 35.78 9.62
N GLY F 77 24.13 35.09 10.50
CA GLY F 77 24.70 35.70 11.69
C GLY F 77 23.82 35.45 12.89
N ILE F 78 24.45 35.16 14.03
CA ILE F 78 23.75 34.79 15.27
C ILE F 78 22.81 35.88 15.82
N GLU F 79 23.11 37.15 15.54
CA GLU F 79 22.29 38.24 16.06
C GLU F 79 21.02 38.46 15.23
N LEU F 80 21.15 38.40 13.91
CA LEU F 80 20.01 38.48 13.00
C LEU F 80 19.05 37.31 13.24
N VAL F 81 19.61 36.14 13.55
CA VAL F 81 18.81 34.95 13.87
C VAL F 81 18.08 35.10 15.21
N GLU F 82 18.78 35.55 16.24
CA GLU F 82 18.20 35.73 17.57
C GLU F 82 17.15 36.85 17.64
N ASN F 83 17.20 37.78 16.68
CA ASN F 83 16.23 38.86 16.61
C ASN F 83 15.21 38.68 15.48
N MET F 84 15.17 37.48 14.89
CA MET F 84 14.25 37.22 13.79
C MET F 84 12.80 37.20 14.26
N LYS F 85 11.92 37.75 13.43
CA LYS F 85 10.50 37.86 13.76
C LYS F 85 9.71 36.63 13.31
N VAL F 86 10.21 35.95 12.28
CA VAL F 86 9.63 34.69 11.82
C VAL F 86 9.88 33.62 12.89
N PRO F 87 8.82 32.92 13.33
CA PRO F 87 8.96 31.84 14.32
C PRO F 87 10.01 30.80 13.94
N TYR F 88 10.66 30.25 14.96
CA TYR F 88 11.86 29.43 14.79
C TYR F 88 11.64 28.11 15.50
N PHE F 89 11.69 27.01 14.74
CA PHE F 89 11.49 25.69 15.35
C PHE F 89 12.70 25.23 16.14
N GLY F 90 12.53 25.15 17.46
CA GLY F 90 13.61 24.88 18.40
C GLY F 90 13.79 26.01 19.37
N ASN F 91 14.79 25.88 20.25
CA ASN F 91 15.09 26.88 21.25
C ASN F 91 16.27 27.76 20.80
N LYS F 92 15.97 29.01 20.45
CA LYS F 92 16.98 29.99 20.04
C LYS F 92 18.06 30.27 21.09
N ARG F 93 17.73 30.00 22.35
CA ARG F 93 18.69 30.18 23.45
C ARG F 93 19.88 29.23 23.36
N VAL F 94 19.66 28.06 22.75
CA VAL F 94 20.73 27.06 22.56
C VAL F 94 21.90 27.60 21.74
N LEU F 95 21.61 28.52 20.81
CA LEU F 95 22.60 29.02 19.85
C LEU F 95 23.92 29.54 20.45
N ARG F 96 23.84 30.31 21.54
CA ARG F 96 25.06 30.83 22.16
C ARG F 96 25.90 29.75 22.85
N TRP F 97 25.25 28.68 23.28
CA TRP F 97 25.91 27.54 23.92
C TRP F 97 26.75 26.73 22.94
N GLU F 98 26.27 26.61 21.71
CA GLU F 98 26.97 25.84 20.69
C GLU F 98 28.00 26.66 19.89
N SER F 99 27.97 27.98 20.05
CA SER F 99 28.94 28.86 19.41
C SER F 99 30.16 29.13 20.31
N ASP F 100 30.06 28.73 21.56
CA ASP F 100 31.12 28.94 22.53
C ASP F 100 31.65 27.59 23.03
N ARG F 101 32.93 27.33 22.77
CA ARG F 101 33.57 26.06 23.13
C ARG F 101 33.65 25.81 24.64
N ASN F 102 33.72 26.88 25.42
CA ASN F 102 33.64 26.79 26.88
C ASN F 102 32.24 26.39 27.35
N LEU F 103 31.22 26.97 26.70
CA LEU F 103 29.83 26.64 27.00
C LEU F 103 29.47 25.22 26.56
N GLU F 104 29.97 24.83 25.38
CA GLU F 104 29.84 23.44 24.92
C GLU F 104 30.40 22.48 25.97
N ARG F 105 31.62 22.75 26.42
CA ARG F 105 32.28 21.90 27.42
C ARG F 105 31.51 21.89 28.74
N LYS F 106 31.00 23.05 29.13
CA LYS F 106 30.19 23.19 30.34
C LYS F 106 28.88 22.38 30.26
N TRP F 107 28.17 22.52 29.15
CA TRP F 107 26.94 21.78 28.88
C TRP F 107 27.21 20.27 28.93
N LEU F 108 28.26 19.84 28.23
CA LEU F 108 28.65 18.43 28.17
C LEU F 108 29.04 17.85 29.53
N LYS F 109 29.78 18.64 30.32
CA LYS F 109 30.17 18.21 31.68
C LYS F 109 28.94 18.00 32.55
N LYS F 110 28.03 18.98 32.55
CA LYS F 110 26.81 18.90 33.36
C LYS F 110 25.89 17.76 32.93
N ALA F 111 25.92 17.44 31.63
CA ALA F 111 25.18 16.30 31.08
C ALA F 111 25.89 14.96 31.32
N GLY F 112 27.04 15.00 31.98
CA GLY F 112 27.80 13.78 32.29
C GLY F 112 28.27 13.04 31.06
N ILE F 113 28.80 13.79 30.10
CA ILE F 113 29.26 13.22 28.84
C ILE F 113 30.79 13.22 28.80
N ARG F 114 31.38 12.07 28.47
CA ARG F 114 32.83 11.96 28.31
C ARG F 114 33.32 12.93 27.26
N VAL F 115 34.30 13.74 27.64
CA VAL F 115 34.92 14.70 26.74
C VAL F 115 36.43 14.49 26.70
N PRO F 116 37.10 14.91 25.60
CA PRO F 116 38.57 14.84 25.59
C PRO F 116 39.20 15.80 26.60
N GLU F 117 40.38 15.44 27.08
CA GLU F 117 41.17 16.34 27.93
C GLU F 117 41.53 17.61 27.15
N VAL F 118 41.61 18.72 27.87
CA VAL F 118 42.00 20.00 27.29
C VAL F 118 43.31 20.48 27.93
N TYR F 119 44.15 21.15 27.15
CA TYR F 119 45.40 21.75 27.64
C TYR F 119 45.36 23.27 27.56
N GLU F 120 45.44 23.92 28.72
CA GLU F 120 45.54 25.37 28.78
C GLU F 120 46.94 25.84 28.37
N ASP F 121 47.95 25.08 28.79
CA ASP F 121 49.34 25.40 28.53
C ASP F 121 49.98 24.35 27.62
N PRO F 122 50.44 24.78 26.42
CA PRO F 122 51.08 23.89 25.44
C PRO F 122 52.30 23.13 25.97
N ASP F 123 52.94 23.67 26.99
CA ASP F 123 54.09 23.01 27.62
C ASP F 123 53.70 21.73 28.36
N ASP F 124 52.43 21.65 28.76
CA ASP F 124 51.92 20.49 29.51
C ASP F 124 51.50 19.31 28.62
N ILE F 125 51.54 19.50 27.29
CA ILE F 125 51.19 18.45 26.33
C ILE F 125 52.03 17.19 26.55
N GLU F 126 51.35 16.09 26.89
CA GLU F 126 52.03 14.80 27.12
C GLU F 126 51.55 13.71 26.15
N LYS F 127 50.46 13.99 25.44
CA LYS F 127 49.94 13.10 24.40
C LYS F 127 49.55 13.92 23.17
N PRO F 128 49.50 13.28 21.97
CA PRO F 128 49.16 14.00 20.75
C PRO F 128 47.84 14.78 20.83
N VAL F 129 47.82 15.98 20.25
CA VAL F 129 46.68 16.87 20.36
C VAL F 129 46.14 17.33 19.01
N ILE F 130 44.87 17.72 19.01
CA ILE F 130 44.26 18.43 17.90
C ILE F 130 44.05 19.89 18.33
N VAL F 131 44.38 20.82 17.44
CA VAL F 131 44.31 22.24 17.75
C VAL F 131 43.17 22.89 16.97
N LYS F 132 42.27 23.54 17.69
CA LYS F 132 41.08 24.14 17.11
C LYS F 132 41.13 25.66 17.28
N PRO F 133 41.30 26.40 16.17
CA PRO F 133 41.25 27.88 16.20
C PRO F 133 39.92 28.40 16.73
N HIS F 134 39.94 29.61 17.28
CA HIS F 134 38.73 30.24 17.82
C HIS F 134 37.66 30.42 16.76
N GLY F 135 36.42 30.06 17.11
CA GLY F 135 35.27 30.22 16.23
C GLY F 135 35.29 29.39 14.96
N ALA F 136 36.18 28.40 14.90
CA ALA F 136 36.34 27.56 13.72
C ALA F 136 35.18 26.59 13.55
N LYS F 137 34.59 26.57 12.35
CA LYS F 137 33.55 25.62 12.00
C LYS F 137 33.95 24.74 10.82
N GLY F 138 33.31 23.57 10.72
CA GLY F 138 33.57 22.62 9.65
C GLY F 138 35.00 22.11 9.60
N GLY F 139 35.67 22.12 10.76
CA GLY F 139 37.02 21.62 10.90
C GLY F 139 38.14 22.46 10.30
N LYS F 140 37.82 23.66 9.83
CA LYS F 140 38.82 24.52 9.19
C LYS F 140 39.84 25.06 10.20
N GLY F 141 41.12 25.05 9.81
CA GLY F 141 42.20 25.53 10.67
C GLY F 141 42.79 24.50 11.62
N TYR F 142 42.11 23.35 11.74
CA TYR F 142 42.55 22.25 12.60
C TYR F 142 43.91 21.71 12.17
N PHE F 143 44.73 21.36 13.16
CA PHE F 143 46.01 20.68 12.90
C PHE F 143 46.45 19.87 14.11
N LEU F 144 47.27 18.85 13.86
CA LEU F 144 47.73 17.94 14.90
C LEU F 144 49.13 18.31 15.38
N ALA F 145 49.36 18.15 16.68
CA ALA F 145 50.68 18.35 17.27
C ALA F 145 51.08 17.12 18.08
N LYS F 146 52.26 16.59 17.75
CA LYS F 146 52.80 15.39 18.38
C LYS F 146 53.18 15.63 19.84
N ASP F 147 53.83 16.77 20.09
CA ASP F 147 54.32 17.15 21.42
C ASP F 147 54.39 18.67 21.54
N PRO F 148 54.84 19.20 22.70
CA PRO F 148 54.98 20.66 22.91
C PRO F 148 55.73 21.41 21.82
N GLU F 149 56.83 20.85 21.33
CA GLU F 149 57.67 21.54 20.33
C GLU F 149 57.10 21.45 18.92
N ASP F 150 56.42 20.35 18.63
CA ASP F 150 55.67 20.23 17.38
C ASP F 150 54.50 21.22 17.35
N PHE F 151 53.94 21.52 18.53
CA PHE F 151 52.87 22.51 18.63
C PHE F 151 53.36 23.91 18.26
N TRP F 152 54.44 24.36 18.90
CA TRP F 152 54.97 25.71 18.68
C TRP F 152 55.43 25.93 17.24
N ARG F 153 56.04 24.90 16.65
CA ARG F 153 56.47 24.93 15.26
C ARG F 153 55.28 25.10 14.30
N LYS F 154 54.20 24.37 14.57
CA LYS F 154 52.99 24.44 13.73
C LYS F 154 52.10 25.65 14.05
N ALA F 155 52.05 26.04 15.33
CA ALA F 155 51.27 27.19 15.77
C ALA F 155 51.78 28.50 15.15
N GLU F 156 53.08 28.58 14.94
CA GLU F 156 53.70 29.73 14.28
C GLU F 156 53.38 29.71 12.79
N LYS F 157 53.51 28.52 12.18
CA LYS F 157 53.28 28.31 10.75
C LYS F 157 51.82 28.61 10.34
N PHE F 158 50.85 28.07 11.09
CA PHE F 158 49.45 28.15 10.71
C PHE F 158 48.68 29.34 11.31
N LEU F 159 49.08 29.80 12.50
CA LEU F 159 48.32 30.82 13.21
C LEU F 159 49.11 32.08 13.58
N GLY F 160 50.44 31.96 13.60
CA GLY F 160 51.32 33.07 14.02
C GLY F 160 51.45 33.19 15.53
N ILE F 161 51.28 32.07 16.23
CA ILE F 161 51.44 32.03 17.68
C ILE F 161 52.88 31.67 18.04
N LYS F 162 53.48 32.43 18.95
CA LYS F 162 54.85 32.16 19.40
C LYS F 162 55.02 32.13 20.94
N ARG F 163 54.09 32.75 21.66
CA ARG F 163 54.15 32.78 23.12
C ARG F 163 52.85 32.28 23.77
N LYS F 164 52.96 31.84 25.03
CA LYS F 164 51.80 31.37 25.81
C LYS F 164 50.73 32.45 25.96
N GLU F 165 51.16 33.71 25.95
CA GLU F 165 50.29 34.85 26.19
C GLU F 165 49.38 35.12 24.99
N ASP F 166 49.88 34.82 23.80
CA ASP F 166 49.15 35.04 22.55
C ASP F 166 48.60 33.75 21.97
N LEU F 167 47.86 32.99 22.79
CA LEU F 167 47.20 31.77 22.30
C LEU F 167 45.86 32.06 21.63
N LYS F 168 45.46 33.33 21.63
CA LYS F 168 44.18 33.82 21.07
C LYS F 168 43.00 32.84 21.15
N ASN F 169 42.69 32.41 22.37
CA ASN F 169 41.61 31.45 22.66
C ASN F 169 41.40 30.31 21.64
N ILE F 170 42.51 29.66 21.28
CA ILE F 170 42.45 28.38 20.59
C ILE F 170 42.12 27.29 21.61
N GLN F 171 41.63 26.16 21.13
CA GLN F 171 41.45 25.00 21.99
C GLN F 171 42.49 23.95 21.62
N ILE F 172 43.22 23.50 22.63
CA ILE F 172 44.17 22.41 22.49
C ILE F 172 43.54 21.18 23.14
N GLN F 173 43.18 20.21 22.32
CA GLN F 173 42.44 19.03 22.77
C GLN F 173 43.23 17.74 22.57
N GLU F 174 43.15 16.88 23.57
CA GLU F 174 43.56 15.49 23.44
C GLU F 174 42.97 14.87 22.17
N TYR F 175 43.84 14.34 21.31
CA TYR F 175 43.37 13.60 20.13
C TYR F 175 42.93 12.21 20.56
N VAL F 176 41.62 11.98 20.50
CA VAL F 176 41.06 10.70 20.93
C VAL F 176 41.02 9.74 19.74
N LEU F 177 41.73 8.62 19.90
CA LEU F 177 41.84 7.61 18.85
C LEU F 177 40.67 6.64 18.94
N GLY F 178 39.59 6.97 18.23
CA GLY F 178 38.41 6.15 18.11
C GLY F 178 37.74 6.40 16.77
N VAL F 179 36.78 5.55 16.42
CA VAL F 179 36.08 5.67 15.14
C VAL F 179 35.02 6.77 15.23
N PRO F 180 34.97 7.66 14.22
CA PRO F 180 33.93 8.69 14.21
C PRO F 180 32.53 8.06 14.16
N VAL F 181 31.65 8.51 15.05
CA VAL F 181 30.26 8.08 15.13
C VAL F 181 29.38 9.31 15.39
N TYR F 182 28.26 9.41 14.67
CA TYR F 182 27.37 10.56 14.79
C TYR F 182 25.91 10.13 14.97
N PRO F 183 25.49 9.87 16.22
CA PRO F 183 24.08 9.52 16.45
C PRO F 183 23.18 10.75 16.26
N HIS F 184 22.03 10.55 15.62
CA HIS F 184 21.06 11.62 15.40
C HIS F 184 19.83 11.37 16.28
N TYR F 185 19.42 12.41 16.99
CA TYR F 185 18.34 12.30 17.96
C TYR F 185 17.18 13.21 17.57
N PHE F 186 16.03 12.96 18.18
CA PHE F 186 14.92 13.91 18.14
C PHE F 186 14.23 13.87 19.49
N TYR F 187 14.12 15.03 20.12
CA TYR F 187 13.32 15.15 21.33
C TYR F 187 11.97 15.80 21.03
N SER F 188 10.91 15.01 21.18
CA SER F 188 9.55 15.49 20.99
C SER F 188 9.08 16.24 22.23
N LYS F 189 8.87 17.54 22.09
CA LYS F 189 8.27 18.33 23.18
C LYS F 189 6.77 18.03 23.31
N VAL F 190 6.13 17.75 22.17
CA VAL F 190 4.72 17.35 22.13
C VAL F 190 4.47 16.04 22.87
N ARG F 191 5.27 15.00 22.56
CA ARG F 191 5.11 13.68 23.19
C ARG F 191 5.98 13.47 24.43
N GLU F 192 6.83 14.44 24.75
CA GLU F 192 7.75 14.35 25.91
C GLU F 192 8.60 13.08 25.89
N GLU F 193 9.23 12.81 24.75
CA GLU F 193 10.05 11.60 24.57
C GLU F 193 11.29 11.88 23.72
N LEU F 194 12.36 11.15 24.03
CA LEU F 194 13.57 11.17 23.19
C LEU F 194 13.62 9.95 22.26
N GLU F 195 13.93 10.22 20.98
CA GLU F 195 14.08 9.20 19.96
C GLU F 195 15.49 9.16 19.41
N LEU F 196 15.93 7.95 19.03
CA LEU F 196 17.13 7.78 18.21
C LEU F 196 16.70 7.67 16.74
N MET F 197 17.05 8.68 15.96
CA MET F 197 16.59 8.80 14.58
C MET F 197 17.38 7.96 13.59
N SER F 198 18.70 7.99 13.74
CA SER F 198 19.66 7.43 12.79
C SER F 198 21.08 7.67 13.28
N ILE F 199 22.05 7.05 12.63
CA ILE F 199 23.46 7.24 12.95
C ILE F 199 24.24 7.24 11.63
N ASP F 200 25.28 8.06 11.54
CA ASP F 200 26.15 8.05 10.37
C ASP F 200 27.63 8.24 10.69
N ARG F 201 28.47 8.08 9.68
CA ARG F 201 29.86 8.47 9.73
C ARG F 201 30.09 9.54 8.67
N ARG F 202 30.43 10.75 9.11
CA ARG F 202 30.73 11.86 8.23
C ARG F 202 31.96 11.55 7.37
N TYR F 203 31.90 12.00 6.11
CA TYR F 203 32.91 11.72 5.10
C TYR F 203 33.67 13.00 4.80
N GLU F 204 34.96 13.02 5.11
CA GLU F 204 35.74 14.25 5.13
C GLU F 204 37.03 14.18 4.32
N SER F 205 37.41 15.33 3.76
CA SER F 205 38.60 15.43 2.91
C SER F 205 39.57 16.47 3.48
N ASN F 206 40.87 16.19 3.48
CA ASN F 206 41.47 14.98 2.91
C ASN F 206 41.68 13.81 3.88
N VAL F 207 41.26 14.00 5.14
CA VAL F 207 41.49 13.02 6.22
C VAL F 207 41.07 11.58 5.87
N ASP F 208 39.96 11.42 5.14
CA ASP F 208 39.51 10.07 4.76
C ASP F 208 40.14 9.55 3.46
N ALA F 209 40.99 10.36 2.83
CA ALA F 209 41.70 9.97 1.60
C ALA F 209 43.16 9.53 1.83
N ILE F 210 43.76 10.00 2.92
CA ILE F 210 45.19 9.73 3.19
C ILE F 210 45.49 8.26 3.50
N GLY F 211 44.48 7.53 3.98
CA GLY F 211 44.59 6.10 4.26
C GLY F 211 44.77 5.26 3.01
N ARG F 212 44.44 5.83 1.86
CA ARG F 212 44.64 5.18 0.56
C ARG F 212 46.09 5.34 0.04
N ILE F 213 46.84 6.25 0.67
CA ILE F 213 48.25 6.45 0.34
C ILE F 213 49.13 5.63 1.30
N PRO F 214 49.95 4.72 0.75
CA PRO F 214 50.90 3.95 1.56
C PRO F 214 51.81 4.89 2.37
N ALA F 215 52.13 4.48 3.60
CA ALA F 215 52.94 5.28 4.51
C ALA F 215 54.22 5.82 3.86
N LYS F 216 54.92 4.97 3.10
CA LYS F 216 56.13 5.38 2.41
C LYS F 216 55.92 6.49 1.37
N ASP F 217 54.70 6.60 0.85
CA ASP F 217 54.40 7.58 -0.20
C ASP F 217 53.83 8.90 0.34
N GLN F 218 53.46 8.93 1.62
CA GLN F 218 52.78 10.10 2.20
C GLN F 218 53.66 11.35 2.28
N LEU F 219 54.97 11.14 2.42
CA LEU F 219 55.94 12.22 2.55
C LEU F 219 55.98 13.11 1.31
N GLU F 220 55.82 12.48 0.14
CA GLU F 220 55.85 13.16 -1.16
C GLU F 220 54.76 14.22 -1.31
N PHE F 221 53.73 14.15 -0.48
CA PHE F 221 52.55 14.99 -0.65
C PHE F 221 52.56 16.32 0.10
N ASP F 222 53.42 16.43 1.12
CA ASP F 222 53.44 17.60 2.00
C ASP F 222 52.02 17.83 2.53
N MET F 223 51.67 17.05 3.55
CA MET F 223 50.29 16.79 3.91
C MET F 223 49.78 17.65 5.06
N ASP F 224 49.15 18.77 4.71
CA ASP F 224 48.35 19.54 5.65
C ASP F 224 47.00 18.83 5.75
N ILE F 225 46.75 18.20 6.91
CA ILE F 225 45.52 17.43 7.10
C ILE F 225 44.30 18.34 7.28
N THR F 226 43.26 18.07 6.51
CA THR F 226 42.05 18.86 6.54
C THR F 226 40.85 17.98 6.88
N TYR F 227 39.78 18.62 7.35
CA TYR F 227 38.57 17.92 7.77
C TYR F 227 37.33 18.50 7.08
N THR F 228 37.51 18.96 5.83
CA THR F 228 36.42 19.53 5.05
C THR F 228 35.30 18.49 4.87
N VAL F 229 34.09 18.87 5.26
CA VAL F 229 32.92 17.99 5.14
C VAL F 229 32.54 17.81 3.67
N ILE F 230 32.45 16.55 3.24
CA ILE F 230 32.11 16.22 1.85
C ILE F 230 30.77 15.48 1.75
N GLY F 231 30.55 14.55 2.67
CA GLY F 231 29.33 13.76 2.63
C GLY F 231 29.13 12.90 3.86
N ASN F 232 28.31 11.86 3.70
CA ASN F 232 27.87 11.04 4.81
C ASN F 232 27.69 9.58 4.44
N ILE F 233 28.12 8.70 5.35
CA ILE F 233 28.02 7.26 5.17
C ILE F 233 27.13 6.68 6.28
N PRO F 234 26.08 5.93 5.90
CA PRO F 234 25.20 5.30 6.89
C PRO F 234 25.90 4.22 7.72
N ILE F 235 25.61 4.21 9.01
CA ILE F 235 26.01 3.09 9.89
C ILE F 235 24.89 2.73 10.87
N VAL F 236 25.01 1.55 11.47
CA VAL F 236 24.31 1.23 12.70
C VAL F 236 25.37 0.96 13.73
N LEU F 237 25.03 1.11 14.99
CA LEU F 237 25.93 0.72 16.06
C LEU F 237 25.68 -0.71 16.52
N ARG F 238 26.69 -1.28 17.15
CA ARG F 238 26.57 -2.47 17.96
C ARG F 238 25.46 -2.24 18.97
N GLU F 239 24.55 -3.21 19.08
CA GLU F 239 23.30 -3.03 19.83
C GLU F 239 23.49 -2.71 21.32
N SER F 240 24.42 -3.41 21.99
CA SER F 240 24.71 -3.17 23.41
C SER F 240 25.28 -1.79 23.72
N LEU F 241 25.51 -0.97 22.69
CA LEU F 241 26.00 0.40 22.85
C LEU F 241 24.88 1.43 22.79
N LEU F 242 23.69 1.01 22.35
CA LEU F 242 22.57 1.94 22.13
C LEU F 242 22.07 2.59 23.42
N MET F 243 22.02 1.83 24.51
CA MET F 243 21.53 2.37 25.79
C MET F 243 22.41 3.51 26.29
N ASP F 244 23.73 3.31 26.22
CA ASP F 244 24.73 4.34 26.52
C ASP F 244 24.49 5.60 25.69
N VAL F 245 24.35 5.42 24.38
CA VAL F 245 24.14 6.52 23.44
C VAL F 245 22.83 7.28 23.72
N ILE F 246 21.78 6.54 24.00
CA ILE F 246 20.46 7.12 24.27
C ILE F 246 20.42 7.87 25.60
N GLU F 247 20.91 7.24 26.67
CA GLU F 247 21.01 7.88 27.98
C GLU F 247 21.81 9.19 27.90
N ALA F 248 22.91 9.16 27.15
CA ALA F 248 23.70 10.35 26.89
C ALA F 248 22.83 11.48 26.34
N GLY F 249 22.01 11.17 25.34
CA GLY F 249 21.08 12.13 24.77
C GLY F 249 20.04 12.64 25.77
N GLU F 250 19.55 11.76 26.62
CA GLU F 250 18.57 12.12 27.66
C GLU F 250 19.15 13.13 28.65
N ARG F 251 20.38 12.88 29.08
CA ARG F 251 21.08 13.78 30.01
C ARG F 251 21.38 15.12 29.34
N VAL F 252 21.66 15.11 28.04
CA VAL F 252 21.90 16.34 27.29
C VAL F 252 20.65 17.23 27.24
N VAL F 253 19.49 16.60 27.04
CA VAL F 253 18.21 17.29 27.05
C VAL F 253 17.87 17.84 28.45
N LYS F 254 18.04 16.99 29.47
CA LYS F 254 17.81 17.37 30.86
C LYS F 254 18.68 18.55 31.30
N ALA F 255 19.99 18.45 31.04
CA ALA F 255 20.93 19.53 31.34
C ALA F 255 20.52 20.85 30.66
N ALA F 256 20.04 20.75 29.42
CA ALA F 256 19.56 21.92 28.68
C ALA F 256 18.29 22.51 29.28
N GLU F 257 17.44 21.64 29.82
CA GLU F 257 16.21 22.07 30.47
C GLU F 257 16.50 22.94 31.71
N GLU F 258 17.62 22.68 32.38
CA GLU F 258 18.03 23.46 33.54
C GLU F 258 19.00 24.62 33.24
N LEU F 259 19.61 24.61 32.05
CA LEU F 259 20.61 25.62 31.68
C LEU F 259 20.13 26.69 30.71
N MET F 260 19.31 26.29 29.74
CA MET F 260 18.92 27.20 28.65
C MET F 260 17.42 27.15 28.31
N GLY F 261 16.64 26.57 29.22
CA GLY F 261 15.20 26.48 29.04
C GLY F 261 14.77 25.43 28.03
N GLY F 262 15.56 24.37 27.90
CA GLY F 262 15.16 23.19 27.15
C GLY F 262 15.86 22.95 25.82
N LEU F 263 15.89 21.67 25.43
CA LEU F 263 16.30 21.28 24.09
C LEU F 263 15.23 20.37 23.49
N TRP F 264 14.69 20.77 22.34
CA TRP F 264 13.75 19.93 21.61
C TRP F 264 14.03 20.00 20.11
N GLY F 265 13.53 19.01 19.39
CA GLY F 265 13.79 18.88 17.97
C GLY F 265 15.02 18.04 17.71
N PRO F 266 15.62 18.20 16.51
CA PRO F 266 16.80 17.41 16.14
C PRO F 266 18.08 17.86 16.84
N PHE F 267 18.90 16.88 17.22
CA PHE F 267 20.29 17.15 17.62
C PHE F 267 21.18 15.95 17.38
N CYS F 268 22.49 16.18 17.44
CA CYS F 268 23.49 15.16 17.23
C CYS F 268 24.62 15.33 18.22
N LEU F 269 25.10 14.22 18.77
CA LEU F 269 26.33 14.21 19.55
C LEU F 269 27.45 13.72 18.64
N GLU F 270 28.41 14.60 18.36
CA GLU F 270 29.52 14.27 17.46
C GLU F 270 30.72 13.79 18.26
N GLY F 271 31.15 12.56 18.01
CA GLY F 271 32.27 11.99 18.74
C GLY F 271 32.90 10.77 18.11
N VAL F 272 33.61 10.00 18.94
CA VAL F 272 34.29 8.78 18.53
C VAL F 272 34.04 7.67 19.53
N PHE F 273 34.10 6.43 19.05
CA PHE F 273 34.07 5.26 19.93
C PHE F 273 35.45 4.65 20.05
N THR F 274 35.96 4.61 21.27
CA THR F 274 37.29 4.06 21.58
C THR F 274 37.25 2.54 21.74
N PRO F 275 38.42 1.87 21.70
CA PRO F 275 38.52 0.42 21.89
C PRO F 275 37.89 -0.13 23.17
N ASP F 276 37.76 0.70 24.20
CA ASP F 276 37.12 0.27 25.46
C ASP F 276 35.60 0.54 25.46
N LEU F 277 35.06 0.83 24.28
CA LEU F 277 33.63 1.05 24.08
C LEU F 277 33.10 2.34 24.71
N GLU F 278 33.99 3.29 24.98
CA GLU F 278 33.61 4.60 25.50
C GLU F 278 33.26 5.55 24.37
N PHE F 279 32.16 6.27 24.54
CA PHE F 279 31.73 7.27 23.58
C PHE F 279 32.24 8.64 24.03
N VAL F 280 33.26 9.14 23.34
CA VAL F 280 33.84 10.44 23.65
C VAL F 280 33.30 11.47 22.67
N VAL F 281 32.70 12.53 23.20
CA VAL F 281 32.00 13.53 22.40
C VAL F 281 32.82 14.81 22.30
N PHE F 282 32.93 15.33 21.07
CA PHE F 282 33.64 16.58 20.83
C PHE F 282 32.70 17.77 20.95
N GLU F 283 31.51 17.63 20.40
CA GLU F 283 30.48 18.68 20.51
C GLU F 283 29.04 18.15 20.40
N ILE F 284 28.13 18.91 20.98
CA ILE F 284 26.71 18.73 20.73
C ILE F 284 26.36 19.71 19.63
N SER F 285 25.96 19.17 18.48
CA SER F 285 25.38 19.99 17.43
C SER F 285 23.87 19.93 17.62
N ALA F 286 23.32 20.99 18.21
CA ALA F 286 21.90 21.05 18.56
C ALA F 286 21.05 21.52 17.39
N ARG F 287 21.07 20.73 16.32
CA ARG F 287 20.35 21.01 15.09
C ARG F 287 20.24 19.75 14.26
N ILE F 288 19.53 19.84 13.14
CA ILE F 288 19.57 18.78 12.14
C ILE F 288 20.96 18.76 11.50
N VAL F 289 21.56 17.58 11.43
CA VAL F 289 22.87 17.43 10.79
C VAL F 289 22.77 16.71 9.44
N ALA F 290 23.76 16.94 8.58
CA ALA F 290 23.76 16.44 7.20
C ALA F 290 23.66 14.93 7.11
N GLY F 291 24.13 14.23 8.14
CA GLY F 291 24.06 12.76 8.20
C GLY F 291 22.65 12.21 8.12
N THR F 292 21.68 13.02 8.50
CA THR F 292 20.26 12.65 8.41
C THR F 292 19.77 12.59 6.96
N ASN F 293 20.51 13.23 6.04
CA ASN F 293 20.15 13.27 4.61
C ASN F 293 20.10 11.90 3.93
N ILE F 294 20.85 10.94 4.47
CA ILE F 294 20.82 9.56 3.96
C ILE F 294 19.43 8.96 4.17
N PHE F 295 18.75 9.39 5.23
CA PHE F 295 17.61 8.64 5.73
C PHE F 295 16.24 9.21 5.35
N VAL F 296 16.16 9.75 4.14
CA VAL F 296 14.92 10.22 3.52
C VAL F 296 13.85 9.13 3.53
N ASN F 297 14.26 7.89 3.26
CA ASN F 297 13.36 6.74 3.29
C ASN F 297 13.41 5.98 4.63
N GLY F 298 13.64 6.72 5.71
CA GLY F 298 13.76 6.13 7.03
C GLY F 298 15.12 5.50 7.29
N SER F 299 15.33 5.07 8.54
CA SER F 299 16.59 4.51 8.97
C SER F 299 16.38 3.10 9.53
N PRO F 300 17.49 2.35 9.75
CA PRO F 300 17.34 1.05 10.41
C PRO F 300 16.71 1.17 11.81
N TYR F 301 16.71 2.38 12.36
CA TYR F 301 16.15 2.64 13.70
C TYR F 301 14.69 3.12 13.69
N THR F 302 14.31 3.90 12.70
CA THR F 302 12.91 4.33 12.59
C THR F 302 12.02 3.18 12.14
N TRP F 303 12.56 2.31 11.29
CA TRP F 303 11.82 1.16 10.78
C TRP F 303 11.62 0.05 11.83
N LEU F 304 12.22 0.21 13.01
CA LEU F 304 11.95 -0.67 14.15
C LEU F 304 10.71 -0.22 14.92
N ARG F 305 10.31 1.03 14.74
CA ARG F 305 9.19 1.60 15.48
C ARG F 305 8.09 2.25 14.63
N TYR F 306 8.37 2.53 13.35
CA TYR F 306 7.37 3.09 12.43
C TYR F 306 6.96 2.13 11.32
N ASP F 307 5.76 2.36 10.77
CA ASP F 307 5.21 1.60 9.65
C ASP F 307 5.46 2.28 8.30
N ARG F 308 6.22 3.36 8.32
CA ARG F 308 6.42 4.21 7.15
C ARG F 308 7.81 4.85 7.20
N PRO F 309 8.30 5.35 6.04
CA PRO F 309 9.60 6.03 6.03
C PRO F 309 9.57 7.35 6.83
N VAL F 310 10.44 7.47 7.83
CA VAL F 310 10.52 8.67 8.64
C VAL F 310 11.95 9.19 8.75
N SER F 311 12.26 10.24 7.99
CA SER F 311 13.52 10.98 8.12
C SER F 311 13.42 11.94 9.31
N THR F 312 14.51 12.64 9.60
CA THR F 312 14.51 13.71 10.60
C THR F 312 13.66 14.89 10.10
N GLY F 313 13.81 15.23 8.83
CA GLY F 313 12.96 16.23 8.17
C GLY F 313 11.46 15.97 8.32
N ARG F 314 11.05 14.72 8.08
CA ARG F 314 9.65 14.32 8.29
C ARG F 314 9.24 14.35 9.76
N ARG F 315 10.12 13.89 10.64
CA ARG F 315 9.86 13.91 12.09
C ARG F 315 9.64 15.34 12.61
N ILE F 316 10.42 16.30 12.11
CA ILE F 316 10.23 17.71 12.44
C ILE F 316 8.83 18.18 12.04
N ALA F 317 8.44 17.89 10.80
CA ALA F 317 7.11 18.25 10.28
C ALA F 317 5.99 17.57 11.06
N MET F 318 6.20 16.30 11.42
CA MET F 318 5.29 15.54 12.29
C MET F 318 5.07 16.25 13.61
N GLU F 319 6.15 16.70 14.24
CA GLU F 319 6.10 17.44 15.50
C GLU F 319 5.32 18.75 15.38
N ILE F 320 5.60 19.50 14.31
CA ILE F 320 4.91 20.77 14.06
C ILE F 320 3.40 20.56 13.82
N ARG F 321 3.06 19.55 13.01
CA ARG F 321 1.65 19.20 12.74
C ARG F 321 0.89 18.80 14.03
N GLU F 322 1.47 17.89 14.81
CA GLU F 322 0.89 17.44 16.08
C GLU F 322 0.74 18.56 17.09
N ALA F 323 1.69 19.51 17.10
CA ALA F 323 1.61 20.68 17.96
C ALA F 323 0.42 21.57 17.58
N ILE F 324 0.23 21.78 16.28
CA ILE F 324 -0.93 22.51 15.76
C ILE F 324 -2.23 21.78 16.13
N GLU F 325 -2.25 20.46 15.97
CA GLU F 325 -3.40 19.63 16.27
C GLU F 325 -3.73 19.56 17.78
N ASN F 326 -2.70 19.66 18.62
CA ASN F 326 -2.90 19.63 20.08
C ASN F 326 -3.01 21.02 20.68
N ASP F 327 -3.01 22.04 19.83
CA ASP F 327 -3.09 23.45 20.22
C ASP F 327 -1.93 23.90 21.13
N MET F 328 -0.71 23.49 20.76
CA MET F 328 0.47 23.82 21.56
C MET F 328 1.67 24.21 20.71
N LEU F 329 1.40 24.73 19.51
CA LEU F 329 2.46 25.12 18.58
C LEU F 329 3.44 26.14 19.19
N GLU F 330 2.93 27.02 20.05
CA GLU F 330 3.77 28.03 20.70
C GLU F 330 4.84 27.43 21.62
N LYS F 331 4.60 26.22 22.12
CA LYS F 331 5.56 25.52 22.98
C LYS F 331 6.82 25.05 22.24
N VAL F 332 6.74 24.88 20.92
CA VAL F 332 7.88 24.39 20.14
C VAL F 332 8.57 25.49 19.30
N LEU F 333 8.05 26.71 19.39
CA LEU F 333 8.59 27.83 18.63
C LEU F 333 9.21 28.88 19.55
N THR F 334 10.25 29.56 19.06
CA THR F 334 10.86 30.71 19.77
C THR F 334 11.15 31.85 18.81
P PO4 G . -27.81 2.44 -20.27
O1 PO4 G . -26.35 2.15 -20.40
O2 PO4 G . -28.01 3.82 -19.66
O3 PO4 G . -28.44 2.40 -21.64
O4 PO4 G . -28.45 1.43 -19.38
P PO4 H . -3.23 -7.97 -14.80
O1 PO4 H . -3.56 -6.72 -15.58
O2 PO4 H . -3.16 -7.64 -13.33
O3 PO4 H . -4.32 -9.00 -15.03
O4 PO4 H . -1.91 -8.53 -15.26
P PO4 I . -26.42 -24.34 -6.78
O1 PO4 I . -26.70 -22.95 -7.29
O2 PO4 I . -26.36 -25.31 -7.94
O3 PO4 I . -25.10 -24.32 -6.07
O4 PO4 I . -27.50 -24.78 -5.84
PB ADP J . -33.23 -0.42 -23.81
O1B ADP J . -31.83 -0.38 -23.20
O2B ADP J . -33.96 0.90 -23.78
O3B ADP J . -33.33 -1.10 -25.16
PA ADP J . -34.80 -2.70 -23.15
O1A ADP J . -33.82 -3.84 -23.04
O2A ADP J . -35.60 -2.53 -24.41
O3A ADP J . -34.05 -1.32 -22.77
O5' ADP J . -35.83 -2.83 -21.93
C5' ADP J . -36.20 -1.74 -21.09
C4' ADP J . -37.08 -2.25 -19.96
O4' ADP J . -38.17 -3.01 -20.50
C3' ADP J . -36.32 -3.17 -19.02
O3' ADP J . -36.75 -2.95 -17.67
C2' ADP J . -36.71 -4.57 -19.44
O2' ADP J . -36.71 -5.53 -18.37
C1' ADP J . -38.10 -4.37 -20.02
N9 ADP J . -38.36 -5.34 -21.11
C8 ADP J . -37.95 -5.24 -22.39
N7 ADP J . -38.37 -6.30 -23.12
C5 ADP J . -39.07 -7.10 -22.30
C6 ADP J . -39.77 -8.40 -22.43
N6 ADP J . -39.83 -9.04 -23.62
N1 ADP J . -40.37 -8.90 -21.31
C2 ADP J . -40.32 -8.26 -20.13
N3 ADP J . -39.70 -7.08 -19.95
C4 ADP J . -39.07 -6.47 -20.97
P PO4 K . -28.31 -19.59 -0.51
O1 PO4 K . -26.93 -19.45 0.04
O2 PO4 K . -28.25 -19.68 -2.02
O3 PO4 K . -28.98 -20.82 0.02
O4 PO4 K . -29.12 -18.38 -0.11
P PO4 L . -6.85 -8.90 12.60
O1 PO4 L . -6.85 -7.64 11.76
O2 PO4 L . -7.91 -8.78 13.68
O3 PO4 L . -7.17 -10.10 11.74
O4 PO4 L . -5.50 -9.11 13.21
P PO4 M . -32.86 5.39 15.84
O1 PO4 M . -32.70 4.11 15.04
O2 PO4 M . -31.93 5.37 17.03
O3 PO4 M . -32.56 6.56 14.94
O4 PO4 M . -34.28 5.48 16.37
PB ADP N . -35.44 -22.30 1.95
O1B ADP N . -33.98 -21.94 1.77
O2B ADP N . -36.07 -23.03 0.78
O3B ADP N . -35.76 -22.93 3.28
PA ADP N . -37.05 -20.25 3.15
O1A ADP N . -36.13 -19.76 4.25
O2A ADP N . -38.18 -21.20 3.48
O3A ADP N . -36.17 -20.85 1.94
O5' ADP N . -37.70 -18.96 2.45
C5' ADP N . -37.76 -18.81 1.03
C4' ADP N . -38.55 -17.55 0.67
O4' ADP N . -39.85 -17.59 1.24
C3' ADP N . -37.88 -16.28 1.19
O3' ADP N . -38.04 -15.25 0.22
C2' ADP N . -38.66 -15.92 2.43
O2' ADP N . -38.67 -14.51 2.64
C1' ADP N . -40.04 -16.49 2.15
N9 ADP N . -40.70 -17.00 3.37
C8 ADP N . -40.42 -18.17 4.01
N7 ADP N . -41.21 -18.32 5.10
C5 ADP N . -42.01 -17.23 5.18
C6 ADP N . -43.06 -16.75 6.10
N6 ADP N . -43.44 -17.49 7.17
N1 ADP N . -43.64 -15.56 5.82
C2 ADP N . -43.28 -14.82 4.75
N3 ADP N . -42.32 -15.19 3.88
C4 ADP N . -41.66 -16.36 4.05
P PO4 O . -28.09 10.27 -21.42
O1 PO4 O . -28.40 10.08 -19.95
O2 PO4 O . -27.19 11.47 -21.61
O3 PO4 O . -27.40 9.02 -21.93
O4 PO4 O . -29.36 10.52 -22.19
P PO4 P . -32.49 8.38 8.30
O1 PO4 P . -31.08 8.89 8.14
O2 PO4 P . -32.52 7.25 9.29
O3 PO4 P . -33.35 9.52 8.79
O4 PO4 P . -33.02 7.90 6.99
P PO4 Q . -47.77 26.37 -2.01
O1 PO4 Q . -47.34 27.70 -2.59
O2 PO4 Q . -49.27 26.33 -1.87
O3 PO4 Q . -47.35 25.27 -2.96
O4 PO4 Q . -47.12 26.17 -0.66
P PO4 R . -7.70 15.55 -0.44
O1 PO4 R . -8.60 16.17 -1.47
O2 PO4 R . -8.43 15.45 0.88
O3 PO4 R . -7.27 14.17 -0.89
O4 PO4 R . -6.47 16.41 -0.25
PB ADP S . -40.07 11.28 7.35
O1B ADP S . -38.95 10.70 8.20
O2B ADP S . -41.41 10.60 7.56
O3B ADP S . -40.15 12.80 7.37
PA ADP S . -40.42 11.40 4.55
O1A ADP S . -39.47 12.24 3.72
O2A ADP S . -41.76 11.97 4.94
O3A ADP S . -39.62 10.90 5.85
O5' ADP S . -40.65 10.03 3.75
C5' ADP S . -41.22 8.86 4.34
C4' ADP S . -41.58 7.89 3.22
O4' ADP S . -42.78 8.34 2.58
C3' ADP S . -40.51 7.81 2.14
O3' ADP S . -40.34 6.45 1.72
C2' ADP S . -41.06 8.63 0.98
O2' ADP S . -40.65 8.14 -0.30
C1' ADP S . -42.56 8.57 1.18
N9 ADP S . -43.19 9.85 0.76
C8 ADP S . -43.21 10.98 1.50
N7 ADP S . -43.87 11.97 0.83
C5 ADP S . -44.28 11.46 -0.35
C6 ADP S . -45.03 11.97 -1.52
N6 ADP S . -45.47 13.25 -1.56
N1 ADP S . -45.23 11.12 -2.55
C2 ADP S . -44.79 9.85 -2.52
N3 ADP S . -44.11 9.32 -1.48
C4 ADP S . -43.83 10.06 -0.39
P PO4 T . 29.20 -9.70 15.44
O1 PO4 T . 27.87 -10.05 14.85
O2 PO4 T . 29.01 -8.79 16.63
O3 PO4 T . 29.89 -10.97 15.88
O4 PO4 T . 30.05 -8.98 14.44
P PO4 U . 7.12 -15.24 -0.57
O1 PO4 U . 6.52 -14.03 -1.25
O2 PO4 U . 6.02 -16.15 -0.09
O3 PO4 U . 8.01 -15.98 -1.55
O4 PO4 U . 7.97 -14.80 0.60
P PO4 V . 32.87 -7.99 -14.49
O1 PO4 V . 32.83 -8.12 -12.99
O2 PO4 V . 32.46 -9.29 -15.13
O3 PO4 V . 31.93 -6.88 -14.91
O4 PO4 V . 34.28 -7.66 -14.92
PB ADP W . 36.98 -12.98 16.24
O1B ADP W . 35.62 -12.82 16.90
O2B ADP W . 38.10 -12.29 17.00
O3B ADP W . 37.32 -14.40 15.87
PA ADP W . 37.81 -12.40 13.56
O1A ADP W . 37.05 -13.15 12.49
O2A ADP W . 39.14 -12.93 14.04
O3A ADP W . 36.84 -12.17 14.84
O5' ADP W . 38.04 -10.91 12.99
C5' ADP W . 38.49 -9.82 13.79
C4' ADP W . 39.29 -8.83 12.93
O4' ADP W . 40.60 -9.34 12.68
C3' ADP W . 38.63 -8.58 11.58
O3' ADP W . 38.68 -7.19 11.28
C2' ADP W . 39.49 -9.34 10.59
O2' ADP W . 39.55 -8.71 9.30
C1' ADP W . 40.86 -9.38 11.26
N9 ADP W . 41.58 -10.62 10.89
C8 ADP W . 41.43 -11.83 11.45
N7 ADP W . 42.25 -12.74 10.87
C5 ADP W . 42.95 -12.10 9.92
C6 ADP W . 43.99 -12.47 8.92
N6 ADP W . 44.45 -13.74 8.85
N1 ADP W . 44.44 -11.50 8.11
C2 ADP W . 44.00 -10.23 8.17
N3 ADP W . 43.06 -9.82 9.04
C4 ADP W . 42.50 -10.69 9.93
P PO4 X . 32.16 -0.26 -12.30
O1 PO4 X . 30.76 -0.18 -12.83
O2 PO4 X . 32.46 -1.62 -11.77
O3 PO4 X . 33.12 0.05 -13.42
O4 PO4 X . 32.30 0.77 -11.21
P PO4 Y . 6.73 9.97 -12.46
O1 PO4 Y . 5.52 10.32 -13.30
O2 PO4 Y . 6.29 9.54 -11.08
O3 PO4 Y . 7.50 8.84 -13.11
O4 PO4 Y . 7.63 11.19 -12.35
P PO4 Z . 27.06 24.67 3.84
O1 PO4 Z . 27.49 23.56 2.91
O2 PO4 Z . 26.04 25.54 3.16
O3 PO4 Z . 26.49 24.03 5.09
O4 PO4 Z . 28.25 25.53 4.20
PB ADP AA . 39.89 2.46 -14.45
O1B ADP AA . 38.76 1.47 -14.62
O2B ADP AA . 41.08 1.90 -13.69
O3B ADP AA . 40.24 3.20 -15.72
PA ADP AA . 40.13 4.83 -12.86
O1A ADP AA . 39.29 6.08 -13.00
O2A ADP AA . 41.54 4.80 -13.39
O3A ADP AA . 39.28 3.58 -13.45
O5' ADP AA . 40.15 4.49 -11.28
C5' ADP AA . 41.00 3.51 -10.69
C4' ADP AA . 41.39 3.95 -9.28
O4' ADP AA . 42.52 4.82 -9.34
C3' ADP AA . 40.28 4.71 -8.56
O3' ADP AA . 40.13 4.23 -7.22
C2' ADP AA . 40.75 6.14 -8.49
O2' ADP AA . 40.41 6.73 -7.24
C1' ADP AA . 42.26 6.05 -8.64
N9 ADP AA . 42.77 7.20 -9.43
C8 ADP AA . 42.75 7.31 -10.78
N7 ADP AA . 43.29 8.48 -11.17
C5 ADP AA . 43.68 9.16 -10.07
C6 ADP AA . 44.32 10.45 -9.78
N6 ADP AA . 44.67 11.29 -10.79
N1 ADP AA . 44.55 10.77 -8.48
C2 ADP AA . 44.21 9.93 -7.47
N3 ADP AA . 43.62 8.74 -7.66
C4 ADP AA . 43.33 8.29 -8.91
P PO4 BA . 27.55 -7.81 22.99
O1 PO4 BA . 27.59 -6.46 22.31
O2 PO4 BA . 26.19 -8.41 22.80
O3 PO4 BA . 28.59 -8.72 22.38
O4 PO4 BA . 27.84 -7.65 24.46
P PO4 CA . 27.15 19.01 9.42
O1 PO4 CA . 25.70 18.77 9.77
O2 PO4 CA . 27.26 19.55 8.03
O3 PO4 CA . 27.74 19.98 10.40
O4 PO4 CA . 27.90 17.70 9.48
P PO4 DA . 2.93 7.07 15.05
O1 PO4 DA . 3.30 8.44 14.51
O2 PO4 DA . 1.46 7.06 15.42
O3 PO4 DA . 3.19 6.03 14.00
O4 PO4 DA . 3.75 6.77 16.28
PB ADP EA . 33.73 21.51 14.39
O1B ADP EA . 32.32 22.03 14.13
O2B ADP EA . 34.74 21.93 13.35
O3B ADP EA . 34.18 21.73 15.83
PA ADP EA . 34.33 18.84 15.21
O1A ADP EA . 33.28 18.23 16.11
O2A ADP EA . 35.56 19.47 15.81
O3A ADP EA . 33.60 19.90 14.21
O5' ADP EA . 34.82 17.67 14.21
C5' ADP EA . 35.65 17.92 13.07
C4' ADP EA . 36.53 16.69 12.77
O4' ADP EA . 37.66 16.70 13.65
C3' ADP EA . 35.81 15.37 12.99
O3' ADP EA . 36.10 14.45 11.93
C2' ADP EA . 36.36 14.83 14.29
O2' ADP EA . 36.47 13.40 14.25
C1' ADP EA . 37.73 15.48 14.40
N9 ADP EA . 38.04 15.79 15.81
C8 ADP EA . 37.62 16.88 16.49
N7 ADP EA . 38.08 16.84 17.77
C5 ADP EA . 38.81 15.72 17.91
C6 ADP EA . 39.57 15.09 19.00
N6 ADP EA . 39.64 15.69 20.21
N1 ADP EA . 40.19 13.91 18.74
C2 ADP EA . 40.11 13.33 17.53
N3 ADP EA . 39.44 13.85 16.49
C4 ADP EA . 38.78 15.03 16.62
#